data_2USN
# 
_entry.id   2USN 
# 
_audit_conform.dict_name       mmcif_pdbx.dic 
_audit_conform.dict_version    5.392 
_audit_conform.dict_location   http://mmcif.pdb.org/dictionaries/ascii/mmcif_pdbx.dic 
# 
loop_
_database_2.database_id 
_database_2.database_code 
_database_2.pdbx_database_accession 
_database_2.pdbx_DOI 
PDB   2USN         pdb_00002usn 10.2210/pdb2usn/pdb 
WWPDB D_1000178725 ?            ?                   
# 
loop_
_pdbx_audit_revision_history.ordinal 
_pdbx_audit_revision_history.data_content_type 
_pdbx_audit_revision_history.major_revision 
_pdbx_audit_revision_history.minor_revision 
_pdbx_audit_revision_history.revision_date 
1 'Structure model' 1 0 1998-12-23 
2 'Structure model' 1 1 2008-03-25 
3 'Structure model' 1 2 2011-07-13 
4 'Structure model' 1 3 2018-03-07 
5 'Structure model' 1 4 2023-08-09 
6 'Structure model' 1 5 2024-05-22 
# 
_pdbx_audit_revision_details.ordinal             1 
_pdbx_audit_revision_details.revision_ordinal    1 
_pdbx_audit_revision_details.data_content_type   'Structure model' 
_pdbx_audit_revision_details.provider            repository 
_pdbx_audit_revision_details.type                'Initial release' 
_pdbx_audit_revision_details.description         ? 
_pdbx_audit_revision_details.details             ? 
# 
loop_
_pdbx_audit_revision_group.ordinal 
_pdbx_audit_revision_group.revision_ordinal 
_pdbx_audit_revision_group.data_content_type 
_pdbx_audit_revision_group.group 
1 2 'Structure model' 'Version format compliance' 
2 3 'Structure model' 'Version format compliance' 
3 4 'Structure model' 'Data collection'           
4 4 'Structure model' Other                       
5 5 'Structure model' 'Database references'       
6 5 'Structure model' 'Derived calculations'      
7 5 'Structure model' 'Refinement description'    
8 6 'Structure model' 'Data collection'           
# 
loop_
_pdbx_audit_revision_category.ordinal 
_pdbx_audit_revision_category.revision_ordinal 
_pdbx_audit_revision_category.data_content_type 
_pdbx_audit_revision_category.category 
1  4 'Structure model' diffrn_source                 
2  4 'Structure model' pdbx_database_status          
3  5 'Structure model' database_2                    
4  5 'Structure model' pdbx_initial_refinement_model 
5  5 'Structure model' pdbx_struct_conn_angle        
6  5 'Structure model' pdbx_struct_special_symmetry  
7  5 'Structure model' struct_conn                   
8  5 'Structure model' struct_site                   
9  6 'Structure model' chem_comp_atom                
10 6 'Structure model' chem_comp_bond                
# 
loop_
_pdbx_audit_revision_item.ordinal 
_pdbx_audit_revision_item.revision_ordinal 
_pdbx_audit_revision_item.data_content_type 
_pdbx_audit_revision_item.item 
1  4 'Structure model' '_diffrn_source.source'                       
2  4 'Structure model' '_pdbx_database_status.process_site'          
3  5 'Structure model' '_database_2.pdbx_DOI'                        
4  5 'Structure model' '_database_2.pdbx_database_accession'         
5  5 'Structure model' '_pdbx_struct_conn_angle.ptnr1_auth_comp_id'  
6  5 'Structure model' '_pdbx_struct_conn_angle.ptnr1_auth_seq_id'   
7  5 'Structure model' '_pdbx_struct_conn_angle.ptnr1_label_asym_id' 
8  5 'Structure model' '_pdbx_struct_conn_angle.ptnr1_label_atom_id' 
9  5 'Structure model' '_pdbx_struct_conn_angle.ptnr1_label_comp_id' 
10 5 'Structure model' '_pdbx_struct_conn_angle.ptnr1_label_seq_id'  
11 5 'Structure model' '_pdbx_struct_conn_angle.ptnr1_symmetry'      
12 5 'Structure model' '_pdbx_struct_conn_angle.ptnr2_auth_comp_id'  
13 5 'Structure model' '_pdbx_struct_conn_angle.ptnr2_auth_seq_id'   
14 5 'Structure model' '_pdbx_struct_conn_angle.ptnr2_label_asym_id' 
15 5 'Structure model' '_pdbx_struct_conn_angle.ptnr2_label_atom_id' 
16 5 'Structure model' '_pdbx_struct_conn_angle.ptnr2_label_comp_id' 
17 5 'Structure model' '_pdbx_struct_conn_angle.ptnr3_auth_comp_id'  
18 5 'Structure model' '_pdbx_struct_conn_angle.ptnr3_auth_seq_id'   
19 5 'Structure model' '_pdbx_struct_conn_angle.ptnr3_label_asym_id' 
20 5 'Structure model' '_pdbx_struct_conn_angle.ptnr3_label_atom_id' 
21 5 'Structure model' '_pdbx_struct_conn_angle.ptnr3_label_comp_id' 
22 5 'Structure model' '_pdbx_struct_conn_angle.ptnr3_label_seq_id'  
23 5 'Structure model' '_pdbx_struct_conn_angle.ptnr3_symmetry'      
24 5 'Structure model' '_pdbx_struct_conn_angle.value'               
25 5 'Structure model' '_struct_conn.pdbx_dist_value'                
26 5 'Structure model' '_struct_conn.ptnr1_auth_comp_id'             
27 5 'Structure model' '_struct_conn.ptnr1_auth_seq_id'              
28 5 'Structure model' '_struct_conn.ptnr1_label_asym_id'            
29 5 'Structure model' '_struct_conn.ptnr1_label_atom_id'            
30 5 'Structure model' '_struct_conn.ptnr1_label_comp_id'            
31 5 'Structure model' '_struct_conn.ptnr1_label_seq_id'             
32 5 'Structure model' '_struct_conn.ptnr1_symmetry'                 
33 5 'Structure model' '_struct_conn.ptnr2_auth_comp_id'             
34 5 'Structure model' '_struct_conn.ptnr2_auth_seq_id'              
35 5 'Structure model' '_struct_conn.ptnr2_label_asym_id'            
36 5 'Structure model' '_struct_conn.ptnr2_label_atom_id'            
37 5 'Structure model' '_struct_conn.ptnr2_label_comp_id'            
38 5 'Structure model' '_struct_conn.ptnr2_label_seq_id'             
39 5 'Structure model' '_struct_conn.ptnr2_symmetry'                 
40 5 'Structure model' '_struct_site.pdbx_auth_asym_id'              
41 5 'Structure model' '_struct_site.pdbx_auth_comp_id'              
42 5 'Structure model' '_struct_site.pdbx_auth_seq_id'               
# 
_pdbx_database_status.status_code                     REL 
_pdbx_database_status.entry_id                        2USN 
_pdbx_database_status.recvd_initial_deposition_date   1998-06-09 
_pdbx_database_status.deposit_site                    ? 
_pdbx_database_status.process_site                    BNL 
_pdbx_database_status.SG_entry                        . 
_pdbx_database_status.pdb_format_compatible           Y 
_pdbx_database_status.status_code_mr                  ? 
_pdbx_database_status.status_code_sf                  ? 
_pdbx_database_status.status_code_cs                  ? 
_pdbx_database_status.methods_development_category    ? 
_pdbx_database_status.status_code_nmr_data            ? 
# 
loop_
_audit_author.name 
_audit_author.pdbx_ordinal 
'Finzel, B.C.'        1 
'Bryant Junior, G.L.' 2 
'Baldwin, E.T.'       3 
# 
_citation.id                        primary 
_citation.title                     
;Structural characterizations of nonpeptidic thiadiazole inhibitors of matrix metalloproteinases reveal the basis for stromelysin selectivity.
;
_citation.journal_abbrev            'Protein Sci.' 
_citation.journal_volume            7 
_citation.page_first                2118 
_citation.page_last                 2126 
_citation.year                      1998 
_citation.journal_id_ASTM           PRCIEI 
_citation.country                   US 
_citation.journal_id_ISSN           0961-8368 
_citation.journal_id_CSD            0795 
_citation.book_publisher            ? 
_citation.pdbx_database_id_PubMed   9792098 
_citation.pdbx_database_id_DOI      ? 
# 
loop_
_citation_author.citation_id 
_citation_author.name 
_citation_author.ordinal 
_citation_author.identifier_ORCID 
primary 'Finzel, B.C.'     1  ? 
primary 'Baldwin, E.T.'    2  ? 
primary 'Bryant Jr., G.L.' 3  ? 
primary 'Hess, G.F.'       4  ? 
primary 'Wilks, J.W.'      5  ? 
primary 'Trepod, C.M.'     6  ? 
primary 'Mott, J.E.'       7  ? 
primary 'Marshall, V.P.'   8  ? 
primary 'Petzold, G.L.'    9  ? 
primary 'Poorman, R.A.'    10 ? 
primary 
;O'Sullivan, T.J.
;
11 ? 
primary 'Schostarez, H.J.' 12 ? 
primary 'Mitchell, M.A.'   13 ? 
# 
loop_
_entity.id 
_entity.type 
_entity.src_method 
_entity.pdbx_description 
_entity.formula_weight 
_entity.pdbx_number_of_molecules 
_entity.pdbx_ec 
_entity.pdbx_mutation 
_entity.pdbx_fragment 
_entity.details 
1 polymer     man STROMELYSIN-1                                                                                18595.684 1  
3.4.24.17 ? 'CATALYTIC DOMAIN RESIDUES 83 - 247' ? 
2 non-polymer syn 'ZINC ION'                                                                                   65.409    3  ? ? ? 
? 
3 non-polymer syn 'CALCIUM ION'                                                                                40.078    3  ? ? ? 
? 
4 non-polymer syn '[2-(5-MERCAPTO-[1,3,4]THIADIAZOL-2-YLCARBAMOYL)-1-PHENYL-ETHYL]-CARBAMIC ACID BENZYL ESTER' 414.501   1  ? ? ? 
? 
5 water       nat water                                                                                        18.015    84 ? ? ? 
? 
# 
_entity_name_com.entity_id   1 
_entity_name_com.name        'MATRIX METALLOPROTEINASE-3, PROTEOGLYCANASE' 
# 
_entity_poly.entity_id                      1 
_entity_poly.type                           'polypeptide(L)' 
_entity_poly.nstd_linkage                   no 
_entity_poly.nstd_monomer                   no 
_entity_poly.pdbx_seq_one_letter_code       
;FRTFPGIPKWRKTHLTYRIVNYTPDLPKDAVDSAVEKALKVWEEVTPLTFSRLYEGEADIMISFAVREHGDFYPFDGPGN
VLAHAYAPGPGINGDAHFDDDEQWTKDTTGTNLFLVAAHEIGHSLGLFHSANTEALMYPLYHSLTDLTRFRLSQDDINGI
QSLYG
;
_entity_poly.pdbx_seq_one_letter_code_can   
;FRTFPGIPKWRKTHLTYRIVNYTPDLPKDAVDSAVEKALKVWEEVTPLTFSRLYEGEADIMISFAVREHGDFYPFDGPGN
VLAHAYAPGPGINGDAHFDDDEQWTKDTTGTNLFLVAAHEIGHSLGLFHSANTEALMYPLYHSLTDLTRFRLSQDDINGI
QSLYG
;
_entity_poly.pdbx_strand_id                 A 
_entity_poly.pdbx_target_identifier         ? 
# 
loop_
_pdbx_entity_nonpoly.entity_id 
_pdbx_entity_nonpoly.name 
_pdbx_entity_nonpoly.comp_id 
2 'ZINC ION'                                                                                   ZN  
3 'CALCIUM ION'                                                                                CA  
4 '[2-(5-MERCAPTO-[1,3,4]THIADIAZOL-2-YLCARBAMOYL)-1-PHENYL-ETHYL]-CARBAMIC ACID BENZYL ESTER' IN8 
5 water                                                                                        HOH 
# 
loop_
_entity_poly_seq.entity_id 
_entity_poly_seq.num 
_entity_poly_seq.mon_id 
_entity_poly_seq.hetero 
1 1   PHE n 
1 2   ARG n 
1 3   THR n 
1 4   PHE n 
1 5   PRO n 
1 6   GLY n 
1 7   ILE n 
1 8   PRO n 
1 9   LYS n 
1 10  TRP n 
1 11  ARG n 
1 12  LYS n 
1 13  THR n 
1 14  HIS n 
1 15  LEU n 
1 16  THR n 
1 17  TYR n 
1 18  ARG n 
1 19  ILE n 
1 20  VAL n 
1 21  ASN n 
1 22  TYR n 
1 23  THR n 
1 24  PRO n 
1 25  ASP n 
1 26  LEU n 
1 27  PRO n 
1 28  LYS n 
1 29  ASP n 
1 30  ALA n 
1 31  VAL n 
1 32  ASP n 
1 33  SER n 
1 34  ALA n 
1 35  VAL n 
1 36  GLU n 
1 37  LYS n 
1 38  ALA n 
1 39  LEU n 
1 40  LYS n 
1 41  VAL n 
1 42  TRP n 
1 43  GLU n 
1 44  GLU n 
1 45  VAL n 
1 46  THR n 
1 47  PRO n 
1 48  LEU n 
1 49  THR n 
1 50  PHE n 
1 51  SER n 
1 52  ARG n 
1 53  LEU n 
1 54  TYR n 
1 55  GLU n 
1 56  GLY n 
1 57  GLU n 
1 58  ALA n 
1 59  ASP n 
1 60  ILE n 
1 61  MET n 
1 62  ILE n 
1 63  SER n 
1 64  PHE n 
1 65  ALA n 
1 66  VAL n 
1 67  ARG n 
1 68  GLU n 
1 69  HIS n 
1 70  GLY n 
1 71  ASP n 
1 72  PHE n 
1 73  TYR n 
1 74  PRO n 
1 75  PHE n 
1 76  ASP n 
1 77  GLY n 
1 78  PRO n 
1 79  GLY n 
1 80  ASN n 
1 81  VAL n 
1 82  LEU n 
1 83  ALA n 
1 84  HIS n 
1 85  ALA n 
1 86  TYR n 
1 87  ALA n 
1 88  PRO n 
1 89  GLY n 
1 90  PRO n 
1 91  GLY n 
1 92  ILE n 
1 93  ASN n 
1 94  GLY n 
1 95  ASP n 
1 96  ALA n 
1 97  HIS n 
1 98  PHE n 
1 99  ASP n 
1 100 ASP n 
1 101 ASP n 
1 102 GLU n 
1 103 GLN n 
1 104 TRP n 
1 105 THR n 
1 106 LYS n 
1 107 ASP n 
1 108 THR n 
1 109 THR n 
1 110 GLY n 
1 111 THR n 
1 112 ASN n 
1 113 LEU n 
1 114 PHE n 
1 115 LEU n 
1 116 VAL n 
1 117 ALA n 
1 118 ALA n 
1 119 HIS n 
1 120 GLU n 
1 121 ILE n 
1 122 GLY n 
1 123 HIS n 
1 124 SER n 
1 125 LEU n 
1 126 GLY n 
1 127 LEU n 
1 128 PHE n 
1 129 HIS n 
1 130 SER n 
1 131 ALA n 
1 132 ASN n 
1 133 THR n 
1 134 GLU n 
1 135 ALA n 
1 136 LEU n 
1 137 MET n 
1 138 TYR n 
1 139 PRO n 
1 140 LEU n 
1 141 TYR n 
1 142 HIS n 
1 143 SER n 
1 144 LEU n 
1 145 THR n 
1 146 ASP n 
1 147 LEU n 
1 148 THR n 
1 149 ARG n 
1 150 PHE n 
1 151 ARG n 
1 152 LEU n 
1 153 SER n 
1 154 GLN n 
1 155 ASP n 
1 156 ASP n 
1 157 ILE n 
1 158 ASN n 
1 159 GLY n 
1 160 ILE n 
1 161 GLN n 
1 162 SER n 
1 163 LEU n 
1 164 TYR n 
1 165 GLY n 
# 
_entity_src_gen.entity_id                          1 
_entity_src_gen.pdbx_src_id                        1 
_entity_src_gen.pdbx_alt_source_flag               sample 
_entity_src_gen.pdbx_seq_type                      ? 
_entity_src_gen.pdbx_beg_seq_num                   ? 
_entity_src_gen.pdbx_end_seq_num                   ? 
_entity_src_gen.gene_src_common_name               human 
_entity_src_gen.gene_src_genus                     Homo 
_entity_src_gen.pdbx_gene_src_gene                 ? 
_entity_src_gen.gene_src_species                   ? 
_entity_src_gen.gene_src_strain                    ? 
_entity_src_gen.gene_src_tissue                    ? 
_entity_src_gen.gene_src_tissue_fraction           ? 
_entity_src_gen.gene_src_details                   ? 
_entity_src_gen.pdbx_gene_src_fragment             ? 
_entity_src_gen.pdbx_gene_src_scientific_name      'Homo sapiens' 
_entity_src_gen.pdbx_gene_src_ncbi_taxonomy_id     9606 
_entity_src_gen.pdbx_gene_src_variant              ? 
_entity_src_gen.pdbx_gene_src_cell_line            ? 
_entity_src_gen.pdbx_gene_src_atcc                 ? 
_entity_src_gen.pdbx_gene_src_organ                ? 
_entity_src_gen.pdbx_gene_src_organelle            ? 
_entity_src_gen.pdbx_gene_src_cell                 FIBROBLAST 
_entity_src_gen.pdbx_gene_src_cellular_location    ? 
_entity_src_gen.host_org_common_name               ? 
_entity_src_gen.pdbx_host_org_scientific_name      'Escherichia coli BL21' 
_entity_src_gen.pdbx_host_org_ncbi_taxonomy_id     511693 
_entity_src_gen.host_org_genus                     Escherichia 
_entity_src_gen.pdbx_host_org_gene                 ? 
_entity_src_gen.pdbx_host_org_organ                ? 
_entity_src_gen.host_org_species                   'Escherichia coli' 
_entity_src_gen.pdbx_host_org_tissue               ? 
_entity_src_gen.pdbx_host_org_tissue_fraction      ? 
_entity_src_gen.pdbx_host_org_strain               BL21 
_entity_src_gen.pdbx_host_org_variant              ? 
_entity_src_gen.pdbx_host_org_cell_line            ? 
_entity_src_gen.pdbx_host_org_atcc                 ? 
_entity_src_gen.pdbx_host_org_culture_collection   ? 
_entity_src_gen.pdbx_host_org_cell                 ? 
_entity_src_gen.pdbx_host_org_organelle            ? 
_entity_src_gen.pdbx_host_org_cellular_location    ? 
_entity_src_gen.pdbx_host_org_vector_type          ? 
_entity_src_gen.pdbx_host_org_vector               ? 
_entity_src_gen.host_org_details                   ? 
_entity_src_gen.expression_system_id               ? 
_entity_src_gen.plasmid_name                       ? 
_entity_src_gen.plasmid_details                    ? 
_entity_src_gen.pdbx_description                   ? 
# 
loop_
_chem_comp.id 
_chem_comp.type 
_chem_comp.mon_nstd_flag 
_chem_comp.name 
_chem_comp.pdbx_synonyms 
_chem_comp.formula 
_chem_comp.formula_weight 
ALA 'L-peptide linking' y ALANINE                                                                                      ?          
'C3 H7 N O2'       89.093  
ARG 'L-peptide linking' y ARGININE                                                                                     ?          
'C6 H15 N4 O2 1'   175.209 
ASN 'L-peptide linking' y ASPARAGINE                                                                                   ?          
'C4 H8 N2 O3'      132.118 
ASP 'L-peptide linking' y 'ASPARTIC ACID'                                                                              ?          
'C4 H7 N O4'       133.103 
CA  non-polymer         . 'CALCIUM ION'                                                                                ?          
'Ca 2'             40.078  
GLN 'L-peptide linking' y GLUTAMINE                                                                                    ?          
'C5 H10 N2 O3'     146.144 
GLU 'L-peptide linking' y 'GLUTAMIC ACID'                                                                              ?          
'C5 H9 N O4'       147.129 
GLY 'peptide linking'   y GLYCINE                                                                                      ?          
'C2 H5 N O2'       75.067  
HIS 'L-peptide linking' y HISTIDINE                                                                                    ?          
'C6 H10 N3 O2 1'   156.162 
HOH non-polymer         . WATER                                                                                        ?          
'H2 O'             18.015  
ILE 'L-peptide linking' y ISOLEUCINE                                                                                   ?          
'C6 H13 N O2'      131.173 
IN8 non-polymer         . '[2-(5-MERCAPTO-[1,3,4]THIADIAZOL-2-YLCARBAMOYL)-1-PHENYL-ETHYL]-CARBAMIC ACID BENZYL ESTER' PNU-141803 
'C19 H18 N4 O3 S2' 414.501 
LEU 'L-peptide linking' y LEUCINE                                                                                      ?          
'C6 H13 N O2'      131.173 
LYS 'L-peptide linking' y LYSINE                                                                                       ?          
'C6 H15 N2 O2 1'   147.195 
MET 'L-peptide linking' y METHIONINE                                                                                   ?          
'C5 H11 N O2 S'    149.211 
PHE 'L-peptide linking' y PHENYLALANINE                                                                                ?          
'C9 H11 N O2'      165.189 
PRO 'L-peptide linking' y PROLINE                                                                                      ?          
'C5 H9 N O2'       115.130 
SER 'L-peptide linking' y SERINE                                                                                       ?          
'C3 H7 N O3'       105.093 
THR 'L-peptide linking' y THREONINE                                                                                    ?          
'C4 H9 N O3'       119.119 
TRP 'L-peptide linking' y TRYPTOPHAN                                                                                   ?          
'C11 H12 N2 O2'    204.225 
TYR 'L-peptide linking' y TYROSINE                                                                                     ?          
'C9 H11 N O3'      181.189 
VAL 'L-peptide linking' y VALINE                                                                                       ?          
'C5 H11 N O2'      117.146 
ZN  non-polymer         . 'ZINC ION'                                                                                   ?          
'Zn 2'             65.409  
# 
loop_
_pdbx_poly_seq_scheme.asym_id 
_pdbx_poly_seq_scheme.entity_id 
_pdbx_poly_seq_scheme.seq_id 
_pdbx_poly_seq_scheme.mon_id 
_pdbx_poly_seq_scheme.ndb_seq_num 
_pdbx_poly_seq_scheme.pdb_seq_num 
_pdbx_poly_seq_scheme.auth_seq_num 
_pdbx_poly_seq_scheme.pdb_mon_id 
_pdbx_poly_seq_scheme.auth_mon_id 
_pdbx_poly_seq_scheme.pdb_strand_id 
_pdbx_poly_seq_scheme.pdb_ins_code 
_pdbx_poly_seq_scheme.hetero 
A 1 1   PHE 1   83  83  PHE PHE A . n 
A 1 2   ARG 2   84  84  ARG ARG A . n 
A 1 3   THR 3   85  85  THR THR A . n 
A 1 4   PHE 4   86  86  PHE PHE A . n 
A 1 5   PRO 5   87  87  PRO PRO A . n 
A 1 6   GLY 6   88  88  GLY GLY A . n 
A 1 7   ILE 7   89  89  ILE ILE A . n 
A 1 8   PRO 8   90  90  PRO PRO A . n 
A 1 9   LYS 9   91  91  LYS LYS A . n 
A 1 10  TRP 10  92  92  TRP TRP A . n 
A 1 11  ARG 11  93  93  ARG ARG A . n 
A 1 12  LYS 12  94  94  LYS LYS A . n 
A 1 13  THR 13  95  95  THR THR A . n 
A 1 14  HIS 14  96  96  HIS HIS A . n 
A 1 15  LEU 15  97  97  LEU LEU A . n 
A 1 16  THR 16  98  98  THR THR A . n 
A 1 17  TYR 17  99  99  TYR TYR A . n 
A 1 18  ARG 18  100 100 ARG ARG A . n 
A 1 19  ILE 19  101 101 ILE ILE A . n 
A 1 20  VAL 20  102 102 VAL VAL A . n 
A 1 21  ASN 21  103 103 ASN ASN A . n 
A 1 22  TYR 22  104 104 TYR TYR A . n 
A 1 23  THR 23  105 105 THR THR A . n 
A 1 24  PRO 24  106 106 PRO PRO A . n 
A 1 25  ASP 25  107 107 ASP ASP A . n 
A 1 26  LEU 26  108 108 LEU LEU A . n 
A 1 27  PRO 27  109 109 PRO PRO A . n 
A 1 28  LYS 28  110 110 LYS LYS A . n 
A 1 29  ASP 29  111 111 ASP ASP A . n 
A 1 30  ALA 30  112 112 ALA ALA A . n 
A 1 31  VAL 31  113 113 VAL VAL A . n 
A 1 32  ASP 32  114 114 ASP ASP A . n 
A 1 33  SER 33  115 115 SER SER A . n 
A 1 34  ALA 34  116 116 ALA ALA A . n 
A 1 35  VAL 35  117 117 VAL VAL A . n 
A 1 36  GLU 36  118 118 GLU GLU A . n 
A 1 37  LYS 37  119 119 LYS LYS A . n 
A 1 38  ALA 38  120 120 ALA ALA A . n 
A 1 39  LEU 39  121 121 LEU LEU A . n 
A 1 40  LYS 40  122 122 LYS LYS A . n 
A 1 41  VAL 41  123 123 VAL VAL A . n 
A 1 42  TRP 42  124 124 TRP TRP A . n 
A 1 43  GLU 43  125 125 GLU GLU A . n 
A 1 44  GLU 44  126 126 GLU GLU A . n 
A 1 45  VAL 45  127 127 VAL VAL A . n 
A 1 46  THR 46  128 128 THR THR A . n 
A 1 47  PRO 47  129 129 PRO PRO A . n 
A 1 48  LEU 48  130 130 LEU LEU A . n 
A 1 49  THR 49  131 131 THR THR A . n 
A 1 50  PHE 50  132 132 PHE PHE A . n 
A 1 51  SER 51  133 133 SER SER A . n 
A 1 52  ARG 52  134 134 ARG ARG A . n 
A 1 53  LEU 53  135 135 LEU LEU A . n 
A 1 54  TYR 54  136 136 TYR TYR A . n 
A 1 55  GLU 55  137 137 GLU GLU A . n 
A 1 56  GLY 56  138 138 GLY GLY A . n 
A 1 57  GLU 57  139 139 GLU GLU A . n 
A 1 58  ALA 58  140 140 ALA ALA A . n 
A 1 59  ASP 59  141 141 ASP ASP A . n 
A 1 60  ILE 60  142 142 ILE ILE A . n 
A 1 61  MET 61  143 143 MET MET A . n 
A 1 62  ILE 62  144 144 ILE ILE A . n 
A 1 63  SER 63  145 145 SER SER A . n 
A 1 64  PHE 64  146 146 PHE PHE A . n 
A 1 65  ALA 65  147 147 ALA ALA A . n 
A 1 66  VAL 66  148 148 VAL VAL A . n 
A 1 67  ARG 67  149 149 ARG ARG A . n 
A 1 68  GLU 68  150 150 GLU GLU A . n 
A 1 69  HIS 69  151 151 HIS HIS A . n 
A 1 70  GLY 70  152 152 GLY GLY A . n 
A 1 71  ASP 71  153 153 ASP ASP A . n 
A 1 72  PHE 72  154 154 PHE PHE A . n 
A 1 73  TYR 73  155 155 TYR TYR A . n 
A 1 74  PRO 74  156 156 PRO PRO A . n 
A 1 75  PHE 75  157 157 PHE PHE A . n 
A 1 76  ASP 76  158 158 ASP ASP A . n 
A 1 77  GLY 77  159 159 GLY GLY A . n 
A 1 78  PRO 78  160 160 PRO PRO A . n 
A 1 79  GLY 79  161 161 GLY GLY A . n 
A 1 80  ASN 80  162 162 ASN ASN A . n 
A 1 81  VAL 81  163 163 VAL VAL A . n 
A 1 82  LEU 82  164 164 LEU LEU A . n 
A 1 83  ALA 83  165 165 ALA ALA A . n 
A 1 84  HIS 84  166 166 HIS HIS A . n 
A 1 85  ALA 85  167 167 ALA ALA A . n 
A 1 86  TYR 86  168 168 TYR TYR A . n 
A 1 87  ALA 87  169 169 ALA ALA A . n 
A 1 88  PRO 88  170 170 PRO PRO A . n 
A 1 89  GLY 89  171 171 GLY GLY A . n 
A 1 90  PRO 90  172 172 PRO PRO A . n 
A 1 91  GLY 91  173 173 GLY GLY A . n 
A 1 92  ILE 92  174 174 ILE ILE A . n 
A 1 93  ASN 93  175 175 ASN ASN A . n 
A 1 94  GLY 94  176 176 GLY GLY A . n 
A 1 95  ASP 95  177 177 ASP ASP A . n 
A 1 96  ALA 96  178 178 ALA ALA A . n 
A 1 97  HIS 97  179 179 HIS HIS A . n 
A 1 98  PHE 98  180 180 PHE PHE A . n 
A 1 99  ASP 99  181 181 ASP ASP A . n 
A 1 100 ASP 100 182 182 ASP ASP A . n 
A 1 101 ASP 101 183 183 ASP ASP A . n 
A 1 102 GLU 102 184 184 GLU GLU A . n 
A 1 103 GLN 103 185 185 GLN GLN A . n 
A 1 104 TRP 104 186 186 TRP TRP A . n 
A 1 105 THR 105 187 187 THR THR A . n 
A 1 106 LYS 106 188 188 LYS LYS A . n 
A 1 107 ASP 107 189 189 ASP ASP A . n 
A 1 108 THR 108 190 190 THR THR A . n 
A 1 109 THR 109 191 191 THR THR A . n 
A 1 110 GLY 110 192 192 GLY GLY A . n 
A 1 111 THR 111 193 193 THR THR A . n 
A 1 112 ASN 112 194 194 ASN ASN A . n 
A 1 113 LEU 113 195 195 LEU LEU A . n 
A 1 114 PHE 114 196 196 PHE PHE A . n 
A 1 115 LEU 115 197 197 LEU LEU A . n 
A 1 116 VAL 116 198 198 VAL VAL A . n 
A 1 117 ALA 117 199 199 ALA ALA A . n 
A 1 118 ALA 118 200 200 ALA ALA A . n 
A 1 119 HIS 119 201 201 HIS HIS A . n 
A 1 120 GLU 120 202 202 GLU GLU A . n 
A 1 121 ILE 121 203 203 ILE ILE A . n 
A 1 122 GLY 122 204 204 GLY GLY A . n 
A 1 123 HIS 123 205 205 HIS HIS A . n 
A 1 124 SER 124 206 206 SER SER A . n 
A 1 125 LEU 125 207 207 LEU LEU A . n 
A 1 126 GLY 126 208 208 GLY GLY A . n 
A 1 127 LEU 127 209 209 LEU LEU A . n 
A 1 128 PHE 128 210 210 PHE PHE A . n 
A 1 129 HIS 129 211 211 HIS HIS A . n 
A 1 130 SER 130 212 212 SER SER A . n 
A 1 131 ALA 131 213 213 ALA ALA A . n 
A 1 132 ASN 132 214 214 ASN ASN A . n 
A 1 133 THR 133 215 215 THR THR A . n 
A 1 134 GLU 134 216 216 GLU GLU A . n 
A 1 135 ALA 135 217 217 ALA ALA A . n 
A 1 136 LEU 136 218 218 LEU LEU A . n 
A 1 137 MET 137 219 219 MET MET A . n 
A 1 138 TYR 138 220 220 TYR TYR A . n 
A 1 139 PRO 139 221 221 PRO PRO A . n 
A 1 140 LEU 140 222 222 LEU LEU A . n 
A 1 141 TYR 141 223 223 TYR TYR A . n 
A 1 142 HIS 142 224 224 HIS HIS A . n 
A 1 143 SER 143 225 225 SER SER A . n 
A 1 144 LEU 144 226 226 LEU LEU A . n 
A 1 145 THR 145 227 227 THR THR A . n 
A 1 146 ASP 146 228 228 ASP ASP A . n 
A 1 147 LEU 147 229 229 LEU LEU A . n 
A 1 148 THR 148 230 230 THR THR A . n 
A 1 149 ARG 149 231 231 ARG ARG A . n 
A 1 150 PHE 150 232 232 PHE PHE A . n 
A 1 151 ARG 151 233 233 ARG ARG A . n 
A 1 152 LEU 152 234 234 LEU LEU A . n 
A 1 153 SER 153 235 235 SER SER A . n 
A 1 154 GLN 154 236 236 GLN GLN A . n 
A 1 155 ASP 155 237 237 ASP ASP A . n 
A 1 156 ASP 156 238 238 ASP ASP A . n 
A 1 157 ILE 157 239 239 ILE ILE A . n 
A 1 158 ASN 158 240 240 ASN ASN A . n 
A 1 159 GLY 159 241 241 GLY GLY A . n 
A 1 160 ILE 160 242 242 ILE ILE A . n 
A 1 161 GLN 161 243 243 GLN GLN A . n 
A 1 162 SER 162 244 244 SER SER A . n 
A 1 163 LEU 163 245 245 LEU LEU A . n 
A 1 164 TYR 164 246 246 TYR TYR A . n 
A 1 165 GLY 165 247 247 GLY GLY A . n 
# 
loop_
_pdbx_nonpoly_scheme.asym_id 
_pdbx_nonpoly_scheme.entity_id 
_pdbx_nonpoly_scheme.mon_id 
_pdbx_nonpoly_scheme.ndb_seq_num 
_pdbx_nonpoly_scheme.pdb_seq_num 
_pdbx_nonpoly_scheme.auth_seq_num 
_pdbx_nonpoly_scheme.pdb_mon_id 
_pdbx_nonpoly_scheme.auth_mon_id 
_pdbx_nonpoly_scheme.pdb_strand_id 
_pdbx_nonpoly_scheme.pdb_ins_code 
B 2 ZN  1  257 257 ZN  ZN  A . 
C 2 ZN  1  258 258 ZN  ZN  A . 
D 3 CA  1  259 259 CA  CA  A . 
E 3 CA  1  260 260 CA  CA  A . 
F 3 CA  1  261 261 CA  CA  A . 
G 2 ZN  1  262 262 ZN  ZN  A . 
H 4 IN8 1  300 300 IN8 IN8 A . 
I 5 HOH 1  263 263 HOH HOH A . 
I 5 HOH 2  264 264 HOH HOH A . 
I 5 HOH 3  301 301 HOH HOH A . 
I 5 HOH 4  302 302 HOH HOH A . 
I 5 HOH 5  303 303 HOH HOH A . 
I 5 HOH 6  304 304 HOH HOH A . 
I 5 HOH 7  305 305 HOH HOH A . 
I 5 HOH 8  306 306 HOH HOH A . 
I 5 HOH 9  307 307 HOH HOH A . 
I 5 HOH 10 308 308 HOH HOH A . 
I 5 HOH 11 309 309 HOH HOH A . 
I 5 HOH 12 310 310 HOH HOH A . 
I 5 HOH 13 311 311 HOH HOH A . 
I 5 HOH 14 312 312 HOH HOH A . 
I 5 HOH 15 313 313 HOH HOH A . 
I 5 HOH 16 314 314 HOH HOH A . 
I 5 HOH 17 316 316 HOH HOH A . 
I 5 HOH 18 317 317 HOH HOH A . 
I 5 HOH 19 318 318 HOH HOH A . 
I 5 HOH 20 319 319 HOH HOH A . 
I 5 HOH 21 320 320 HOH HOH A . 
I 5 HOH 22 321 321 HOH HOH A . 
I 5 HOH 23 322 322 HOH HOH A . 
I 5 HOH 24 323 323 HOH HOH A . 
I 5 HOH 25 324 324 HOH HOH A . 
I 5 HOH 26 325 325 HOH HOH A . 
I 5 HOH 27 326 326 HOH HOH A . 
I 5 HOH 28 327 327 HOH HOH A . 
I 5 HOH 29 328 328 HOH HOH A . 
I 5 HOH 30 329 329 HOH HOH A . 
I 5 HOH 31 330 330 HOH HOH A . 
I 5 HOH 32 331 331 HOH HOH A . 
I 5 HOH 33 332 332 HOH HOH A . 
I 5 HOH 34 334 334 HOH HOH A . 
I 5 HOH 35 335 335 HOH HOH A . 
I 5 HOH 36 336 336 HOH HOH A . 
I 5 HOH 37 337 337 HOH HOH A . 
I 5 HOH 38 338 338 HOH HOH A . 
I 5 HOH 39 339 339 HOH HOH A . 
I 5 HOH 40 340 340 HOH HOH A . 
I 5 HOH 41 342 342 HOH HOH A . 
I 5 HOH 42 343 343 HOH HOH A . 
I 5 HOH 43 344 344 HOH HOH A . 
I 5 HOH 44 345 345 HOH HOH A . 
I 5 HOH 45 346 346 HOH HOH A . 
I 5 HOH 46 347 347 HOH HOH A . 
I 5 HOH 47 348 348 HOH HOH A . 
I 5 HOH 48 349 349 HOH HOH A . 
I 5 HOH 49 352 352 HOH HOH A . 
I 5 HOH 50 353 353 HOH HOH A . 
I 5 HOH 51 354 354 HOH HOH A . 
I 5 HOH 52 356 356 HOH HOH A . 
I 5 HOH 53 357 357 HOH HOH A . 
I 5 HOH 54 358 358 HOH HOH A . 
I 5 HOH 55 359 359 HOH HOH A . 
I 5 HOH 56 360 360 HOH HOH A . 
I 5 HOH 57 362 362 HOH HOH A . 
I 5 HOH 58 363 363 HOH HOH A . 
I 5 HOH 59 364 364 HOH HOH A . 
I 5 HOH 60 366 366 HOH HOH A . 
I 5 HOH 61 368 368 HOH HOH A . 
I 5 HOH 62 370 370 HOH HOH A . 
I 5 HOH 63 372 372 HOH HOH A . 
I 5 HOH 64 375 375 HOH HOH A . 
I 5 HOH 65 378 378 HOH HOH A . 
I 5 HOH 66 379 379 HOH HOH A . 
I 5 HOH 67 380 380 HOH HOH A . 
I 5 HOH 68 381 381 HOH HOH A . 
I 5 HOH 69 384 384 HOH HOH A . 
I 5 HOH 70 387 387 HOH HOH A . 
I 5 HOH 71 390 390 HOH HOH A . 
I 5 HOH 72 391 391 HOH HOH A . 
I 5 HOH 73 392 392 HOH HOH A . 
I 5 HOH 74 393 393 HOH HOH A . 
I 5 HOH 75 396 396 HOH HOH A . 
I 5 HOH 76 397 397 HOH HOH A . 
I 5 HOH 77 398 398 HOH HOH A . 
I 5 HOH 78 399 399 HOH HOH A . 
I 5 HOH 79 402 402 HOH HOH A . 
I 5 HOH 80 501 501 HOH HOH A . 
I 5 HOH 81 502 502 HOH HOH A . 
I 5 HOH 82 503 503 HOH HOH A . 
I 5 HOH 83 504 504 HOH HOH A . 
I 5 HOH 84 505 505 HOH HOH A . 
# 
loop_
_pdbx_unobs_or_zero_occ_atoms.id 
_pdbx_unobs_or_zero_occ_atoms.PDB_model_num 
_pdbx_unobs_or_zero_occ_atoms.polymer_flag 
_pdbx_unobs_or_zero_occ_atoms.occupancy_flag 
_pdbx_unobs_or_zero_occ_atoms.auth_asym_id 
_pdbx_unobs_or_zero_occ_atoms.auth_comp_id 
_pdbx_unobs_or_zero_occ_atoms.auth_seq_id 
_pdbx_unobs_or_zero_occ_atoms.PDB_ins_code 
_pdbx_unobs_or_zero_occ_atoms.auth_atom_id 
_pdbx_unobs_or_zero_occ_atoms.label_alt_id 
_pdbx_unobs_or_zero_occ_atoms.label_asym_id 
_pdbx_unobs_or_zero_occ_atoms.label_comp_id 
_pdbx_unobs_or_zero_occ_atoms.label_seq_id 
_pdbx_unobs_or_zero_occ_atoms.label_atom_id 
1 1 Y 1 A ARG 231 ? CG  ? A ARG 149 CG  
2 1 Y 1 A ARG 231 ? CD  ? A ARG 149 CD  
3 1 Y 1 A ARG 231 ? NE  ? A ARG 149 NE  
4 1 Y 1 A ARG 231 ? CZ  ? A ARG 149 CZ  
5 1 Y 1 A ARG 231 ? NH1 ? A ARG 149 NH1 
6 1 Y 1 A ARG 231 ? NH2 ? A ARG 149 NH2 
# 
loop_
_software.name 
_software.classification 
_software.version 
_software.citation_id 
_software.pdbx_ordinal 
X-PLOR 'model building' . ? 1 
PROFFT refinement       . ? 2 
X-PLOR refinement       . ? 3 
XENGEN 'data reduction' . ? 4 
XENGEN 'data scaling'   . ? 5 
X-PLOR phasing          . ? 6 
# 
_cell.entry_id           2USN 
_cell.length_a           70.890 
_cell.length_b           70.890 
_cell.length_c           189.110 
_cell.angle_alpha        90.00 
_cell.angle_beta         90.00 
_cell.angle_gamma        120.00 
_cell.Z_PDB              18 
_cell.pdbx_unique_axis   ? 
# 
_symmetry.entry_id                         2USN 
_symmetry.space_group_name_H-M             'H 3 2' 
_symmetry.pdbx_full_space_group_name_H-M   ? 
_symmetry.cell_setting                     ? 
_symmetry.Int_Tables_number                155 
# 
_exptl.entry_id          2USN 
_exptl.method            'X-RAY DIFFRACTION' 
_exptl.crystals_number   1 
# 
_exptl_crystal.id                    1 
_exptl_crystal.density_meas          ? 
_exptl_crystal.density_Matthews      2.46 
_exptl_crystal.density_percent_sol   49.95 
_exptl_crystal.description           ? 
# 
_exptl_crystal_grow.crystal_id      1 
_exptl_crystal_grow.method          'VAPOR DIFFUSION, HANGING DROP' 
_exptl_crystal_grow.temp            ? 
_exptl_crystal_grow.temp_details    ? 
_exptl_crystal_grow.pH              7.0 
_exptl_crystal_grow.pdbx_pH_range   ? 
_exptl_crystal_grow.pdbx_details    'HANGING DROP VAPOR DIFFUSION., pH 7.0, vapor diffusion - hanging drop' 
# 
_diffrn.id                     1 
_diffrn.ambient_temp           293 
_diffrn.ambient_temp_details   ? 
_diffrn.crystal_id             1 
# 
_diffrn_detector.diffrn_id              1 
_diffrn_detector.detector               'AREA DETECTOR' 
_diffrn_detector.type                   SIEMENS 
_diffrn_detector.pdbx_collection_date   1996-04-29 
_diffrn_detector.details                ? 
# 
_diffrn_radiation.diffrn_id                        1 
_diffrn_radiation.wavelength_id                    1 
_diffrn_radiation.pdbx_monochromatic_or_laue_m_l   M 
_diffrn_radiation.monochromator                    'GRAPHITE(002)' 
_diffrn_radiation.pdbx_diffrn_protocol             ? 
_diffrn_radiation.pdbx_scattering_type             x-ray 
# 
_diffrn_radiation_wavelength.id           1 
_diffrn_radiation_wavelength.wavelength   1.5418 
_diffrn_radiation_wavelength.wt           1.0 
# 
_diffrn_source.diffrn_id                   1 
_diffrn_source.source                      'ROTATING ANODE' 
_diffrn_source.type                        SIEMENS 
_diffrn_source.pdbx_synchrotron_site       ? 
_diffrn_source.pdbx_synchrotron_beamline   ? 
_diffrn_source.pdbx_wavelength             1.5418 
_diffrn_source.pdbx_wavelength_list        ? 
# 
_reflns.entry_id                     2USN 
_reflns.observed_criterion_sigma_I   1.0 
_reflns.observed_criterion_sigma_F   ? 
_reflns.d_resolution_low             20.0 
_reflns.d_resolution_high            2.2 
_reflns.number_obs                   8566 
_reflns.number_all                   ? 
_reflns.percent_possible_obs         88 
_reflns.pdbx_Rmerge_I_obs            ? 
_reflns.pdbx_Rsym_value              0.0860000 
_reflns.pdbx_netI_over_sigmaI        8.0 
_reflns.B_iso_Wilson_estimate        ? 
_reflns.pdbx_redundancy              4.52 
_reflns.pdbx_diffrn_id               1 
_reflns.pdbx_ordinal                 1 
# 
_reflns_shell.d_res_high             2.20 
_reflns_shell.d_res_low              2.33 
_reflns_shell.percent_possible_all   77 
_reflns_shell.Rmerge_I_obs           ? 
_reflns_shell.pdbx_Rsym_value        0.1920000 
_reflns_shell.meanI_over_sigI_obs    4.3 
_reflns_shell.pdbx_redundancy        ? 
_reflns_shell.pdbx_diffrn_id         ? 
_reflns_shell.pdbx_ordinal           1 
# 
_refine.entry_id                                 2USN 
_refine.ls_number_reflns_obs                     8429 
_refine.ls_number_reflns_all                     ? 
_refine.pdbx_ls_sigma_I                          ? 
_refine.pdbx_ls_sigma_F                          2.0 
_refine.pdbx_data_cutoff_high_absF               ? 
_refine.pdbx_data_cutoff_low_absF                ? 
_refine.pdbx_data_cutoff_high_rms_absF           ? 
_refine.ls_d_res_low                             10.0 
_refine.ls_d_res_high                            2.2 
_refine.ls_percent_reflns_obs                    82 
_refine.ls_R_factor_obs                          0.1720000 
_refine.ls_R_factor_all                          ? 
_refine.ls_R_factor_R_work                       0.1720000 
_refine.ls_R_factor_R_free                       ? 
_refine.ls_R_factor_R_free_error                 ? 
_refine.ls_R_factor_R_free_error_details         ? 
_refine.ls_percent_reflns_R_free                 ? 
_refine.ls_number_reflns_R_free                  ? 
_refine.ls_number_parameters                     ? 
_refine.ls_number_restraints                     ? 
_refine.occupancy_min                            ? 
_refine.occupancy_max                            ? 
_refine.B_iso_mean                               19.11 
_refine.aniso_B[1][1]                            ? 
_refine.aniso_B[2][2]                            ? 
_refine.aniso_B[3][3]                            ? 
_refine.aniso_B[1][2]                            ? 
_refine.aniso_B[1][3]                            ? 
_refine.aniso_B[2][3]                            ? 
_refine.solvent_model_details                    ? 
_refine.solvent_model_param_ksol                 ? 
_refine.solvent_model_param_bsol                 ? 
_refine.pdbx_ls_cross_valid_method               ? 
_refine.details                                  
;SEILECKI ET AL (JMB V134, 1979) PARAMETERS USED IN REFINEMENT.

THROUGHOUT THE MODEL, RESIDUES ARE NUMBERED RELATIVE TO THE
 SEQUENCE OF THE PROENZYME. THE FIRST RESIDUE OF THE MATURE
 ACTIVE CATALYTIC DOMAIN IS PHE 83.  RESIDUES 190-191 ARE
 PARTIALY DISORDERED.  THE CONFORMATION OF THESE ATOMS IS
 UNCERTAIN.  SIDECHAINS OF RESIDUES ASP 111 AND GLU 216 ARE
 MODELED IN TWO DISCRETE CONFORMATIONS.  THE MODEL INCLUDES
 A CATALYTIC ZN+2 (257), A STRUCTURAL ZN+2 (258), AND THREE
 BOUND CA+2 IONS (259-261).  A THIRD ZN+2 HAS BEEN
 IDENTIFIED IN THIS CRYSTAL FORM AND RESTS ON THE
 CRYSTALLOGRAPHIC THREE-FOLD AXIS, COORDINATED BY THREE
 CRYSTALLOGRAPHICALLY RELATED OCCURANCES OF HIS 96 NE2 AND
 AN UNKNOWN FOURTH LIGAND.  THE FOURTH LIGAND IS MODELED
 WITH TWO ATOMS.  ONE (HOH 263 O) COORDINATED TO THE ZN 262
 ALSO SITS ON THE THREE-FOLD AXIS.  ONE ATOM (HOH 264 O)
 BONDED (2.05 ANGSTROMS) TO IT.  THIS SECOND ATOM IS
 REPLICATED THREE TIMES BY SYMMETRY.  THE FOURTH LIGAND
 THEREFORE RESEMBLES A CARBONATE OR NITRITE ION.
;
_refine.pdbx_starting_model                      'PROTEIN COMPONENT OF STROMELYSIN-1 MODEL WITH OTHER INHIBITOR (1USN)' 
_refine.pdbx_method_to_determine_struct          'MOLECULAR REPLACEMENT' 
_refine.pdbx_isotropic_thermal_model             ? 
_refine.pdbx_stereochemistry_target_values       ? 
_refine.pdbx_stereochem_target_val_spec_case     ? 
_refine.pdbx_R_Free_selection_details            ? 
_refine.pdbx_overall_ESU_R                       ? 
_refine.pdbx_overall_ESU_R_Free                  ? 
_refine.overall_SU_ML                            ? 
_refine.overall_SU_B                             ? 
_refine.pdbx_refine_id                           'X-RAY DIFFRACTION' 
_refine.pdbx_diffrn_id                           1 
_refine.pdbx_TLS_residual_ADP_flag               ? 
_refine.correlation_coeff_Fo_to_Fc               ? 
_refine.correlation_coeff_Fo_to_Fc_free          ? 
_refine.pdbx_solvent_vdw_probe_radii             ? 
_refine.pdbx_solvent_ion_probe_radii             ? 
_refine.pdbx_solvent_shrinkage_radii             ? 
_refine.pdbx_overall_phase_error                 ? 
_refine.overall_SU_R_Cruickshank_DPI             ? 
_refine.pdbx_overall_SU_R_free_Cruickshank_DPI   ? 
_refine.pdbx_overall_SU_R_Blow_DPI               ? 
_refine.pdbx_overall_SU_R_free_Blow_DPI          ? 
# 
_refine_hist.pdbx_refine_id                   'X-RAY DIFFRACTION' 
_refine_hist.cycle_id                         LAST 
_refine_hist.pdbx_number_atoms_protein        1312 
_refine_hist.pdbx_number_atoms_nucleic_acid   0 
_refine_hist.pdbx_number_atoms_ligand         34 
_refine_hist.number_atoms_solvent             84 
_refine_hist.number_atoms_total               1430 
_refine_hist.d_res_high                       2.2 
_refine_hist.d_res_low                        10.0 
# 
loop_
_refine_ls_restr.type 
_refine_ls_restr.dev_ideal 
_refine_ls_restr.dev_ideal_target 
_refine_ls_restr.weight 
_refine_ls_restr.number 
_refine_ls_restr.pdbx_refine_id 
_refine_ls_restr.pdbx_restraint_function 
p_bond_d            0.015 0.020 ? ? 'X-RAY DIFFRACTION' ? 
p_angle_d           0.032 0.030 ? ? 'X-RAY DIFFRACTION' ? 
p_angle_deg         ?     ?     ? ? 'X-RAY DIFFRACTION' ? 
p_planar_d          0.035 0.040 ? ? 'X-RAY DIFFRACTION' ? 
p_hb_or_metal_coord ?     ?     ? ? 'X-RAY DIFFRACTION' ? 
p_mcbond_it         0.748 1.000 ? ? 'X-RAY DIFFRACTION' ? 
p_mcangle_it        1.255 2.000 ? ? 'X-RAY DIFFRACTION' ? 
p_scbond_it         1.330 1.500 ? ? 'X-RAY DIFFRACTION' ? 
p_scangle_it        1.998 3.000 ? ? 'X-RAY DIFFRACTION' ? 
p_plane_restr       0.022 0.030 ? ? 'X-RAY DIFFRACTION' ? 
p_chiral_restr      0.254 0.250 ? ? 'X-RAY DIFFRACTION' ? 
p_singtor_nbd       0.180 0.400 ? ? 'X-RAY DIFFRACTION' ? 
p_multtor_nbd       0.207 0.400 ? ? 'X-RAY DIFFRACTION' ? 
p_xhyhbond_nbd      ?     ?     ? ? 'X-RAY DIFFRACTION' ? 
p_xyhbond_nbd       0.250 0.400 ? ? 'X-RAY DIFFRACTION' ? 
p_planar_tor        3.2   3.0   ? ? 'X-RAY DIFFRACTION' ? 
p_staggered_tor     10.1  5.0   ? ? 'X-RAY DIFFRACTION' ? 
p_orthonormal_tor   ?     ?     ? ? 'X-RAY DIFFRACTION' ? 
p_transverse_tor    21.7  10.0  ? ? 'X-RAY DIFFRACTION' ? 
p_special_tor       ?     ?     ? ? 'X-RAY DIFFRACTION' ? 
# 
_struct.entry_id                  2USN 
_struct.title                     
'CRYSTAL STRUCTURE OF THE CATALYTIC DOMAIN OF HUMAN FIBROBLAST STROMELYSIN-1 INHIBITED WITH THIADIAZOLE INHIBITOR PNU-141803' 
_struct.pdbx_model_details        ? 
_struct.pdbx_CASP_flag            ? 
_struct.pdbx_model_type_details   ? 
# 
_struct_keywords.entry_id        2USN 
_struct_keywords.pdbx_keywords   HYDROLASE 
_struct_keywords.text            'HYDROLASE, METALLOPROTEASE, FIBROBLAST, COLLAGEN DEGRADATION' 
# 
loop_
_struct_asym.id 
_struct_asym.pdbx_blank_PDB_chainid_flag 
_struct_asym.pdbx_modified 
_struct_asym.entity_id 
_struct_asym.details 
A N N 1 ? 
B N N 2 ? 
C N N 2 ? 
D N N 3 ? 
E N N 3 ? 
F N N 3 ? 
G N N 2 ? 
H N N 4 ? 
I N N 5 ? 
# 
_struct_ref.id                         1 
_struct_ref.db_name                    UNP 
_struct_ref.db_code                    MMP3_HUMAN 
_struct_ref.entity_id                  1 
_struct_ref.pdbx_db_accession          P08254 
_struct_ref.pdbx_align_begin           1 
_struct_ref.pdbx_seq_one_letter_code   
;MKSLPILLLLCVAVCSAYPLDGAARGEDTSMNLVQKYLENYYDLKKDVKQFVRRKDSGPVVKKIREMQKFLGLEVTGKLD
SDTLEVMRKPRCGVPDVGHFRTFPGIPKWRKTHLTYRIVNYTPDLPKDAVDSAVEKALKVWEEVTPLTFSRLYEGEADIM
ISFAVREHGDFYPFDGPGNVLAHAYAPGPGINGDAHFDDDEQWTKDTTGTNLFLVAAHEIGHSLGLFHSANTEALMYPLY
HSLTDLTRFRLSQDDINGIQSLYGPPPDSPETPLVPTEPVPPEPGTPANCDPALSFDAVSTLRGEILIFKDRHFWRKSLR
KLEPELHLISSFWPSLPSGVDAAYEVTSKDLVFIFKGNQFWAIRGNEVRAGYPRGIHTLGFPPTVRKIDAAISDKEKNKT
YFFVEDKYWRFDEKRNSMEPGFPKQIAEDFPGIDSKIDAVFEEFGFFYFFTGSSQLEFDPNAKKVTHTLKSNSWLNC
;
_struct_ref.pdbx_db_isoform            ? 
# 
_struct_ref_seq.align_id                      1 
_struct_ref_seq.ref_id                        1 
_struct_ref_seq.pdbx_PDB_id_code              2USN 
_struct_ref_seq.pdbx_strand_id                A 
_struct_ref_seq.seq_align_beg                 1 
_struct_ref_seq.pdbx_seq_align_beg_ins_code   ? 
_struct_ref_seq.seq_align_end                 165 
_struct_ref_seq.pdbx_seq_align_end_ins_code   ? 
_struct_ref_seq.pdbx_db_accession             P08254 
_struct_ref_seq.db_align_beg                  100 
_struct_ref_seq.pdbx_db_align_beg_ins_code    ? 
_struct_ref_seq.db_align_end                  264 
_struct_ref_seq.pdbx_db_align_end_ins_code    ? 
_struct_ref_seq.pdbx_auth_seq_align_beg       83 
_struct_ref_seq.pdbx_auth_seq_align_end       247 
# 
_pdbx_struct_assembly.id                   1 
_pdbx_struct_assembly.details              author_defined_assembly 
_pdbx_struct_assembly.method_details       ? 
_pdbx_struct_assembly.oligomeric_details   monomeric 
_pdbx_struct_assembly.oligomeric_count     1 
# 
_pdbx_struct_assembly_gen.assembly_id       1 
_pdbx_struct_assembly_gen.oper_expression   1 
_pdbx_struct_assembly_gen.asym_id_list      A,B,C,D,E,F,G,H,I 
# 
_pdbx_struct_oper_list.id                   1 
_pdbx_struct_oper_list.type                 'identity operation' 
_pdbx_struct_oper_list.name                 1_555 
_pdbx_struct_oper_list.symmetry_operation   x,y,z 
_pdbx_struct_oper_list.matrix[1][1]         1.0000000000 
_pdbx_struct_oper_list.matrix[1][2]         0.0000000000 
_pdbx_struct_oper_list.matrix[1][3]         0.0000000000 
_pdbx_struct_oper_list.vector[1]            0.0000000000 
_pdbx_struct_oper_list.matrix[2][1]         0.0000000000 
_pdbx_struct_oper_list.matrix[2][2]         1.0000000000 
_pdbx_struct_oper_list.matrix[2][3]         0.0000000000 
_pdbx_struct_oper_list.vector[2]            0.0000000000 
_pdbx_struct_oper_list.matrix[3][1]         0.0000000000 
_pdbx_struct_oper_list.matrix[3][2]         0.0000000000 
_pdbx_struct_oper_list.matrix[3][3]         1.0000000000 
_pdbx_struct_oper_list.vector[3]            0.0000000000 
# 
_struct_biol.id   1 
# 
loop_
_struct_conf.conf_type_id 
_struct_conf.id 
_struct_conf.pdbx_PDB_helix_id 
_struct_conf.beg_label_comp_id 
_struct_conf.beg_label_asym_id 
_struct_conf.beg_label_seq_id 
_struct_conf.pdbx_beg_PDB_ins_code 
_struct_conf.end_label_comp_id 
_struct_conf.end_label_asym_id 
_struct_conf.end_label_seq_id 
_struct_conf.pdbx_end_PDB_ins_code 
_struct_conf.beg_auth_comp_id 
_struct_conf.beg_auth_asym_id 
_struct_conf.beg_auth_seq_id 
_struct_conf.end_auth_comp_id 
_struct_conf.end_auth_asym_id 
_struct_conf.end_auth_seq_id 
_struct_conf.pdbx_PDB_helix_class 
_struct_conf.details 
_struct_conf.pdbx_PDB_helix_length 
HELX_P HELX_P1 1 LYS A 28  ? GLU A 43  ? LYS A 110 GLU A 125 1 ? 16 
HELX_P HELX_P2 2 LEU A 113 ? LEU A 125 ? LEU A 195 LEU A 207 1 ? 13 
HELX_P HELX_P3 3 TYR A 141 ? LEU A 144 ? TYR A 223 LEU A 226 1 ? 4  
HELX_P HELX_P4 4 LEU A 147 ? ARG A 149 ? LEU A 229 ARG A 231 5 ? 3  
HELX_P HELX_P5 5 GLN A 154 ? LEU A 163 ? GLN A 236 LEU A 245 1 ? 10 
# 
_struct_conf_type.id          HELX_P 
_struct_conf_type.criteria    ? 
_struct_conf_type.reference   ? 
# 
loop_
_struct_conn.id 
_struct_conn.conn_type_id 
_struct_conn.pdbx_leaving_atom_flag 
_struct_conn.pdbx_PDB_id 
_struct_conn.ptnr1_label_asym_id 
_struct_conn.ptnr1_label_comp_id 
_struct_conn.ptnr1_label_seq_id 
_struct_conn.ptnr1_label_atom_id 
_struct_conn.pdbx_ptnr1_label_alt_id 
_struct_conn.pdbx_ptnr1_PDB_ins_code 
_struct_conn.pdbx_ptnr1_standard_comp_id 
_struct_conn.ptnr1_symmetry 
_struct_conn.ptnr2_label_asym_id 
_struct_conn.ptnr2_label_comp_id 
_struct_conn.ptnr2_label_seq_id 
_struct_conn.ptnr2_label_atom_id 
_struct_conn.pdbx_ptnr2_label_alt_id 
_struct_conn.pdbx_ptnr2_PDB_ins_code 
_struct_conn.ptnr1_auth_asym_id 
_struct_conn.ptnr1_auth_comp_id 
_struct_conn.ptnr1_auth_seq_id 
_struct_conn.ptnr2_auth_asym_id 
_struct_conn.ptnr2_auth_comp_id 
_struct_conn.ptnr2_auth_seq_id 
_struct_conn.ptnr2_symmetry 
_struct_conn.pdbx_ptnr3_label_atom_id 
_struct_conn.pdbx_ptnr3_label_seq_id 
_struct_conn.pdbx_ptnr3_label_comp_id 
_struct_conn.pdbx_ptnr3_label_asym_id 
_struct_conn.pdbx_ptnr3_label_alt_id 
_struct_conn.pdbx_ptnr3_PDB_ins_code 
_struct_conn.details 
_struct_conn.pdbx_dist_value 
_struct_conn.pdbx_value_order 
_struct_conn.pdbx_role 
metalc1  metalc ? ? A HIS 14  NE2 ? ? ? 1_555 G ZN  . ZN ? ? A HIS 96  A ZN  262 1_555 ? ? ? ? ? ? ? 2.052 ? ? 
metalc2  metalc ? ? A HIS 14  NE2 ? ? ? 3_665 G ZN  . ZN ? ? A HIS 96  A ZN  262 1_555 ? ? ? ? ? ? ? 2.032 ? ? 
metalc3  metalc ? ? A HIS 14  NE2 ? ? ? 2_655 G ZN  . ZN ? ? A HIS 96  A ZN  262 1_555 ? ? ? ? ? ? ? 2.028 ? ? 
metalc4  metalc ? ? A ASP 25  OD2 ? ? ? 1_555 F CA  . CA ? ? A ASP 107 A CA  261 1_555 ? ? ? ? ? ? ? 2.372 ? ? 
metalc5  metalc ? ? A ASP 25  OD1 ? ? ? 1_555 F CA  . CA ? ? A ASP 107 A CA  261 1_555 ? ? ? ? ? ? ? 2.888 ? ? 
metalc6  metalc ? ? A ASP 59  O   ? ? ? 1_555 E CA  . CA ? ? A ASP 141 A CA  260 1_555 ? ? ? ? ? ? ? 2.292 ? ? 
metalc7  metalc ? ? A HIS 69  NE2 ? ? ? 1_555 C ZN  . ZN ? ? A HIS 151 A ZN  258 1_555 ? ? ? ? ? ? ? 2.063 ? ? 
metalc8  metalc ? ? A ASP 71  OD2 ? ? ? 1_555 C ZN  . ZN ? ? A ASP 153 A ZN  258 1_555 ? ? ? ? ? ? ? 1.964 ? ? 
metalc9  metalc ? ? A ASP 76  OD1 ? ? ? 1_555 D CA  . CA ? ? A ASP 158 A CA  259 1_555 ? ? ? ? ? ? ? 2.237 ? ? 
metalc10 metalc ? ? A GLY 77  O   ? ? ? 1_555 D CA  . CA ? ? A GLY 159 A CA  259 1_555 ? ? ? ? ? ? ? 2.185 ? ? 
metalc11 metalc ? ? A GLY 79  O   ? ? ? 1_555 D CA  . CA ? ? A GLY 161 A CA  259 1_555 ? ? ? ? ? ? ? 2.200 ? ? 
metalc12 metalc ? ? A VAL 81  O   ? ? ? 1_555 D CA  . CA ? ? A VAL 163 A CA  259 1_555 ? ? ? ? ? ? ? 2.235 ? ? 
metalc13 metalc ? ? A HIS 84  NE2 ? ? ? 1_555 C ZN  . ZN ? ? A HIS 166 A ZN  258 1_555 ? ? ? ? ? ? ? 2.085 ? ? 
metalc14 metalc ? ? A GLY 91  O   ? ? ? 1_555 E CA  . CA ? ? A GLY 173 A CA  260 1_555 ? ? ? ? ? ? ? 2.297 ? ? 
metalc15 metalc ? ? A ASN 93  O   ? ? ? 1_555 E CA  . CA ? ? A ASN 175 A CA  260 1_555 ? ? ? ? ? ? ? 2.350 ? ? 
metalc16 metalc ? ? A ASP 95  OD1 ? ? ? 1_555 E CA  . CA ? ? A ASP 177 A CA  260 1_555 ? ? ? ? ? ? ? 2.278 ? ? 
metalc17 metalc ? ? A HIS 97  ND1 ? ? ? 1_555 C ZN  . ZN ? ? A HIS 179 A ZN  258 1_555 ? ? ? ? ? ? ? 2.009 ? ? 
metalc18 metalc ? ? A ASP 99  OD2 ? ? ? 1_555 D CA  . CA ? ? A ASP 181 A CA  259 1_555 ? ? ? ? ? ? ? 2.228 ? ? 
metalc19 metalc ? ? A ASP 100 O   ? ? ? 1_555 F CA  . CA ? ? A ASP 182 A CA  261 1_555 ? ? ? ? ? ? ? 2.380 ? ? 
metalc20 metalc ? ? A ASP 100 OD1 ? ? ? 1_555 F CA  . CA ? ? A ASP 182 A CA  261 1_555 ? ? ? ? ? ? ? 2.682 ? ? 
metalc21 metalc ? ? A GLU 102 OE2 ? ? ? 1_555 D CA  . CA ? ? A GLU 184 A CA  259 1_555 ? ? ? ? ? ? ? 2.344 ? ? 
metalc22 metalc ? ? A GLU 102 O   ? ? ? 1_555 F CA  . CA ? ? A GLU 184 A CA  261 1_555 ? ? ? ? ? ? ? 2.384 ? ? 
metalc23 metalc ? ? A HIS 119 NE2 ? ? ? 1_555 B ZN  . ZN ? ? A HIS 201 A ZN  257 1_555 ? ? ? ? ? ? ? 1.968 ? ? 
metalc24 metalc ? ? A HIS 123 NE2 ? ? ? 1_555 B ZN  . ZN ? ? A HIS 205 A ZN  257 1_555 ? ? ? ? ? ? ? 2.101 ? ? 
metalc25 metalc ? ? A HIS 129 NE2 ? ? ? 1_555 B ZN  . ZN ? ? A HIS 211 A ZN  257 1_555 ? ? ? ? ? ? ? 1.981 ? ? 
metalc26 metalc ? ? B ZN  .   ZN  ? ? ? 1_555 H IN8 . S2 ? ? A ZN  257 A IN8 300 1_555 ? ? ? ? ? ? ? 2.276 ? ? 
metalc27 metalc ? ? E CA  .   CA  ? ? ? 1_555 I HOH . O  ? ? A CA  260 A HOH 307 1_555 ? ? ? ? ? ? ? 2.382 ? ? 
metalc28 metalc ? ? E CA  .   CA  ? ? ? 1_555 I HOH . O  ? ? A CA  260 A HOH 316 1_555 ? ? ? ? ? ? ? 2.511 ? ? 
metalc29 metalc ? ? F CA  .   CA  ? ? ? 1_555 I HOH . O  ? ? A CA  261 A HOH 321 1_555 ? ? ? ? ? ? ? 2.572 ? ? 
metalc30 metalc ? ? F CA  .   CA  ? ? ? 1_555 I HOH . O  ? ? A CA  261 A HOH 331 1_555 ? ? ? ? ? ? ? 2.523 ? ? 
metalc31 metalc ? ? G ZN  .   ZN  ? ? ? 1_555 I HOH . O  ? ? A ZN  262 A HOH 263 1_555 ? ? ? ? ? ? ? 2.320 ? ? 
metalc32 metalc ? ? G ZN  .   ZN  ? ? ? 1_555 I HOH . O  ? ? A ZN  262 A HOH 263 3_665 ? ? ? ? ? ? ? 2.320 ? ? 
metalc33 metalc ? ? G ZN  .   ZN  ? ? ? 1_555 I HOH . O  ? ? A ZN  262 A HOH 263 2_655 ? ? ? ? ? ? ? 2.320 ? ? 
# 
_struct_conn_type.id          metalc 
_struct_conn_type.criteria    ? 
_struct_conn_type.reference   ? 
# 
loop_
_pdbx_struct_conn_angle.id 
_pdbx_struct_conn_angle.ptnr1_label_atom_id 
_pdbx_struct_conn_angle.ptnr1_label_alt_id 
_pdbx_struct_conn_angle.ptnr1_label_asym_id 
_pdbx_struct_conn_angle.ptnr1_label_comp_id 
_pdbx_struct_conn_angle.ptnr1_label_seq_id 
_pdbx_struct_conn_angle.ptnr1_auth_atom_id 
_pdbx_struct_conn_angle.ptnr1_auth_asym_id 
_pdbx_struct_conn_angle.ptnr1_auth_comp_id 
_pdbx_struct_conn_angle.ptnr1_auth_seq_id 
_pdbx_struct_conn_angle.ptnr1_PDB_ins_code 
_pdbx_struct_conn_angle.ptnr1_symmetry 
_pdbx_struct_conn_angle.ptnr2_label_atom_id 
_pdbx_struct_conn_angle.ptnr2_label_alt_id 
_pdbx_struct_conn_angle.ptnr2_label_asym_id 
_pdbx_struct_conn_angle.ptnr2_label_comp_id 
_pdbx_struct_conn_angle.ptnr2_label_seq_id 
_pdbx_struct_conn_angle.ptnr2_auth_atom_id 
_pdbx_struct_conn_angle.ptnr2_auth_asym_id 
_pdbx_struct_conn_angle.ptnr2_auth_comp_id 
_pdbx_struct_conn_angle.ptnr2_auth_seq_id 
_pdbx_struct_conn_angle.ptnr2_PDB_ins_code 
_pdbx_struct_conn_angle.ptnr2_symmetry 
_pdbx_struct_conn_angle.ptnr3_label_atom_id 
_pdbx_struct_conn_angle.ptnr3_label_alt_id 
_pdbx_struct_conn_angle.ptnr3_label_asym_id 
_pdbx_struct_conn_angle.ptnr3_label_comp_id 
_pdbx_struct_conn_angle.ptnr3_label_seq_id 
_pdbx_struct_conn_angle.ptnr3_auth_atom_id 
_pdbx_struct_conn_angle.ptnr3_auth_asym_id 
_pdbx_struct_conn_angle.ptnr3_auth_comp_id 
_pdbx_struct_conn_angle.ptnr3_auth_seq_id 
_pdbx_struct_conn_angle.ptnr3_PDB_ins_code 
_pdbx_struct_conn_angle.ptnr3_symmetry 
_pdbx_struct_conn_angle.value 
_pdbx_struct_conn_angle.value_esd 
1  NE2 ? A HIS 14  ? A HIS 96  ? 1_555 ZN ? G ZN . ? A ZN 262 ? 1_555 NE2 ? A HIS 14  ? A HIS 96  ? 3_665 112.8 ? 
2  NE2 ? A HIS 14  ? A HIS 96  ? 1_555 ZN ? G ZN . ? A ZN 262 ? 1_555 NE2 ? A HIS 14  ? A HIS 96  ? 2_655 113.0 ? 
3  NE2 ? A HIS 14  ? A HIS 96  ? 3_665 ZN ? G ZN . ? A ZN 262 ? 1_555 NE2 ? A HIS 14  ? A HIS 96  ? 2_655 113.9 ? 
4  NE2 ? A HIS 14  ? A HIS 96  ? 1_555 ZN ? G ZN . ? A ZN 262 ? 1_555 O   ? I HOH .   ? A HOH 263 ? 1_555 105.4 ? 
5  NE2 ? A HIS 14  ? A HIS 96  ? 3_665 ZN ? G ZN . ? A ZN 262 ? 1_555 O   ? I HOH .   ? A HOH 263 ? 1_555 105.3 ? 
6  NE2 ? A HIS 14  ? A HIS 96  ? 2_655 ZN ? G ZN . ? A ZN 262 ? 1_555 O   ? I HOH .   ? A HOH 263 ? 1_555 105.4 ? 
7  NE2 ? A HIS 14  ? A HIS 96  ? 1_555 ZN ? G ZN . ? A ZN 262 ? 1_555 O   ? I HOH .   ? A HOH 263 ? 3_665 104.6 ? 
8  NE2 ? A HIS 14  ? A HIS 96  ? 3_665 ZN ? G ZN . ? A ZN 262 ? 1_555 O   ? I HOH .   ? A HOH 263 ? 3_665 106.1 ? 
9  NE2 ? A HIS 14  ? A HIS 96  ? 2_655 ZN ? G ZN . ? A ZN 262 ? 1_555 O   ? I HOH .   ? A HOH 263 ? 3_665 105.5 ? 
10 O   ? I HOH .   ? A HOH 263 ? 1_555 ZN ? G ZN . ? A ZN 262 ? 1_555 O   ? I HOH .   ? A HOH 263 ? 3_665 0.9   ? 
11 NE2 ? A HIS 14  ? A HIS 96  ? 1_555 ZN ? G ZN . ? A ZN 262 ? 1_555 O   ? I HOH .   ? A HOH 263 ? 2_655 104.7 ? 
12 NE2 ? A HIS 14  ? A HIS 96  ? 3_665 ZN ? G ZN . ? A ZN 262 ? 1_555 O   ? I HOH .   ? A HOH 263 ? 2_655 105.2 ? 
13 NE2 ? A HIS 14  ? A HIS 96  ? 2_655 ZN ? G ZN . ? A ZN 262 ? 1_555 O   ? I HOH .   ? A HOH 263 ? 2_655 106.2 ? 
14 O   ? I HOH .   ? A HOH 263 ? 1_555 ZN ? G ZN . ? A ZN 262 ? 1_555 O   ? I HOH .   ? A HOH 263 ? 2_655 0.9   ? 
15 O   ? I HOH .   ? A HOH 263 ? 3_665 ZN ? G ZN . ? A ZN 262 ? 1_555 O   ? I HOH .   ? A HOH 263 ? 2_655 0.9   ? 
16 OD2 ? A ASP 25  ? A ASP 107 ? 1_555 CA ? F CA . ? A CA 261 ? 1_555 OD1 ? A ASP 25  ? A ASP 107 ? 1_555 48.7  ? 
17 OD2 ? A ASP 25  ? A ASP 107 ? 1_555 CA ? F CA . ? A CA 261 ? 1_555 O   ? A ASP 100 ? A ASP 182 ? 1_555 146.6 ? 
18 OD1 ? A ASP 25  ? A ASP 107 ? 1_555 CA ? F CA . ? A CA 261 ? 1_555 O   ? A ASP 100 ? A ASP 182 ? 1_555 155.9 ? 
19 OD2 ? A ASP 25  ? A ASP 107 ? 1_555 CA ? F CA . ? A CA 261 ? 1_555 OD1 ? A ASP 100 ? A ASP 182 ? 1_555 91.0  ? 
20 OD1 ? A ASP 25  ? A ASP 107 ? 1_555 CA ? F CA . ? A CA 261 ? 1_555 OD1 ? A ASP 100 ? A ASP 182 ? 1_555 99.4  ? 
21 O   ? A ASP 100 ? A ASP 182 ? 1_555 CA ? F CA . ? A CA 261 ? 1_555 OD1 ? A ASP 100 ? A ASP 182 ? 1_555 68.0  ? 
22 OD2 ? A ASP 25  ? A ASP 107 ? 1_555 CA ? F CA . ? A CA 261 ? 1_555 O   ? A GLU 102 ? A GLU 184 ? 1_555 77.0  ? 
23 OD1 ? A ASP 25  ? A ASP 107 ? 1_555 CA ? F CA . ? A CA 261 ? 1_555 O   ? A GLU 102 ? A GLU 184 ? 1_555 120.0 ? 
24 O   ? A ASP 100 ? A ASP 182 ? 1_555 CA ? F CA . ? A CA 261 ? 1_555 O   ? A GLU 102 ? A GLU 184 ? 1_555 83.8  ? 
25 OD1 ? A ASP 100 ? A ASP 182 ? 1_555 CA ? F CA . ? A CA 261 ? 1_555 O   ? A GLU 102 ? A GLU 184 ? 1_555 105.7 ? 
26 OD2 ? A ASP 25  ? A ASP 107 ? 1_555 CA ? F CA . ? A CA 261 ? 1_555 O   ? I HOH .   ? A HOH 321 ? 1_555 99.7  ? 
27 OD1 ? A ASP 25  ? A ASP 107 ? 1_555 CA ? F CA . ? A CA 261 ? 1_555 O   ? I HOH .   ? A HOH 321 ? 1_555 85.1  ? 
28 O   ? A ASP 100 ? A ASP 182 ? 1_555 CA ? F CA . ? A CA 261 ? 1_555 O   ? I HOH .   ? A HOH 321 ? 1_555 103.9 ? 
29 OD1 ? A ASP 100 ? A ASP 182 ? 1_555 CA ? F CA . ? A CA 261 ? 1_555 O   ? I HOH .   ? A HOH 321 ? 1_555 168.7 ? 
30 O   ? A GLU 102 ? A GLU 184 ? 1_555 CA ? F CA . ? A CA 261 ? 1_555 O   ? I HOH .   ? A HOH 321 ? 1_555 80.5  ? 
31 OD2 ? A ASP 25  ? A ASP 107 ? 1_555 CA ? F CA . ? A CA 261 ? 1_555 O   ? I HOH .   ? A HOH 331 ? 1_555 122.8 ? 
32 OD1 ? A ASP 25  ? A ASP 107 ? 1_555 CA ? F CA . ? A CA 261 ? 1_555 O   ? I HOH .   ? A HOH 331 ? 1_555 77.3  ? 
33 O   ? A ASP 100 ? A ASP 182 ? 1_555 CA ? F CA . ? A CA 261 ? 1_555 O   ? I HOH .   ? A HOH 331 ? 1_555 80.1  ? 
34 OD1 ? A ASP 100 ? A ASP 182 ? 1_555 CA ? F CA . ? A CA 261 ? 1_555 O   ? I HOH .   ? A HOH 331 ? 1_555 79.2  ? 
35 O   ? A GLU 102 ? A GLU 184 ? 1_555 CA ? F CA . ? A CA 261 ? 1_555 O   ? I HOH .   ? A HOH 331 ? 1_555 159.9 ? 
36 O   ? I HOH .   ? A HOH 321 ? 1_555 CA ? F CA . ? A CA 261 ? 1_555 O   ? I HOH .   ? A HOH 331 ? 1_555 91.8  ? 
37 O   ? A ASP 59  ? A ASP 141 ? 1_555 CA ? E CA . ? A CA 260 ? 1_555 O   ? A GLY 91  ? A GLY 173 ? 1_555 162.3 ? 
38 O   ? A ASP 59  ? A ASP 141 ? 1_555 CA ? E CA . ? A CA 260 ? 1_555 O   ? A ASN 93  ? A ASN 175 ? 1_555 106.3 ? 
39 O   ? A GLY 91  ? A GLY 173 ? 1_555 CA ? E CA . ? A CA 260 ? 1_555 O   ? A ASN 93  ? A ASN 175 ? 1_555 90.4  ? 
40 O   ? A ASP 59  ? A ASP 141 ? 1_555 CA ? E CA . ? A CA 260 ? 1_555 OD1 ? A ASP 95  ? A ASP 177 ? 1_555 85.0  ? 
41 O   ? A GLY 91  ? A GLY 173 ? 1_555 CA ? E CA . ? A CA 260 ? 1_555 OD1 ? A ASP 95  ? A ASP 177 ? 1_555 101.1 ? 
42 O   ? A ASN 93  ? A ASN 175 ? 1_555 CA ? E CA . ? A CA 260 ? 1_555 OD1 ? A ASP 95  ? A ASP 177 ? 1_555 89.9  ? 
43 O   ? A ASP 59  ? A ASP 141 ? 1_555 CA ? E CA . ? A CA 260 ? 1_555 O   ? I HOH .   ? A HOH 307 ? 1_555 76.7  ? 
44 O   ? A GLY 91  ? A GLY 173 ? 1_555 CA ? E CA . ? A CA 260 ? 1_555 O   ? I HOH .   ? A HOH 307 ? 1_555 97.6  ? 
45 O   ? A ASN 93  ? A ASN 175 ? 1_555 CA ? E CA . ? A CA 260 ? 1_555 O   ? I HOH .   ? A HOH 307 ? 1_555 91.4  ? 
46 OD1 ? A ASP 95  ? A ASP 177 ? 1_555 CA ? E CA . ? A CA 260 ? 1_555 O   ? I HOH .   ? A HOH 307 ? 1_555 161.3 ? 
47 O   ? A ASP 59  ? A ASP 141 ? 1_555 CA ? E CA . ? A CA 260 ? 1_555 O   ? I HOH .   ? A HOH 316 ? 1_555 87.5  ? 
48 O   ? A GLY 91  ? A GLY 173 ? 1_555 CA ? E CA . ? A CA 260 ? 1_555 O   ? I HOH .   ? A HOH 316 ? 1_555 75.4  ? 
49 O   ? A ASN 93  ? A ASN 175 ? 1_555 CA ? E CA . ? A CA 260 ? 1_555 O   ? I HOH .   ? A HOH 316 ? 1_555 165.1 ? 
50 OD1 ? A ASP 95  ? A ASP 177 ? 1_555 CA ? E CA . ? A CA 260 ? 1_555 O   ? I HOH .   ? A HOH 316 ? 1_555 97.0  ? 
51 O   ? I HOH .   ? A HOH 307 ? 1_555 CA ? E CA . ? A CA 260 ? 1_555 O   ? I HOH .   ? A HOH 316 ? 1_555 86.3  ? 
52 NE2 ? A HIS 69  ? A HIS 151 ? 1_555 ZN ? C ZN . ? A ZN 258 ? 1_555 OD2 ? A ASP 71  ? A ASP 153 ? 1_555 102.7 ? 
53 NE2 ? A HIS 69  ? A HIS 151 ? 1_555 ZN ? C ZN . ? A ZN 258 ? 1_555 NE2 ? A HIS 84  ? A HIS 166 ? 1_555 103.9 ? 
54 OD2 ? A ASP 71  ? A ASP 153 ? 1_555 ZN ? C ZN . ? A ZN 258 ? 1_555 NE2 ? A HIS 84  ? A HIS 166 ? 1_555 112.6 ? 
55 NE2 ? A HIS 69  ? A HIS 151 ? 1_555 ZN ? C ZN . ? A ZN 258 ? 1_555 ND1 ? A HIS 97  ? A HIS 179 ? 1_555 117.3 ? 
56 OD2 ? A ASP 71  ? A ASP 153 ? 1_555 ZN ? C ZN . ? A ZN 258 ? 1_555 ND1 ? A HIS 97  ? A HIS 179 ? 1_555 99.1  ? 
57 NE2 ? A HIS 84  ? A HIS 166 ? 1_555 ZN ? C ZN . ? A ZN 258 ? 1_555 ND1 ? A HIS 97  ? A HIS 179 ? 1_555 120.1 ? 
58 OD1 ? A ASP 76  ? A ASP 158 ? 1_555 CA ? D CA . ? A CA 259 ? 1_555 O   ? A GLY 77  ? A GLY 159 ? 1_555 90.1  ? 
59 OD1 ? A ASP 76  ? A ASP 158 ? 1_555 CA ? D CA . ? A CA 259 ? 1_555 O   ? A GLY 79  ? A GLY 161 ? 1_555 91.4  ? 
60 O   ? A GLY 77  ? A GLY 159 ? 1_555 CA ? D CA . ? A CA 259 ? 1_555 O   ? A GLY 79  ? A GLY 161 ? 1_555 91.2  ? 
61 OD1 ? A ASP 76  ? A ASP 158 ? 1_555 CA ? D CA . ? A CA 259 ? 1_555 O   ? A VAL 81  ? A VAL 163 ? 1_555 87.4  ? 
62 O   ? A GLY 77  ? A GLY 159 ? 1_555 CA ? D CA . ? A CA 259 ? 1_555 O   ? A VAL 81  ? A VAL 163 ? 1_555 176.1 ? 
63 O   ? A GLY 79  ? A GLY 161 ? 1_555 CA ? D CA . ? A CA 259 ? 1_555 O   ? A VAL 81  ? A VAL 163 ? 1_555 85.9  ? 
64 OD1 ? A ASP 76  ? A ASP 158 ? 1_555 CA ? D CA . ? A CA 259 ? 1_555 OD2 ? A ASP 99  ? A ASP 181 ? 1_555 93.6  ? 
65 O   ? A GLY 77  ? A GLY 159 ? 1_555 CA ? D CA . ? A CA 259 ? 1_555 OD2 ? A ASP 99  ? A ASP 181 ? 1_555 90.8  ? 
66 O   ? A GLY 79  ? A GLY 161 ? 1_555 CA ? D CA . ? A CA 259 ? 1_555 OD2 ? A ASP 99  ? A ASP 181 ? 1_555 174.6 ? 
67 O   ? A VAL 81  ? A VAL 163 ? 1_555 CA ? D CA . ? A CA 259 ? 1_555 OD2 ? A ASP 99  ? A ASP 181 ? 1_555 92.3  ? 
68 OD1 ? A ASP 76  ? A ASP 158 ? 1_555 CA ? D CA . ? A CA 259 ? 1_555 OE2 ? A GLU 102 ? A GLU 184 ? 1_555 174.8 ? 
69 O   ? A GLY 77  ? A GLY 159 ? 1_555 CA ? D CA . ? A CA 259 ? 1_555 OE2 ? A GLU 102 ? A GLU 184 ? 1_555 94.7  ? 
70 O   ? A GLY 79  ? A GLY 161 ? 1_555 CA ? D CA . ? A CA 259 ? 1_555 OE2 ? A GLU 102 ? A GLU 184 ? 1_555 86.5  ? 
71 O   ? A VAL 81  ? A VAL 163 ? 1_555 CA ? D CA . ? A CA 259 ? 1_555 OE2 ? A GLU 102 ? A GLU 184 ? 1_555 87.8  ? 
72 OD2 ? A ASP 99  ? A ASP 181 ? 1_555 CA ? D CA . ? A CA 259 ? 1_555 OE2 ? A GLU 102 ? A GLU 184 ? 1_555 88.3  ? 
73 NE2 ? A HIS 119 ? A HIS 201 ? 1_555 ZN ? B ZN . ? A ZN 257 ? 1_555 NE2 ? A HIS 123 ? A HIS 205 ? 1_555 95.1  ? 
74 NE2 ? A HIS 119 ? A HIS 201 ? 1_555 ZN ? B ZN . ? A ZN 257 ? 1_555 NE2 ? A HIS 129 ? A HIS 211 ? 1_555 114.9 ? 
75 NE2 ? A HIS 123 ? A HIS 205 ? 1_555 ZN ? B ZN . ? A ZN 257 ? 1_555 NE2 ? A HIS 129 ? A HIS 211 ? 1_555 113.7 ? 
76 NE2 ? A HIS 119 ? A HIS 201 ? 1_555 ZN ? B ZN . ? A ZN 257 ? 1_555 S2  ? H IN8 .   ? A IN8 300 ? 1_555 116.8 ? 
77 NE2 ? A HIS 123 ? A HIS 205 ? 1_555 ZN ? B ZN . ? A ZN 257 ? 1_555 S2  ? H IN8 .   ? A IN8 300 ? 1_555 108.9 ? 
78 NE2 ? A HIS 129 ? A HIS 211 ? 1_555 ZN ? B ZN . ? A ZN 257 ? 1_555 S2  ? H IN8 .   ? A IN8 300 ? 1_555 107.1 ? 
# 
_struct_sheet.id               A 
_struct_sheet.type             ? 
_struct_sheet.number_strands   5 
_struct_sheet.details          ? 
# 
loop_
_struct_sheet_order.sheet_id 
_struct_sheet_order.range_id_1 
_struct_sheet_order.range_id_2 
_struct_sheet_order.offset 
_struct_sheet_order.sense 
A 1 2 ? parallel      
A 2 3 ? parallel      
A 3 4 ? parallel      
A 4 5 ? anti-parallel 
# 
loop_
_struct_sheet_range.sheet_id 
_struct_sheet_range.id 
_struct_sheet_range.beg_label_comp_id 
_struct_sheet_range.beg_label_asym_id 
_struct_sheet_range.beg_label_seq_id 
_struct_sheet_range.pdbx_beg_PDB_ins_code 
_struct_sheet_range.end_label_comp_id 
_struct_sheet_range.end_label_asym_id 
_struct_sheet_range.end_label_seq_id 
_struct_sheet_range.pdbx_end_PDB_ins_code 
_struct_sheet_range.beg_auth_comp_id 
_struct_sheet_range.beg_auth_asym_id 
_struct_sheet_range.beg_auth_seq_id 
_struct_sheet_range.end_auth_comp_id 
_struct_sheet_range.end_auth_asym_id 
_struct_sheet_range.end_auth_seq_id 
A 1 THR A 49 ? ARG A 52 ? THR A 131 ARG A 134 
A 2 HIS A 14 ? ILE A 19 ? HIS A 96  ILE A 101 
A 3 ILE A 60 ? ALA A 65 ? ILE A 142 ALA A 147 
A 4 ALA A 96 ? ASP A 99 ? ALA A 178 ASP A 181 
A 5 ALA A 83 ? ALA A 85 ? ALA A 165 ALA A 167 
# 
loop_
_pdbx_struct_sheet_hbond.sheet_id 
_pdbx_struct_sheet_hbond.range_id_1 
_pdbx_struct_sheet_hbond.range_id_2 
_pdbx_struct_sheet_hbond.range_1_label_atom_id 
_pdbx_struct_sheet_hbond.range_1_label_comp_id 
_pdbx_struct_sheet_hbond.range_1_label_asym_id 
_pdbx_struct_sheet_hbond.range_1_label_seq_id 
_pdbx_struct_sheet_hbond.range_1_PDB_ins_code 
_pdbx_struct_sheet_hbond.range_1_auth_atom_id 
_pdbx_struct_sheet_hbond.range_1_auth_comp_id 
_pdbx_struct_sheet_hbond.range_1_auth_asym_id 
_pdbx_struct_sheet_hbond.range_1_auth_seq_id 
_pdbx_struct_sheet_hbond.range_2_label_atom_id 
_pdbx_struct_sheet_hbond.range_2_label_comp_id 
_pdbx_struct_sheet_hbond.range_2_label_asym_id 
_pdbx_struct_sheet_hbond.range_2_label_seq_id 
_pdbx_struct_sheet_hbond.range_2_PDB_ins_code 
_pdbx_struct_sheet_hbond.range_2_auth_atom_id 
_pdbx_struct_sheet_hbond.range_2_auth_comp_id 
_pdbx_struct_sheet_hbond.range_2_auth_asym_id 
_pdbx_struct_sheet_hbond.range_2_auth_seq_id 
A 1 2 O THR A 49 ? O THR A 131 N LEU A 15 ? N LEU A 97  
A 2 3 O ARG A 18 ? O ARG A 100 N ILE A 60 ? N ILE A 142 
A 3 4 O SER A 63 ? O SER A 145 N ALA A 96 ? N ALA A 178 
A 4 5 O HIS A 97 ? O HIS A 179 N HIS A 84 ? N HIS A 166 
# 
loop_
_struct_site.id 
_struct_site.pdbx_evidence_code 
_struct_site.pdbx_auth_asym_id 
_struct_site.pdbx_auth_comp_id 
_struct_site.pdbx_auth_seq_id 
_struct_site.pdbx_auth_ins_code 
_struct_site.pdbx_num_residues 
_struct_site.details 
INH Unknown  ? ?   ?   ? 8  'SITE INH IS THE BINDING SITE FOR THE AMIDE-THIADIAZOLE INHIBITOR PNU-141803; IN8 300.' 
ZN1 Unknown  ? ?   ?   ? 4  'ZN1 ARE THE LIGANDS OF THE CATALYTIC (ZN 257) ZINC ION.'                               
ZN2 Unknown  ? ?   ?   ? 4  'ZN2 ARE THE LIGANDS OF THE STRUCTURAL (ZN 258) ZINC ION.'                              
AC1 Software A ZN  257 ? 4  'BINDING SITE FOR RESIDUE ZN A 257'                                                     
AC2 Software A ZN  258 ? 4  'BINDING SITE FOR RESIDUE ZN A 258'                                                     
AC3 Software A CA  259 ? 6  'BINDING SITE FOR RESIDUE CA A 259'                                                     
AC4 Software A CA  260 ? 6  'BINDING SITE FOR RESIDUE CA A 260'                                                     
AC5 Software A CA  261 ? 5  'BINDING SITE FOR RESIDUE CA A 261'                                                     
AC6 Software A ZN  262 ? 6  'BINDING SITE FOR RESIDUE ZN A 262'                                                     
AC7 Software A IN8 300 ? 14 'BINDING SITE FOR RESIDUE IN8 A 300'                                                    
# 
loop_
_struct_site_gen.id 
_struct_site_gen.site_id 
_struct_site_gen.pdbx_num_res 
_struct_site_gen.label_comp_id 
_struct_site_gen.label_asym_id 
_struct_site_gen.label_seq_id 
_struct_site_gen.pdbx_auth_ins_code 
_struct_site_gen.auth_comp_id 
_struct_site_gen.auth_asym_id 
_struct_site_gen.auth_seq_id 
_struct_site_gen.label_atom_id 
_struct_site_gen.label_alt_id 
_struct_site_gen.symmetry 
_struct_site_gen.details 
1  INH 8  PHE A 4   ? PHE A 86  . ? 1_555 ? 
2  INH 8  TYR A 73  ? TYR A 155 . ? 1_555 ? 
3  INH 8  HIS A 84  ? HIS A 166 . ? 1_555 ? 
4  INH 8  ALA A 85  ? ALA A 167 . ? 1_555 ? 
5  INH 8  TYR A 86  ? TYR A 168 . ? 1_555 ? 
6  INH 8  ALA A 87  ? ALA A 169 . ? 1_555 ? 
7  INH 8  HIS A 123 ? HIS A 205 . ? 1_555 ? 
8  INH 8  PHE A 128 ? PHE A 210 . ? 1_555 ? 
9  ZN1 4  HIS A 119 ? HIS A 201 . ? 1_555 ? 
10 ZN1 4  HIS A 123 ? HIS A 205 . ? 1_555 ? 
11 ZN1 4  HIS A 129 ? HIS A 211 . ? 1_555 ? 
12 ZN1 4  IN8 H .   ? IN8 A 300 . ? 1_555 ? 
13 ZN2 4  HIS A 69  ? HIS A 151 . ? 1_555 ? 
14 ZN2 4  ASP A 71  ? ASP A 153 . ? 1_555 ? 
15 ZN2 4  HIS A 84  ? HIS A 166 . ? 1_555 ? 
16 ZN2 4  HIS A 97  ? HIS A 179 . ? 1_555 ? 
17 AC1 4  HIS A 119 ? HIS A 201 . ? 1_555 ? 
18 AC1 4  HIS A 123 ? HIS A 205 . ? 1_555 ? 
19 AC1 4  HIS A 129 ? HIS A 211 . ? 1_555 ? 
20 AC1 4  IN8 H .   ? IN8 A 300 . ? 1_555 ? 
21 AC2 4  HIS A 69  ? HIS A 151 . ? 1_555 ? 
22 AC2 4  ASP A 71  ? ASP A 153 . ? 1_555 ? 
23 AC2 4  HIS A 84  ? HIS A 166 . ? 1_555 ? 
24 AC2 4  HIS A 97  ? HIS A 179 . ? 1_555 ? 
25 AC3 6  ASP A 76  ? ASP A 158 . ? 1_555 ? 
26 AC3 6  GLY A 77  ? GLY A 159 . ? 1_555 ? 
27 AC3 6  GLY A 79  ? GLY A 161 . ? 1_555 ? 
28 AC3 6  VAL A 81  ? VAL A 163 . ? 1_555 ? 
29 AC3 6  ASP A 99  ? ASP A 181 . ? 1_555 ? 
30 AC3 6  GLU A 102 ? GLU A 184 . ? 1_555 ? 
31 AC4 6  ASP A 59  ? ASP A 141 . ? 1_555 ? 
32 AC4 6  GLY A 91  ? GLY A 173 . ? 1_555 ? 
33 AC4 6  ASN A 93  ? ASN A 175 . ? 1_555 ? 
34 AC4 6  ASP A 95  ? ASP A 177 . ? 1_555 ? 
35 AC4 6  HOH I .   ? HOH A 307 . ? 1_555 ? 
36 AC4 6  HOH I .   ? HOH A 316 . ? 1_555 ? 
37 AC5 5  ASP A 25  ? ASP A 107 . ? 1_555 ? 
38 AC5 5  ASP A 100 ? ASP A 182 . ? 1_555 ? 
39 AC5 5  GLU A 102 ? GLU A 184 . ? 1_555 ? 
40 AC5 5  HOH I .   ? HOH A 321 . ? 1_555 ? 
41 AC5 5  HOH I .   ? HOH A 331 . ? 1_555 ? 
42 AC6 6  HIS A 14  ? HIS A 96  . ? 2_655 ? 
43 AC6 6  HIS A 14  ? HIS A 96  . ? 3_665 ? 
44 AC6 6  HIS A 14  ? HIS A 96  . ? 1_555 ? 
45 AC6 6  HOH I .   ? HOH A 263 . ? 2_655 ? 
46 AC6 6  HOH I .   ? HOH A 263 . ? 3_665 ? 
47 AC6 6  HOH I .   ? HOH A 263 . ? 1_555 ? 
48 AC7 14 PRO A 8   ? PRO A 90  . ? 1_555 ? 
49 AC7 14 TYR A 73  ? TYR A 155 . ? 1_555 ? 
50 AC7 14 HIS A 84  ? HIS A 166 . ? 1_555 ? 
51 AC7 14 ALA A 85  ? ALA A 167 . ? 1_555 ? 
52 AC7 14 TYR A 86  ? TYR A 168 . ? 1_555 ? 
53 AC7 14 ALA A 87  ? ALA A 169 . ? 1_555 ? 
54 AC7 14 ASN A 93  ? ASN A 175 . ? 1_555 ? 
55 AC7 14 HIS A 119 ? HIS A 201 . ? 1_555 ? 
56 AC7 14 GLU A 120 ? GLU A 202 . ? 1_555 ? 
57 AC7 14 HIS A 123 ? HIS A 205 . ? 1_555 ? 
58 AC7 14 PHE A 128 ? PHE A 210 . ? 1_555 ? 
59 AC7 14 HIS A 129 ? HIS A 211 . ? 1_555 ? 
60 AC7 14 ZN  B .   ? ZN  A 257 . ? 1_555 ? 
61 AC7 14 HOH I .   ? HOH A 380 . ? 1_555 ? 
# 
loop_
_pdbx_validate_symm_contact.id 
_pdbx_validate_symm_contact.PDB_model_num 
_pdbx_validate_symm_contact.auth_atom_id_1 
_pdbx_validate_symm_contact.auth_asym_id_1 
_pdbx_validate_symm_contact.auth_comp_id_1 
_pdbx_validate_symm_contact.auth_seq_id_1 
_pdbx_validate_symm_contact.PDB_ins_code_1 
_pdbx_validate_symm_contact.label_alt_id_1 
_pdbx_validate_symm_contact.site_symmetry_1 
_pdbx_validate_symm_contact.auth_atom_id_2 
_pdbx_validate_symm_contact.auth_asym_id_2 
_pdbx_validate_symm_contact.auth_comp_id_2 
_pdbx_validate_symm_contact.auth_seq_id_2 
_pdbx_validate_symm_contact.PDB_ins_code_2 
_pdbx_validate_symm_contact.label_alt_id_2 
_pdbx_validate_symm_contact.site_symmetry_2 
_pdbx_validate_symm_contact.dist 
1 1 O   A HOH 360 ? ? 1_555 O   A HOH 360 ? ? 11_565 1.25 
2 1 NH1 A ARG 84  ? ? 1_555 OD2 A ASP 228 ? ? 3_675  2.13 
# 
loop_
_pdbx_validate_rmsd_angle.id 
_pdbx_validate_rmsd_angle.PDB_model_num 
_pdbx_validate_rmsd_angle.auth_atom_id_1 
_pdbx_validate_rmsd_angle.auth_asym_id_1 
_pdbx_validate_rmsd_angle.auth_comp_id_1 
_pdbx_validate_rmsd_angle.auth_seq_id_1 
_pdbx_validate_rmsd_angle.PDB_ins_code_1 
_pdbx_validate_rmsd_angle.label_alt_id_1 
_pdbx_validate_rmsd_angle.auth_atom_id_2 
_pdbx_validate_rmsd_angle.auth_asym_id_2 
_pdbx_validate_rmsd_angle.auth_comp_id_2 
_pdbx_validate_rmsd_angle.auth_seq_id_2 
_pdbx_validate_rmsd_angle.PDB_ins_code_2 
_pdbx_validate_rmsd_angle.label_alt_id_2 
_pdbx_validate_rmsd_angle.auth_atom_id_3 
_pdbx_validate_rmsd_angle.auth_asym_id_3 
_pdbx_validate_rmsd_angle.auth_comp_id_3 
_pdbx_validate_rmsd_angle.auth_seq_id_3 
_pdbx_validate_rmsd_angle.PDB_ins_code_3 
_pdbx_validate_rmsd_angle.label_alt_id_3 
_pdbx_validate_rmsd_angle.angle_value 
_pdbx_validate_rmsd_angle.angle_target_value 
_pdbx_validate_rmsd_angle.angle_deviation 
_pdbx_validate_rmsd_angle.angle_standard_deviation 
_pdbx_validate_rmsd_angle.linker_flag 
1  1 NE  A ARG 84  ? ? CZ A ARG 84  ? ? NH1 A ARG 84  ? ? 117.19 120.30 -3.11 0.50 N 
2  1 NE  A ARG 93  ? ? CZ A ARG 93  ? ? NH1 A ARG 93  ? ? 123.84 120.30 3.54  0.50 N 
3  1 CA  A VAL 113 ? ? CB A VAL 113 ? ? CG2 A VAL 113 ? ? 120.80 110.90 9.90  1.50 N 
4  1 OE1 A GLU 126 ? ? CD A GLU 126 ? ? OE2 A GLU 126 ? ? 131.94 123.30 8.64  1.20 N 
5  1 NE  A ARG 134 ? ? CZ A ARG 134 ? ? NH1 A ARG 134 ? ? 123.98 120.30 3.68  0.50 N 
6  1 CA  A LEU 135 ? ? CB A LEU 135 ? ? CG  A LEU 135 ? ? 130.09 115.30 14.79 2.30 N 
7  1 NE  A ARG 149 ? ? CZ A ARG 149 ? ? NH1 A ARG 149 ? ? 124.82 120.30 4.52  0.50 N 
8  1 NE  A ARG 149 ? ? CZ A ARG 149 ? ? NH2 A ARG 149 ? ? 116.57 120.30 -3.73 0.50 N 
9  1 CB  A PHE 157 ? ? CA A PHE 157 ? ? C   A PHE 157 ? ? 124.35 110.40 13.95 2.00 N 
10 1 N   A HIS 166 ? ? CA A HIS 166 ? ? CB  A HIS 166 ? ? 121.69 110.60 11.09 1.80 N 
11 1 CB  A ASP 177 ? ? CG A ASP 177 ? ? OD1 A ASP 177 ? ? 124.26 118.30 5.96  0.90 N 
12 1 CB  A ASP 182 ? ? CG A ASP 182 ? ? OD1 A ASP 182 ? ? 124.35 118.30 6.05  0.90 N 
13 1 CB  A ASP 182 ? ? CG A ASP 182 ? ? OD2 A ASP 182 ? ? 111.98 118.30 -6.32 0.90 N 
14 1 NE  A ARG 233 ? ? CZ A ARG 233 ? ? NH1 A ARG 233 ? ? 123.82 120.30 3.52  0.50 N 
# 
loop_
_pdbx_validate_torsion.id 
_pdbx_validate_torsion.PDB_model_num 
_pdbx_validate_torsion.auth_comp_id 
_pdbx_validate_torsion.auth_asym_id 
_pdbx_validate_torsion.auth_seq_id 
_pdbx_validate_torsion.PDB_ins_code 
_pdbx_validate_torsion.label_alt_id 
_pdbx_validate_torsion.phi 
_pdbx_validate_torsion.psi 
1 1 ARG A 149 ? ? 41.67   -131.78 
2 1 HIS A 151 ? ? -143.37 15.65   
3 1 ASN A 162 ? ? 56.53   -114.81 
4 1 PHE A 210 ? ? -105.32 -161.93 
# 
_pdbx_validate_planes.id              1 
_pdbx_validate_planes.PDB_model_num   1 
_pdbx_validate_planes.auth_comp_id    ARG 
_pdbx_validate_planes.auth_asym_id    A 
_pdbx_validate_planes.auth_seq_id     84 
_pdbx_validate_planes.PDB_ins_code    ? 
_pdbx_validate_planes.label_alt_id    ? 
_pdbx_validate_planes.rmsd            0.114 
_pdbx_validate_planes.type            'SIDE CHAIN' 
# 
_pdbx_validate_main_chain_plane.id                       1 
_pdbx_validate_main_chain_plane.PDB_model_num            1 
_pdbx_validate_main_chain_plane.auth_comp_id             ASP 
_pdbx_validate_main_chain_plane.auth_asym_id             A 
_pdbx_validate_main_chain_plane.auth_seq_id              189 
_pdbx_validate_main_chain_plane.PDB_ins_code             ? 
_pdbx_validate_main_chain_plane.label_alt_id             ? 
_pdbx_validate_main_chain_plane.improper_torsion_angle   -10.36 
# 
loop_
_pdbx_struct_special_symmetry.id 
_pdbx_struct_special_symmetry.PDB_model_num 
_pdbx_struct_special_symmetry.auth_asym_id 
_pdbx_struct_special_symmetry.auth_comp_id 
_pdbx_struct_special_symmetry.auth_seq_id 
_pdbx_struct_special_symmetry.PDB_ins_code 
_pdbx_struct_special_symmetry.label_asym_id 
_pdbx_struct_special_symmetry.label_comp_id 
_pdbx_struct_special_symmetry.label_seq_id 
1 1 A ZN  262 ? G ZN  . 
2 1 A HOH 263 ? I HOH . 
3 1 A HOH 359 ? I HOH . 
# 
loop_
_chem_comp_atom.comp_id 
_chem_comp_atom.atom_id 
_chem_comp_atom.type_symbol 
_chem_comp_atom.pdbx_aromatic_flag 
_chem_comp_atom.pdbx_stereo_config 
_chem_comp_atom.pdbx_ordinal 
ALA N    N  N N 1   
ALA CA   C  N S 2   
ALA C    C  N N 3   
ALA O    O  N N 4   
ALA CB   C  N N 5   
ALA OXT  O  N N 6   
ALA H    H  N N 7   
ALA H2   H  N N 8   
ALA HA   H  N N 9   
ALA HB1  H  N N 10  
ALA HB2  H  N N 11  
ALA HB3  H  N N 12  
ALA HXT  H  N N 13  
ARG N    N  N N 14  
ARG CA   C  N S 15  
ARG C    C  N N 16  
ARG O    O  N N 17  
ARG CB   C  N N 18  
ARG CG   C  N N 19  
ARG CD   C  N N 20  
ARG NE   N  N N 21  
ARG CZ   C  N N 22  
ARG NH1  N  N N 23  
ARG NH2  N  N N 24  
ARG OXT  O  N N 25  
ARG H    H  N N 26  
ARG H2   H  N N 27  
ARG HA   H  N N 28  
ARG HB2  H  N N 29  
ARG HB3  H  N N 30  
ARG HG2  H  N N 31  
ARG HG3  H  N N 32  
ARG HD2  H  N N 33  
ARG HD3  H  N N 34  
ARG HE   H  N N 35  
ARG HH11 H  N N 36  
ARG HH12 H  N N 37  
ARG HH21 H  N N 38  
ARG HH22 H  N N 39  
ARG HXT  H  N N 40  
ASN N    N  N N 41  
ASN CA   C  N S 42  
ASN C    C  N N 43  
ASN O    O  N N 44  
ASN CB   C  N N 45  
ASN CG   C  N N 46  
ASN OD1  O  N N 47  
ASN ND2  N  N N 48  
ASN OXT  O  N N 49  
ASN H    H  N N 50  
ASN H2   H  N N 51  
ASN HA   H  N N 52  
ASN HB2  H  N N 53  
ASN HB3  H  N N 54  
ASN HD21 H  N N 55  
ASN HD22 H  N N 56  
ASN HXT  H  N N 57  
ASP N    N  N N 58  
ASP CA   C  N S 59  
ASP C    C  N N 60  
ASP O    O  N N 61  
ASP CB   C  N N 62  
ASP CG   C  N N 63  
ASP OD1  O  N N 64  
ASP OD2  O  N N 65  
ASP OXT  O  N N 66  
ASP H    H  N N 67  
ASP H2   H  N N 68  
ASP HA   H  N N 69  
ASP HB2  H  N N 70  
ASP HB3  H  N N 71  
ASP HD2  H  N N 72  
ASP HXT  H  N N 73  
CA  CA   CA N N 74  
GLN N    N  N N 75  
GLN CA   C  N S 76  
GLN C    C  N N 77  
GLN O    O  N N 78  
GLN CB   C  N N 79  
GLN CG   C  N N 80  
GLN CD   C  N N 81  
GLN OE1  O  N N 82  
GLN NE2  N  N N 83  
GLN OXT  O  N N 84  
GLN H    H  N N 85  
GLN H2   H  N N 86  
GLN HA   H  N N 87  
GLN HB2  H  N N 88  
GLN HB3  H  N N 89  
GLN HG2  H  N N 90  
GLN HG3  H  N N 91  
GLN HE21 H  N N 92  
GLN HE22 H  N N 93  
GLN HXT  H  N N 94  
GLU N    N  N N 95  
GLU CA   C  N S 96  
GLU C    C  N N 97  
GLU O    O  N N 98  
GLU CB   C  N N 99  
GLU CG   C  N N 100 
GLU CD   C  N N 101 
GLU OE1  O  N N 102 
GLU OE2  O  N N 103 
GLU OXT  O  N N 104 
GLU H    H  N N 105 
GLU H2   H  N N 106 
GLU HA   H  N N 107 
GLU HB2  H  N N 108 
GLU HB3  H  N N 109 
GLU HG2  H  N N 110 
GLU HG3  H  N N 111 
GLU HE2  H  N N 112 
GLU HXT  H  N N 113 
GLY N    N  N N 114 
GLY CA   C  N N 115 
GLY C    C  N N 116 
GLY O    O  N N 117 
GLY OXT  O  N N 118 
GLY H    H  N N 119 
GLY H2   H  N N 120 
GLY HA2  H  N N 121 
GLY HA3  H  N N 122 
GLY HXT  H  N N 123 
HIS N    N  N N 124 
HIS CA   C  N S 125 
HIS C    C  N N 126 
HIS O    O  N N 127 
HIS CB   C  N N 128 
HIS CG   C  Y N 129 
HIS ND1  N  Y N 130 
HIS CD2  C  Y N 131 
HIS CE1  C  Y N 132 
HIS NE2  N  Y N 133 
HIS OXT  O  N N 134 
HIS H    H  N N 135 
HIS H2   H  N N 136 
HIS HA   H  N N 137 
HIS HB2  H  N N 138 
HIS HB3  H  N N 139 
HIS HD1  H  N N 140 
HIS HD2  H  N N 141 
HIS HE1  H  N N 142 
HIS HE2  H  N N 143 
HIS HXT  H  N N 144 
HOH O    O  N N 145 
HOH H1   H  N N 146 
HOH H2   H  N N 147 
ILE N    N  N N 148 
ILE CA   C  N S 149 
ILE C    C  N N 150 
ILE O    O  N N 151 
ILE CB   C  N S 152 
ILE CG1  C  N N 153 
ILE CG2  C  N N 154 
ILE CD1  C  N N 155 
ILE OXT  O  N N 156 
ILE H    H  N N 157 
ILE H2   H  N N 158 
ILE HA   H  N N 159 
ILE HB   H  N N 160 
ILE HG12 H  N N 161 
ILE HG13 H  N N 162 
ILE HG21 H  N N 163 
ILE HG22 H  N N 164 
ILE HG23 H  N N 165 
ILE HD11 H  N N 166 
ILE HD12 H  N N 167 
ILE HD13 H  N N 168 
ILE HXT  H  N N 169 
IN8 C1   C  Y N 170 
IN8 C2   C  Y N 171 
IN8 C3   C  N N 172 
IN8 C7   C  Y N 173 
IN8 C8   C  Y N 174 
IN8 C9   C  Y N 175 
IN8 C10  C  Y N 176 
IN8 C11  C  Y N 177 
IN8 C12  C  N N 178 
IN8 C13  C  N N 179 
IN8 C14  C  Y N 180 
IN8 C15  C  Y N 181 
IN8 C16  C  Y N 182 
IN8 C19  C  Y N 183 
IN8 S1   S  Y N 184 
IN8 N1   N  Y N 185 
IN8 N2   N  Y N 186 
IN8 N3   N  N N 187 
IN8 S2   S  N N 188 
IN8 O1   O  N N 189 
IN8 C4   C  N N 190 
IN8 C5   C  N R 191 
IN8 C6   C  Y N 192 
IN8 O2   O  N N 193 
IN8 O3   O  N N 194 
IN8 N4   N  N N 195 
IN8 C17  C  Y N 196 
IN8 C18  C  Y N 197 
IN8 H7   H  N N 198 
IN8 H8   H  N N 199 
IN8 H9   H  N N 200 
IN8 H10  H  N N 201 
IN8 H11  H  N N 202 
IN8 H131 H  N N 203 
IN8 H132 H  N N 204 
IN8 H14  H  N N 205 
IN8 H15  H  N N 206 
IN8 H16  H  N N 207 
IN8 H19  H  N N 208 
IN8 HN3  H  N N 209 
IN8 HS2  H  N N 210 
IN8 H41  H  N N 211 
IN8 H42  H  N N 212 
IN8 H5   H  N N 213 
IN8 HN4  H  N N 214 
IN8 H18  H  N N 215 
LEU N    N  N N 216 
LEU CA   C  N S 217 
LEU C    C  N N 218 
LEU O    O  N N 219 
LEU CB   C  N N 220 
LEU CG   C  N N 221 
LEU CD1  C  N N 222 
LEU CD2  C  N N 223 
LEU OXT  O  N N 224 
LEU H    H  N N 225 
LEU H2   H  N N 226 
LEU HA   H  N N 227 
LEU HB2  H  N N 228 
LEU HB3  H  N N 229 
LEU HG   H  N N 230 
LEU HD11 H  N N 231 
LEU HD12 H  N N 232 
LEU HD13 H  N N 233 
LEU HD21 H  N N 234 
LEU HD22 H  N N 235 
LEU HD23 H  N N 236 
LEU HXT  H  N N 237 
LYS N    N  N N 238 
LYS CA   C  N S 239 
LYS C    C  N N 240 
LYS O    O  N N 241 
LYS CB   C  N N 242 
LYS CG   C  N N 243 
LYS CD   C  N N 244 
LYS CE   C  N N 245 
LYS NZ   N  N N 246 
LYS OXT  O  N N 247 
LYS H    H  N N 248 
LYS H2   H  N N 249 
LYS HA   H  N N 250 
LYS HB2  H  N N 251 
LYS HB3  H  N N 252 
LYS HG2  H  N N 253 
LYS HG3  H  N N 254 
LYS HD2  H  N N 255 
LYS HD3  H  N N 256 
LYS HE2  H  N N 257 
LYS HE3  H  N N 258 
LYS HZ1  H  N N 259 
LYS HZ2  H  N N 260 
LYS HZ3  H  N N 261 
LYS HXT  H  N N 262 
MET N    N  N N 263 
MET CA   C  N S 264 
MET C    C  N N 265 
MET O    O  N N 266 
MET CB   C  N N 267 
MET CG   C  N N 268 
MET SD   S  N N 269 
MET CE   C  N N 270 
MET OXT  O  N N 271 
MET H    H  N N 272 
MET H2   H  N N 273 
MET HA   H  N N 274 
MET HB2  H  N N 275 
MET HB3  H  N N 276 
MET HG2  H  N N 277 
MET HG3  H  N N 278 
MET HE1  H  N N 279 
MET HE2  H  N N 280 
MET HE3  H  N N 281 
MET HXT  H  N N 282 
PHE N    N  N N 283 
PHE CA   C  N S 284 
PHE C    C  N N 285 
PHE O    O  N N 286 
PHE CB   C  N N 287 
PHE CG   C  Y N 288 
PHE CD1  C  Y N 289 
PHE CD2  C  Y N 290 
PHE CE1  C  Y N 291 
PHE CE2  C  Y N 292 
PHE CZ   C  Y N 293 
PHE OXT  O  N N 294 
PHE H    H  N N 295 
PHE H2   H  N N 296 
PHE HA   H  N N 297 
PHE HB2  H  N N 298 
PHE HB3  H  N N 299 
PHE HD1  H  N N 300 
PHE HD2  H  N N 301 
PHE HE1  H  N N 302 
PHE HE2  H  N N 303 
PHE HZ   H  N N 304 
PHE HXT  H  N N 305 
PRO N    N  N N 306 
PRO CA   C  N S 307 
PRO C    C  N N 308 
PRO O    O  N N 309 
PRO CB   C  N N 310 
PRO CG   C  N N 311 
PRO CD   C  N N 312 
PRO OXT  O  N N 313 
PRO H    H  N N 314 
PRO HA   H  N N 315 
PRO HB2  H  N N 316 
PRO HB3  H  N N 317 
PRO HG2  H  N N 318 
PRO HG3  H  N N 319 
PRO HD2  H  N N 320 
PRO HD3  H  N N 321 
PRO HXT  H  N N 322 
SER N    N  N N 323 
SER CA   C  N S 324 
SER C    C  N N 325 
SER O    O  N N 326 
SER CB   C  N N 327 
SER OG   O  N N 328 
SER OXT  O  N N 329 
SER H    H  N N 330 
SER H2   H  N N 331 
SER HA   H  N N 332 
SER HB2  H  N N 333 
SER HB3  H  N N 334 
SER HG   H  N N 335 
SER HXT  H  N N 336 
THR N    N  N N 337 
THR CA   C  N S 338 
THR C    C  N N 339 
THR O    O  N N 340 
THR CB   C  N R 341 
THR OG1  O  N N 342 
THR CG2  C  N N 343 
THR OXT  O  N N 344 
THR H    H  N N 345 
THR H2   H  N N 346 
THR HA   H  N N 347 
THR HB   H  N N 348 
THR HG1  H  N N 349 
THR HG21 H  N N 350 
THR HG22 H  N N 351 
THR HG23 H  N N 352 
THR HXT  H  N N 353 
TRP N    N  N N 354 
TRP CA   C  N S 355 
TRP C    C  N N 356 
TRP O    O  N N 357 
TRP CB   C  N N 358 
TRP CG   C  Y N 359 
TRP CD1  C  Y N 360 
TRP CD2  C  Y N 361 
TRP NE1  N  Y N 362 
TRP CE2  C  Y N 363 
TRP CE3  C  Y N 364 
TRP CZ2  C  Y N 365 
TRP CZ3  C  Y N 366 
TRP CH2  C  Y N 367 
TRP OXT  O  N N 368 
TRP H    H  N N 369 
TRP H2   H  N N 370 
TRP HA   H  N N 371 
TRP HB2  H  N N 372 
TRP HB3  H  N N 373 
TRP HD1  H  N N 374 
TRP HE1  H  N N 375 
TRP HE3  H  N N 376 
TRP HZ2  H  N N 377 
TRP HZ3  H  N N 378 
TRP HH2  H  N N 379 
TRP HXT  H  N N 380 
TYR N    N  N N 381 
TYR CA   C  N S 382 
TYR C    C  N N 383 
TYR O    O  N N 384 
TYR CB   C  N N 385 
TYR CG   C  Y N 386 
TYR CD1  C  Y N 387 
TYR CD2  C  Y N 388 
TYR CE1  C  Y N 389 
TYR CE2  C  Y N 390 
TYR CZ   C  Y N 391 
TYR OH   O  N N 392 
TYR OXT  O  N N 393 
TYR H    H  N N 394 
TYR H2   H  N N 395 
TYR HA   H  N N 396 
TYR HB2  H  N N 397 
TYR HB3  H  N N 398 
TYR HD1  H  N N 399 
TYR HD2  H  N N 400 
TYR HE1  H  N N 401 
TYR HE2  H  N N 402 
TYR HH   H  N N 403 
TYR HXT  H  N N 404 
VAL N    N  N N 405 
VAL CA   C  N S 406 
VAL C    C  N N 407 
VAL O    O  N N 408 
VAL CB   C  N N 409 
VAL CG1  C  N N 410 
VAL CG2  C  N N 411 
VAL OXT  O  N N 412 
VAL H    H  N N 413 
VAL H2   H  N N 414 
VAL HA   H  N N 415 
VAL HB   H  N N 416 
VAL HG11 H  N N 417 
VAL HG12 H  N N 418 
VAL HG13 H  N N 419 
VAL HG21 H  N N 420 
VAL HG22 H  N N 421 
VAL HG23 H  N N 422 
VAL HXT  H  N N 423 
ZN  ZN   ZN N N 424 
# 
loop_
_chem_comp_bond.comp_id 
_chem_comp_bond.atom_id_1 
_chem_comp_bond.atom_id_2 
_chem_comp_bond.value_order 
_chem_comp_bond.pdbx_aromatic_flag 
_chem_comp_bond.pdbx_stereo_config 
_chem_comp_bond.pdbx_ordinal 
ALA N   CA   sing N N 1   
ALA N   H    sing N N 2   
ALA N   H2   sing N N 3   
ALA CA  C    sing N N 4   
ALA CA  CB   sing N N 5   
ALA CA  HA   sing N N 6   
ALA C   O    doub N N 7   
ALA C   OXT  sing N N 8   
ALA CB  HB1  sing N N 9   
ALA CB  HB2  sing N N 10  
ALA CB  HB3  sing N N 11  
ALA OXT HXT  sing N N 12  
ARG N   CA   sing N N 13  
ARG N   H    sing N N 14  
ARG N   H2   sing N N 15  
ARG CA  C    sing N N 16  
ARG CA  CB   sing N N 17  
ARG CA  HA   sing N N 18  
ARG C   O    doub N N 19  
ARG C   OXT  sing N N 20  
ARG CB  CG   sing N N 21  
ARG CB  HB2  sing N N 22  
ARG CB  HB3  sing N N 23  
ARG CG  CD   sing N N 24  
ARG CG  HG2  sing N N 25  
ARG CG  HG3  sing N N 26  
ARG CD  NE   sing N N 27  
ARG CD  HD2  sing N N 28  
ARG CD  HD3  sing N N 29  
ARG NE  CZ   sing N N 30  
ARG NE  HE   sing N N 31  
ARG CZ  NH1  sing N N 32  
ARG CZ  NH2  doub N N 33  
ARG NH1 HH11 sing N N 34  
ARG NH1 HH12 sing N N 35  
ARG NH2 HH21 sing N N 36  
ARG NH2 HH22 sing N N 37  
ARG OXT HXT  sing N N 38  
ASN N   CA   sing N N 39  
ASN N   H    sing N N 40  
ASN N   H2   sing N N 41  
ASN CA  C    sing N N 42  
ASN CA  CB   sing N N 43  
ASN CA  HA   sing N N 44  
ASN C   O    doub N N 45  
ASN C   OXT  sing N N 46  
ASN CB  CG   sing N N 47  
ASN CB  HB2  sing N N 48  
ASN CB  HB3  sing N N 49  
ASN CG  OD1  doub N N 50  
ASN CG  ND2  sing N N 51  
ASN ND2 HD21 sing N N 52  
ASN ND2 HD22 sing N N 53  
ASN OXT HXT  sing N N 54  
ASP N   CA   sing N N 55  
ASP N   H    sing N N 56  
ASP N   H2   sing N N 57  
ASP CA  C    sing N N 58  
ASP CA  CB   sing N N 59  
ASP CA  HA   sing N N 60  
ASP C   O    doub N N 61  
ASP C   OXT  sing N N 62  
ASP CB  CG   sing N N 63  
ASP CB  HB2  sing N N 64  
ASP CB  HB3  sing N N 65  
ASP CG  OD1  doub N N 66  
ASP CG  OD2  sing N N 67  
ASP OD2 HD2  sing N N 68  
ASP OXT HXT  sing N N 69  
GLN N   CA   sing N N 70  
GLN N   H    sing N N 71  
GLN N   H2   sing N N 72  
GLN CA  C    sing N N 73  
GLN CA  CB   sing N N 74  
GLN CA  HA   sing N N 75  
GLN C   O    doub N N 76  
GLN C   OXT  sing N N 77  
GLN CB  CG   sing N N 78  
GLN CB  HB2  sing N N 79  
GLN CB  HB3  sing N N 80  
GLN CG  CD   sing N N 81  
GLN CG  HG2  sing N N 82  
GLN CG  HG3  sing N N 83  
GLN CD  OE1  doub N N 84  
GLN CD  NE2  sing N N 85  
GLN NE2 HE21 sing N N 86  
GLN NE2 HE22 sing N N 87  
GLN OXT HXT  sing N N 88  
GLU N   CA   sing N N 89  
GLU N   H    sing N N 90  
GLU N   H2   sing N N 91  
GLU CA  C    sing N N 92  
GLU CA  CB   sing N N 93  
GLU CA  HA   sing N N 94  
GLU C   O    doub N N 95  
GLU C   OXT  sing N N 96  
GLU CB  CG   sing N N 97  
GLU CB  HB2  sing N N 98  
GLU CB  HB3  sing N N 99  
GLU CG  CD   sing N N 100 
GLU CG  HG2  sing N N 101 
GLU CG  HG3  sing N N 102 
GLU CD  OE1  doub N N 103 
GLU CD  OE2  sing N N 104 
GLU OE2 HE2  sing N N 105 
GLU OXT HXT  sing N N 106 
GLY N   CA   sing N N 107 
GLY N   H    sing N N 108 
GLY N   H2   sing N N 109 
GLY CA  C    sing N N 110 
GLY CA  HA2  sing N N 111 
GLY CA  HA3  sing N N 112 
GLY C   O    doub N N 113 
GLY C   OXT  sing N N 114 
GLY OXT HXT  sing N N 115 
HIS N   CA   sing N N 116 
HIS N   H    sing N N 117 
HIS N   H2   sing N N 118 
HIS CA  C    sing N N 119 
HIS CA  CB   sing N N 120 
HIS CA  HA   sing N N 121 
HIS C   O    doub N N 122 
HIS C   OXT  sing N N 123 
HIS CB  CG   sing N N 124 
HIS CB  HB2  sing N N 125 
HIS CB  HB3  sing N N 126 
HIS CG  ND1  sing Y N 127 
HIS CG  CD2  doub Y N 128 
HIS ND1 CE1  doub Y N 129 
HIS ND1 HD1  sing N N 130 
HIS CD2 NE2  sing Y N 131 
HIS CD2 HD2  sing N N 132 
HIS CE1 NE2  sing Y N 133 
HIS CE1 HE1  sing N N 134 
HIS NE2 HE2  sing N N 135 
HIS OXT HXT  sing N N 136 
HOH O   H1   sing N N 137 
HOH O   H2   sing N N 138 
ILE N   CA   sing N N 139 
ILE N   H    sing N N 140 
ILE N   H2   sing N N 141 
ILE CA  C    sing N N 142 
ILE CA  CB   sing N N 143 
ILE CA  HA   sing N N 144 
ILE C   O    doub N N 145 
ILE C   OXT  sing N N 146 
ILE CB  CG1  sing N N 147 
ILE CB  CG2  sing N N 148 
ILE CB  HB   sing N N 149 
ILE CG1 CD1  sing N N 150 
ILE CG1 HG12 sing N N 151 
ILE CG1 HG13 sing N N 152 
ILE CG2 HG21 sing N N 153 
ILE CG2 HG22 sing N N 154 
ILE CG2 HG23 sing N N 155 
ILE CD1 HD11 sing N N 156 
ILE CD1 HD12 sing N N 157 
ILE CD1 HD13 sing N N 158 
ILE OXT HXT  sing N N 159 
IN8 C1  S1   sing Y N 160 
IN8 C1  N1   doub Y N 161 
IN8 C1  N3   sing N N 162 
IN8 C2  S1   sing Y N 163 
IN8 C2  N2   doub Y N 164 
IN8 C2  S2   sing N N 165 
IN8 C3  N3   sing N N 166 
IN8 C3  O1   doub N N 167 
IN8 C3  C4   sing N N 168 
IN8 C7  C8   doub Y N 169 
IN8 C7  C6   sing Y N 170 
IN8 C7  H7   sing N N 171 
IN8 C8  C9   sing Y N 172 
IN8 C8  H8   sing N N 173 
IN8 C9  C10  doub Y N 174 
IN8 C9  H9   sing N N 175 
IN8 C10 C11  sing Y N 176 
IN8 C10 H10  sing N N 177 
IN8 C11 C6   doub Y N 178 
IN8 C11 H11  sing N N 179 
IN8 C12 O2   sing N N 180 
IN8 C12 O3   doub N N 181 
IN8 C12 N4   sing N N 182 
IN8 C13 O2   sing N N 183 
IN8 C13 C17  sing N N 184 
IN8 C13 H131 sing N N 185 
IN8 C13 H132 sing N N 186 
IN8 C14 C15  doub Y N 187 
IN8 C14 C19  sing Y N 188 
IN8 C14 H14  sing N N 189 
IN8 C15 C16  sing Y N 190 
IN8 C15 H15  sing N N 191 
IN8 C16 C17  doub Y N 192 
IN8 C16 H16  sing N N 193 
IN8 C19 C18  doub Y N 194 
IN8 C19 H19  sing N N 195 
IN8 N1  N2   sing Y N 196 
IN8 N3  HN3  sing N N 197 
IN8 S2  HS2  sing N N 198 
IN8 C4  C5   sing N N 199 
IN8 C4  H41  sing N N 200 
IN8 C4  H42  sing N N 201 
IN8 C5  C6   sing N N 202 
IN8 C5  N4   sing N N 203 
IN8 C5  H5   sing N N 204 
IN8 N4  HN4  sing N N 205 
IN8 C17 C18  sing Y N 206 
IN8 C18 H18  sing N N 207 
LEU N   CA   sing N N 208 
LEU N   H    sing N N 209 
LEU N   H2   sing N N 210 
LEU CA  C    sing N N 211 
LEU CA  CB   sing N N 212 
LEU CA  HA   sing N N 213 
LEU C   O    doub N N 214 
LEU C   OXT  sing N N 215 
LEU CB  CG   sing N N 216 
LEU CB  HB2  sing N N 217 
LEU CB  HB3  sing N N 218 
LEU CG  CD1  sing N N 219 
LEU CG  CD2  sing N N 220 
LEU CG  HG   sing N N 221 
LEU CD1 HD11 sing N N 222 
LEU CD1 HD12 sing N N 223 
LEU CD1 HD13 sing N N 224 
LEU CD2 HD21 sing N N 225 
LEU CD2 HD22 sing N N 226 
LEU CD2 HD23 sing N N 227 
LEU OXT HXT  sing N N 228 
LYS N   CA   sing N N 229 
LYS N   H    sing N N 230 
LYS N   H2   sing N N 231 
LYS CA  C    sing N N 232 
LYS CA  CB   sing N N 233 
LYS CA  HA   sing N N 234 
LYS C   O    doub N N 235 
LYS C   OXT  sing N N 236 
LYS CB  CG   sing N N 237 
LYS CB  HB2  sing N N 238 
LYS CB  HB3  sing N N 239 
LYS CG  CD   sing N N 240 
LYS CG  HG2  sing N N 241 
LYS CG  HG3  sing N N 242 
LYS CD  CE   sing N N 243 
LYS CD  HD2  sing N N 244 
LYS CD  HD3  sing N N 245 
LYS CE  NZ   sing N N 246 
LYS CE  HE2  sing N N 247 
LYS CE  HE3  sing N N 248 
LYS NZ  HZ1  sing N N 249 
LYS NZ  HZ2  sing N N 250 
LYS NZ  HZ3  sing N N 251 
LYS OXT HXT  sing N N 252 
MET N   CA   sing N N 253 
MET N   H    sing N N 254 
MET N   H2   sing N N 255 
MET CA  C    sing N N 256 
MET CA  CB   sing N N 257 
MET CA  HA   sing N N 258 
MET C   O    doub N N 259 
MET C   OXT  sing N N 260 
MET CB  CG   sing N N 261 
MET CB  HB2  sing N N 262 
MET CB  HB3  sing N N 263 
MET CG  SD   sing N N 264 
MET CG  HG2  sing N N 265 
MET CG  HG3  sing N N 266 
MET SD  CE   sing N N 267 
MET CE  HE1  sing N N 268 
MET CE  HE2  sing N N 269 
MET CE  HE3  sing N N 270 
MET OXT HXT  sing N N 271 
PHE N   CA   sing N N 272 
PHE N   H    sing N N 273 
PHE N   H2   sing N N 274 
PHE CA  C    sing N N 275 
PHE CA  CB   sing N N 276 
PHE CA  HA   sing N N 277 
PHE C   O    doub N N 278 
PHE C   OXT  sing N N 279 
PHE CB  CG   sing N N 280 
PHE CB  HB2  sing N N 281 
PHE CB  HB3  sing N N 282 
PHE CG  CD1  doub Y N 283 
PHE CG  CD2  sing Y N 284 
PHE CD1 CE1  sing Y N 285 
PHE CD1 HD1  sing N N 286 
PHE CD2 CE2  doub Y N 287 
PHE CD2 HD2  sing N N 288 
PHE CE1 CZ   doub Y N 289 
PHE CE1 HE1  sing N N 290 
PHE CE2 CZ   sing Y N 291 
PHE CE2 HE2  sing N N 292 
PHE CZ  HZ   sing N N 293 
PHE OXT HXT  sing N N 294 
PRO N   CA   sing N N 295 
PRO N   CD   sing N N 296 
PRO N   H    sing N N 297 
PRO CA  C    sing N N 298 
PRO CA  CB   sing N N 299 
PRO CA  HA   sing N N 300 
PRO C   O    doub N N 301 
PRO C   OXT  sing N N 302 
PRO CB  CG   sing N N 303 
PRO CB  HB2  sing N N 304 
PRO CB  HB3  sing N N 305 
PRO CG  CD   sing N N 306 
PRO CG  HG2  sing N N 307 
PRO CG  HG3  sing N N 308 
PRO CD  HD2  sing N N 309 
PRO CD  HD3  sing N N 310 
PRO OXT HXT  sing N N 311 
SER N   CA   sing N N 312 
SER N   H    sing N N 313 
SER N   H2   sing N N 314 
SER CA  C    sing N N 315 
SER CA  CB   sing N N 316 
SER CA  HA   sing N N 317 
SER C   O    doub N N 318 
SER C   OXT  sing N N 319 
SER CB  OG   sing N N 320 
SER CB  HB2  sing N N 321 
SER CB  HB3  sing N N 322 
SER OG  HG   sing N N 323 
SER OXT HXT  sing N N 324 
THR N   CA   sing N N 325 
THR N   H    sing N N 326 
THR N   H2   sing N N 327 
THR CA  C    sing N N 328 
THR CA  CB   sing N N 329 
THR CA  HA   sing N N 330 
THR C   O    doub N N 331 
THR C   OXT  sing N N 332 
THR CB  OG1  sing N N 333 
THR CB  CG2  sing N N 334 
THR CB  HB   sing N N 335 
THR OG1 HG1  sing N N 336 
THR CG2 HG21 sing N N 337 
THR CG2 HG22 sing N N 338 
THR CG2 HG23 sing N N 339 
THR OXT HXT  sing N N 340 
TRP N   CA   sing N N 341 
TRP N   H    sing N N 342 
TRP N   H2   sing N N 343 
TRP CA  C    sing N N 344 
TRP CA  CB   sing N N 345 
TRP CA  HA   sing N N 346 
TRP C   O    doub N N 347 
TRP C   OXT  sing N N 348 
TRP CB  CG   sing N N 349 
TRP CB  HB2  sing N N 350 
TRP CB  HB3  sing N N 351 
TRP CG  CD1  doub Y N 352 
TRP CG  CD2  sing Y N 353 
TRP CD1 NE1  sing Y N 354 
TRP CD1 HD1  sing N N 355 
TRP CD2 CE2  doub Y N 356 
TRP CD2 CE3  sing Y N 357 
TRP NE1 CE2  sing Y N 358 
TRP NE1 HE1  sing N N 359 
TRP CE2 CZ2  sing Y N 360 
TRP CE3 CZ3  doub Y N 361 
TRP CE3 HE3  sing N N 362 
TRP CZ2 CH2  doub Y N 363 
TRP CZ2 HZ2  sing N N 364 
TRP CZ3 CH2  sing Y N 365 
TRP CZ3 HZ3  sing N N 366 
TRP CH2 HH2  sing N N 367 
TRP OXT HXT  sing N N 368 
TYR N   CA   sing N N 369 
TYR N   H    sing N N 370 
TYR N   H2   sing N N 371 
TYR CA  C    sing N N 372 
TYR CA  CB   sing N N 373 
TYR CA  HA   sing N N 374 
TYR C   O    doub N N 375 
TYR C   OXT  sing N N 376 
TYR CB  CG   sing N N 377 
TYR CB  HB2  sing N N 378 
TYR CB  HB3  sing N N 379 
TYR CG  CD1  doub Y N 380 
TYR CG  CD2  sing Y N 381 
TYR CD1 CE1  sing Y N 382 
TYR CD1 HD1  sing N N 383 
TYR CD2 CE2  doub Y N 384 
TYR CD2 HD2  sing N N 385 
TYR CE1 CZ   doub Y N 386 
TYR CE1 HE1  sing N N 387 
TYR CE2 CZ   sing Y N 388 
TYR CE2 HE2  sing N N 389 
TYR CZ  OH   sing N N 390 
TYR OH  HH   sing N N 391 
TYR OXT HXT  sing N N 392 
VAL N   CA   sing N N 393 
VAL N   H    sing N N 394 
VAL N   H2   sing N N 395 
VAL CA  C    sing N N 396 
VAL CA  CB   sing N N 397 
VAL CA  HA   sing N N 398 
VAL C   O    doub N N 399 
VAL C   OXT  sing N N 400 
VAL CB  CG1  sing N N 401 
VAL CB  CG2  sing N N 402 
VAL CB  HB   sing N N 403 
VAL CG1 HG11 sing N N 404 
VAL CG1 HG12 sing N N 405 
VAL CG1 HG13 sing N N 406 
VAL CG2 HG21 sing N N 407 
VAL CG2 HG22 sing N N 408 
VAL CG2 HG23 sing N N 409 
VAL OXT HXT  sing N N 410 
# 
_pdbx_initial_refinement_model.id               1 
_pdbx_initial_refinement_model.entity_id_list   ? 
_pdbx_initial_refinement_model.type             'experimental model' 
_pdbx_initial_refinement_model.source_name      PDB 
_pdbx_initial_refinement_model.accession_code   1USN 
_pdbx_initial_refinement_model.details          'PROTEIN COMPONENT OF STROMELYSIN-1 MODEL WITH OTHER INHIBITOR (1USN)' 
# 
_atom_sites.entry_id                    2USN 
_atom_sites.fract_transf_matrix[1][1]   -0.00067847 
_atom_sites.fract_transf_matrix[1][2]   0.01512108 
_atom_sites.fract_transf_matrix[1][3]   0.00601637 
_atom_sites.fract_transf_matrix[2][1]   0.01374208 
_atom_sites.fract_transf_matrix[2][2]   0.00788100 
_atom_sites.fract_transf_matrix[2][3]   0.00379167 
_atom_sites.fract_transf_matrix[3][1]   0.00022828 
_atom_sites.fract_transf_matrix[3][2]   0.00196195 
_atom_sites.fract_transf_matrix[3][3]   -0.00490526 
_atom_sites.fract_transf_vector[1]      0.880140 
_atom_sites.fract_transf_vector[2]      0.691287 
_atom_sites.fract_transf_vector[3]      0.254225 
# 
loop_
_atom_type.symbol 
C  
CA 
N  
O  
S  
ZN 
# 
loop_
_atom_site.group_PDB 
_atom_site.id 
_atom_site.type_symbol 
_atom_site.label_atom_id 
_atom_site.label_alt_id 
_atom_site.label_comp_id 
_atom_site.label_asym_id 
_atom_site.label_entity_id 
_atom_site.label_seq_id 
_atom_site.pdbx_PDB_ins_code 
_atom_site.Cartn_x 
_atom_site.Cartn_y 
_atom_site.Cartn_z 
_atom_site.occupancy 
_atom_site.B_iso_or_equiv 
_atom_site.pdbx_formal_charge 
_atom_site.auth_seq_id 
_atom_site.auth_comp_id 
_atom_site.auth_asym_id 
_atom_site.auth_atom_id 
_atom_site.pdbx_PDB_model_num 
ATOM   1    N  N   . PHE A 1 1   ? 8.175   2.964   -15.372 1.00 14.88 ? 83  PHE A N   1 
ATOM   2    C  CA  . PHE A 1 1   ? 7.499   2.122   -14.342 1.00 14.01 ? 83  PHE A CA  1 
ATOM   3    C  C   . PHE A 1 1   ? 8.040   0.722   -14.521 1.00 13.74 ? 83  PHE A C   1 
ATOM   4    O  O   . PHE A 1 1   ? 8.672   0.490   -15.555 1.00 14.32 ? 83  PHE A O   1 
ATOM   5    C  CB  . PHE A 1 1   ? 5.957   2.162   -14.506 1.00 11.46 ? 83  PHE A CB  1 
ATOM   6    C  CG  . PHE A 1 1   ? 5.502   1.571   -15.815 1.00 11.57 ? 83  PHE A CG  1 
ATOM   7    C  CD1 . PHE A 1 1   ? 5.264   0.192   -15.919 1.00 10.97 ? 83  PHE A CD1 1 
ATOM   8    C  CD2 . PHE A 1 1   ? 5.227   2.384   -16.911 1.00 9.31  ? 83  PHE A CD2 1 
ATOM   9    C  CE1 . PHE A 1 1   ? 4.806   -0.383  -17.073 1.00 10.19 ? 83  PHE A CE1 1 
ATOM   10   C  CE2 . PHE A 1 1   ? 4.844   1.814   -18.112 1.00 9.78  ? 83  PHE A CE2 1 
ATOM   11   C  CZ  . PHE A 1 1   ? 4.656   0.440   -18.210 1.00 10.35 ? 83  PHE A CZ  1 
ATOM   12   N  N   . ARG A 1 2   ? 7.740   -0.149  -13.568 1.00 13.97 ? 84  ARG A N   1 
ATOM   13   C  CA  . ARG A 1 2   ? 8.092   -1.558  -13.655 1.00 14.01 ? 84  ARG A CA  1 
ATOM   14   C  C   . ARG A 1 2   ? 6.959   -2.329  -12.962 1.00 13.52 ? 84  ARG A C   1 
ATOM   15   O  O   . ARG A 1 2   ? 6.341   -1.758  -12.071 1.00 14.31 ? 84  ARG A O   1 
ATOM   16   C  CB  . ARG A 1 2   ? 9.370   -1.942  -12.964 1.00 17.82 ? 84  ARG A CB  1 
ATOM   17   C  CG  . ARG A 1 2   ? 10.620  -1.255  -13.453 1.00 22.67 ? 84  ARG A CG  1 
ATOM   18   C  CD  . ARG A 1 2   ? 11.770  -1.791  -12.639 1.00 28.11 ? 84  ARG A CD  1 
ATOM   19   N  NE  . ARG A 1 2   ? 11.933  -3.231  -12.966 1.00 31.85 ? 84  ARG A NE  1 
ATOM   20   C  CZ  . ARG A 1 2   ? 13.082  -3.799  -12.535 1.00 34.92 ? 84  ARG A CZ  1 
ATOM   21   N  NH1 . ARG A 1 2   ? 13.877  -3.054  -11.741 1.00 37.18 ? 84  ARG A NH1 1 
ATOM   22   N  NH2 . ARG A 1 2   ? 13.564  -4.881  -13.128 1.00 34.82 ? 84  ARG A NH2 1 
ATOM   23   N  N   . THR A 1 3   ? 6.800   -3.553  -13.359 1.00 13.00 ? 85  THR A N   1 
ATOM   24   C  CA  . THR A 1 3   ? 5.764   -4.433  -12.793 1.00 12.64 ? 85  THR A CA  1 
ATOM   25   C  C   . THR A 1 3   ? 6.548   -5.596  -12.183 1.00 12.94 ? 85  THR A C   1 
ATOM   26   O  O   . THR A 1 3   ? 7.794   -5.558  -12.269 1.00 12.80 ? 85  THR A O   1 
ATOM   27   C  CB  . THR A 1 3   ? 4.771   -4.901  -13.923 1.00 13.07 ? 85  THR A CB  1 
ATOM   28   O  OG1 . THR A 1 3   ? 5.517   -5.795  -14.812 1.00 15.11 ? 85  THR A OG1 1 
ATOM   29   C  CG2 . THR A 1 3   ? 4.155   -3.738  -14.730 1.00 12.53 ? 85  THR A CG2 1 
ATOM   30   N  N   . PHE A 1 4   ? 5.820   -6.501  -11.568 1.00 13.47 ? 86  PHE A N   1 
ATOM   31   C  CA  . PHE A 1 4   ? 6.546   -7.704  -11.053 1.00 14.20 ? 86  PHE A CA  1 
ATOM   32   C  C   . PHE A 1 4   ? 6.739   -8.589  -12.293 1.00 15.57 ? 86  PHE A C   1 
ATOM   33   O  O   . PHE A 1 4   ? 6.011   -8.397  -13.283 1.00 16.60 ? 86  PHE A O   1 
ATOM   34   C  CB  . PHE A 1 4   ? 5.785   -8.353  -9.932  1.00 11.17 ? 86  PHE A CB  1 
ATOM   35   C  CG  . PHE A 1 4   ? 5.699   -7.522  -8.688  1.00 11.97 ? 86  PHE A CG  1 
ATOM   36   C  CD1 . PHE A 1 4   ? 6.822   -7.478  -7.845  1.00 11.72 ? 86  PHE A CD1 1 
ATOM   37   C  CD2 . PHE A 1 4   ? 4.542   -6.868  -8.329  1.00 11.68 ? 86  PHE A CD2 1 
ATOM   38   C  CE1 . PHE A 1 4   ? 6.783   -6.769  -6.656  1.00 11.80 ? 86  PHE A CE1 1 
ATOM   39   C  CE2 . PHE A 1 4   ? 4.480   -6.160  -7.126  1.00 13.67 ? 86  PHE A CE2 1 
ATOM   40   C  CZ  . PHE A 1 4   ? 5.605   -6.151  -6.279  1.00 12.48 ? 86  PHE A CZ  1 
ATOM   41   N  N   . PRO A 1 5   ? 7.645   -9.537  -12.184 1.00 15.74 ? 87  PRO A N   1 
ATOM   42   C  CA  . PRO A 1 5   ? 7.926   -10.491 -13.251 1.00 15.69 ? 87  PRO A CA  1 
ATOM   43   C  C   . PRO A 1 5   ? 6.786   -11.484 -13.444 1.00 16.68 ? 87  PRO A C   1 
ATOM   44   O  O   . PRO A 1 5   ? 6.191   -12.068 -12.511 1.00 16.44 ? 87  PRO A O   1 
ATOM   45   C  CB  . PRO A 1 5   ? 9.235   -11.144 -12.840 1.00 15.32 ? 87  PRO A CB  1 
ATOM   46   C  CG  . PRO A 1 5   ? 9.822   -10.268 -11.778 1.00 15.12 ? 87  PRO A CG  1 
ATOM   47   C  CD  . PRO A 1 5   ? 8.593   -9.713  -11.054 1.00 15.85 ? 87  PRO A CD  1 
ATOM   48   N  N   . GLY A 1 6   ? 6.544   -11.729 -14.751 1.00 16.77 ? 88  GLY A N   1 
ATOM   49   C  CA  . GLY A 1 6   ? 5.474   -12.656 -15.164 1.00 16.04 ? 88  GLY A CA  1 
ATOM   50   C  C   . GLY A 1 6   ? 4.169   -11.860 -15.178 1.00 15.32 ? 88  GLY A C   1 
ATOM   51   O  O   . GLY A 1 6   ? 3.150   -12.343 -15.673 1.00 16.90 ? 88  GLY A O   1 
ATOM   52   N  N   . ILE A 1 7   ? 4.252   -10.664 -14.667 1.00 14.37 ? 89  ILE A N   1 
ATOM   53   C  CA  . ILE A 1 7   ? 3.175   -9.703  -14.588 1.00 13.39 ? 89  ILE A CA  1 
ATOM   54   C  C   . ILE A 1 7   ? 1.919   -10.177 -13.884 1.00 12.01 ? 89  ILE A C   1 
ATOM   55   O  O   . ILE A 1 7   ? 0.819   -10.129 -14.487 1.00 10.89 ? 89  ILE A O   1 
ATOM   56   C  CB  . ILE A 1 7   ? 2.750   -9.235  -16.049 1.00 14.37 ? 89  ILE A CB  1 
ATOM   57   C  CG1 . ILE A 1 7   ? 4.084   -9.035  -16.856 1.00 15.40 ? 89  ILE A CG1 1 
ATOM   58   C  CG2 . ILE A 1 7   ? 2.030   -7.851  -15.968 1.00 14.38 ? 89  ILE A CG2 1 
ATOM   59   C  CD1 . ILE A 1 7   ? 3.673   -8.650  -18.329 1.00 18.21 ? 89  ILE A CD1 1 
ATOM   60   N  N   . PRO A 1 8   ? 2.046   -10.473 -12.616 1.00 11.50 ? 90  PRO A N   1 
ATOM   61   C  CA  . PRO A 1 8   ? 0.830   -10.829 -11.838 1.00 10.83 ? 90  PRO A CA  1 
ATOM   62   C  C   . PRO A 1 8   ? -0.139  -9.655  -11.873 1.00 10.88 ? 90  PRO A C   1 
ATOM   63   O  O   . PRO A 1 8   ? 0.163   -8.442  -11.943 1.00 9.51  ? 90  PRO A O   1 
ATOM   64   C  CB  . PRO A 1 8   ? 1.399   -11.171 -10.478 1.00 10.88 ? 90  PRO A CB  1 
ATOM   65   C  CG  . PRO A 1 8   ? 2.710   -10.461 -10.371 1.00 11.65 ? 90  PRO A CG  1 
ATOM   66   C  CD  . PRO A 1 8   ? 3.273   -10.503 -11.801 1.00 11.58 ? 90  PRO A CD  1 
ATOM   67   N  N   . LYS A 1 9   ? -1.435  -10.010 -11.866 1.00 11.54 ? 91  LYS A N   1 
ATOM   68   C  CA  . LYS A 1 9   ? -2.479  -8.971  -11.776 1.00 11.62 ? 91  LYS A CA  1 
ATOM   69   C  C   . LYS A 1 9   ? -3.789  -9.613  -11.331 1.00 10.22 ? 91  LYS A C   1 
ATOM   70   O  O   . LYS A 1 9   ? -3.855  -10.864 -11.314 1.00 8.43  ? 91  LYS A O   1 
ATOM   71   C  CB  . LYS A 1 9   ? -2.556  -8.077  -12.995 1.00 14.81 ? 91  LYS A CB  1 
ATOM   72   C  CG  . LYS A 1 9   ? -3.144  -8.757  -14.206 1.00 18.04 ? 91  LYS A CG  1 
ATOM   73   C  CD  . LYS A 1 9   ? -2.981  -7.915  -15.479 1.00 20.52 ? 91  LYS A CD  1 
ATOM   74   C  CE  . LYS A 1 9   ? -3.096  -8.881  -16.661 1.00 22.47 ? 91  LYS A CE  1 
ATOM   75   N  NZ  . LYS A 1 9   ? -2.702  -8.161  -17.923 1.00 25.20 ? 91  LYS A NZ  1 
ATOM   76   N  N   . TRP A 1 10  ? -4.680  -8.755  -10.817 1.00 9.15  ? 92  TRP A N   1 
ATOM   77   C  CA  . TRP A 1 10  ? -5.975  -9.214  -10.301 1.00 8.39  ? 92  TRP A CA  1 
ATOM   78   C  C   . TRP A 1 10  ? -6.801  -9.595  -11.543 1.00 8.61  ? 92  TRP A C   1 
ATOM   79   O  O   . TRP A 1 10  ? -6.814  -8.809  -12.474 1.00 6.24  ? 92  TRP A O   1 
ATOM   80   C  CB  . TRP A 1 10  ? -6.708  -8.089  -9.516  1.00 7.37  ? 92  TRP A CB  1 
ATOM   81   C  CG  . TRP A 1 10  ? -6.077  -7.796  -8.195  1.00 7.76  ? 92  TRP A CG  1 
ATOM   82   C  CD1 . TRP A 1 10  ? -5.399  -6.678  -7.830  1.00 7.97  ? 92  TRP A CD1 1 
ATOM   83   C  CD2 . TRP A 1 10  ? -5.940  -8.713  -7.087  1.00 6.45  ? 92  TRP A CD2 1 
ATOM   84   N  NE1 . TRP A 1 10  ? -4.870  -6.797  -6.571  1.00 7.45  ? 92  TRP A NE1 1 
ATOM   85   C  CE2 . TRP A 1 10  ? -5.254  -8.015  -6.065  1.00 8.27  ? 92  TRP A CE2 1 
ATOM   86   C  CE3 . TRP A 1 10  ? -6.480  -9.954  -6.800  1.00 6.73  ? 92  TRP A CE3 1 
ATOM   87   C  CZ2 . TRP A 1 10  ? -4.967  -8.586  -4.826  1.00 6.52  ? 92  TRP A CZ2 1 
ATOM   88   C  CZ3 . TRP A 1 10  ? -6.229  -10.536 -5.577  1.00 6.94  ? 92  TRP A CZ3 1 
ATOM   89   C  CH2 . TRP A 1 10  ? -5.466  -9.875  -4.625  1.00 7.09  ? 92  TRP A CH2 1 
ATOM   90   N  N   . ARG A 1 11  ? -7.555  -10.682 -11.402 1.00 10.88 ? 93  ARG A N   1 
ATOM   91   C  CA  . ARG A 1 11  ? -8.397  -11.188 -12.501 1.00 12.21 ? 93  ARG A CA  1 
ATOM   92   C  C   . ARG A 1 11  ? -9.861  -10.832 -12.345 1.00 12.60 ? 93  ARG A C   1 
ATOM   93   O  O   . ARG A 1 11  ? -10.776 -11.477 -12.940 1.00 13.23 ? 93  ARG A O   1 
ATOM   94   C  CB  . ARG A 1 11  ? -8.165  -12.639 -12.797 1.00 14.72 ? 93  ARG A CB  1 
ATOM   95   C  CG  . ARG A 1 11  ? -6.802  -13.191 -13.133 1.00 19.34 ? 93  ARG A CG  1 
ATOM   96   C  CD  . ARG A 1 11  ? -6.185  -12.599 -14.355 1.00 24.10 ? 93  ARG A CD  1 
ATOM   97   N  NE  . ARG A 1 11  ? -4.844  -13.144 -14.622 1.00 26.67 ? 93  ARG A NE  1 
ATOM   98   C  CZ  . ARG A 1 11  ? -4.606  -14.378 -15.077 1.00 29.17 ? 93  ARG A CZ  1 
ATOM   99   N  NH1 . ARG A 1 11  ? -5.561  -15.251 -15.386 1.00 29.18 ? 93  ARG A NH1 1 
ATOM   100  N  NH2 . ARG A 1 11  ? -3.345  -14.819 -15.261 1.00 29.79 ? 93  ARG A NH2 1 
ATOM   101  N  N   . LYS A 1 12  ? -10.147 -9.865  -11.512 1.00 11.94 ? 94  LYS A N   1 
ATOM   102  C  CA  . LYS A 1 12  ? -11.518 -9.367  -11.267 1.00 11.75 ? 94  LYS A CA  1 
ATOM   103  C  C   . LYS A 1 12  ? -11.348 -7.881  -10.979 1.00 10.77 ? 94  LYS A C   1 
ATOM   104  O  O   . LYS A 1 12  ? -10.272 -7.572  -10.470 1.00 10.88 ? 94  LYS A O   1 
ATOM   105  C  CB  . LYS A 1 12  ? -12.278 -10.057 -10.173 1.00 11.07 ? 94  LYS A CB  1 
ATOM   106  C  CG  . LYS A 1 12  ? -11.569 -10.012 -8.781  1.00 11.52 ? 94  LYS A CG  1 
ATOM   107  C  CD  . LYS A 1 12  ? -12.306 -11.081 -7.956  1.00 14.11 ? 94  LYS A CD  1 
ATOM   108  C  CE  . LYS A 1 12  ? -11.799 -11.209 -6.558  1.00 16.10 ? 94  LYS A CE  1 
ATOM   109  N  NZ  . LYS A 1 12  ? -12.212 -10.104 -5.694  1.00 14.93 ? 94  LYS A NZ  1 
ATOM   110  N  N   . THR A 1 13  ? -12.404 -7.118  -11.172 1.00 10.70 ? 95  THR A N   1 
ATOM   111  C  CA  . THR A 1 13  ? -12.345 -5.664  -10.988 1.00 8.89  ? 95  THR A CA  1 
ATOM   112  C  C   . THR A 1 13  ? -12.911 -5.215  -9.678  1.00 8.60  ? 95  THR A C   1 
ATOM   113  O  O   . THR A 1 13  ? -12.700 -4.033  -9.345  1.00 9.68  ? 95  THR A O   1 
ATOM   114  C  CB  . THR A 1 13  ? -13.096 -4.918  -12.188 1.00 9.42  ? 95  THR A CB  1 
ATOM   115  O  OG1 . THR A 1 13  ? -14.439 -5.480  -12.116 1.00 10.27 ? 95  THR A OG1 1 
ATOM   116  C  CG2 . THR A 1 13  ? -12.528 -5.282  -13.577 1.00 9.61  ? 95  THR A CG2 1 
ATOM   117  N  N   . HIS A 1 14  ? -13.671 -6.041  -8.983  1.00 7.63  ? 96  HIS A N   1 
ATOM   118  C  CA  . HIS A 1 14  ? -14.251 -5.698  -7.682  1.00 7.85  ? 96  HIS A CA  1 
ATOM   119  C  C   . HIS A 1 14  ? -13.424 -6.389  -6.598  1.00 8.08  ? 96  HIS A C   1 
ATOM   120  O  O   . HIS A 1 14  ? -13.457 -7.624  -6.544  1.00 9.28  ? 96  HIS A O   1 
ATOM   121  C  CB  . HIS A 1 14  ? -15.746 -5.980  -7.554  1.00 6.69  ? 96  HIS A CB  1 
ATOM   122  C  CG  . HIS A 1 14  ? -16.148 -7.367  -7.932  1.00 7.71  ? 96  HIS A CG  1 
ATOM   123  N  ND1 . HIS A 1 14  ? -16.258 -8.411  -7.034  1.00 8.33  ? 96  HIS A ND1 1 
ATOM   124  C  CD2 . HIS A 1 14  ? -16.297 -7.923  -9.163  1.00 8.41  ? 96  HIS A CD2 1 
ATOM   125  C  CE1 . HIS A 1 14  ? -16.497 -9.534  -7.702  1.00 6.57  ? 96  HIS A CE1 1 
ATOM   126  N  NE2 . HIS A 1 14  ? -16.555 -9.269  -8.969  1.00 6.00  ? 96  HIS A NE2 1 
ATOM   127  N  N   . LEU A 1 15  ? -12.690 -5.644  -5.807  1.00 6.89  ? 97  LEU A N   1 
ATOM   128  C  CA  . LEU A 1 15  ? -11.804 -6.232  -4.782  1.00 6.02  ? 97  LEU A CA  1 
ATOM   129  C  C   . LEU A 1 15  ? -12.246 -5.776  -3.382  1.00 6.02  ? 97  LEU A C   1 
ATOM   130  O  O   . LEU A 1 15  ? -12.742 -4.633  -3.186  1.00 5.85  ? 97  LEU A O   1 
ATOM   131  C  CB  . LEU A 1 15  ? -10.387 -5.739  -5.101  1.00 6.28  ? 97  LEU A CB  1 
ATOM   132  C  CG  . LEU A 1 15  ? -9.729  -5.945  -6.441  1.00 5.60  ? 97  LEU A CG  1 
ATOM   133  C  CD1 . LEU A 1 15  ? -8.328  -5.305  -6.389  1.00 8.23  ? 97  LEU A CD1 1 
ATOM   134  C  CD2 . LEU A 1 15  ? -9.533  -7.406  -6.804  1.00 4.68  ? 97  LEU A CD2 1 
ATOM   135  N  N   . THR A 1 16  ? -12.015 -6.678  -2.416  1.00 5.70  ? 98  THR A N   1 
ATOM   136  C  CA  . THR A 1 16  ? -12.353 -6.311  -0.998  1.00 6.38  ? 98  THR A CA  1 
ATOM   137  C  C   . THR A 1 16  ? -11.066 -6.071  -0.212  1.00 5.78  ? 98  THR A C   1 
ATOM   138  O  O   . THR A 1 16  ? -9.967  -6.474  -0.605  1.00 5.76  ? 98  THR A O   1 
ATOM   139  C  CB  . THR A 1 16  ? -13.242 -7.424  -0.324  1.00 7.48  ? 98  THR A CB  1 
ATOM   140  O  OG1 . THR A 1 16  ? -12.402 -8.582  -0.076  1.00 8.45  ? 98  THR A OG1 1 
ATOM   141  C  CG2 . THR A 1 16  ? -14.522 -7.773  -1.085  1.00 7.84  ? 98  THR A CG2 1 
ATOM   142  N  N   . TYR A 1 17  ? -11.173 -5.443  0.941   1.00 6.14  ? 99  TYR A N   1 
ATOM   143  C  CA  . TYR A 1 17  ? -10.047 -5.168  1.840   1.00 5.74  ? 99  TYR A CA  1 
ATOM   144  C  C   . TYR A 1 17  ? -10.631 -5.185  3.271   1.00 5.57  ? 99  TYR A C   1 
ATOM   145  O  O   . TYR A 1 17  ? -11.818 -4.932  3.416   1.00 6.30  ? 99  TYR A O   1 
ATOM   146  C  CB  . TYR A 1 17  ? -9.351  -3.826  1.591   1.00 4.56  ? 99  TYR A CB  1 
ATOM   147  C  CG  . TYR A 1 17  ? -10.187 -2.637  1.941   1.00 5.66  ? 99  TYR A CG  1 
ATOM   148  C  CD1 . TYR A 1 17  ? -11.200 -2.225  1.093   1.00 5.69  ? 99  TYR A CD1 1 
ATOM   149  C  CD2 . TYR A 1 17  ? -9.941  -1.889  3.095   1.00 8.56  ? 99  TYR A CD2 1 
ATOM   150  C  CE1 . TYR A 1 17  ? -12.004 -1.134  1.403   1.00 7.98  ? 99  TYR A CE1 1 
ATOM   151  C  CE2 . TYR A 1 17  ? -10.752 -0.766  3.432   1.00 8.73  ? 99  TYR A CE2 1 
ATOM   152  C  CZ  . TYR A 1 17  ? -11.777 -0.433  2.590   1.00 7.88  ? 99  TYR A CZ  1 
ATOM   153  O  OH  . TYR A 1 17  ? -12.557 0.654   2.850   1.00 11.58 ? 99  TYR A OH  1 
ATOM   154  N  N   . ARG A 1 18  ? -9.809  -5.585  4.186   1.00 6.33  ? 100 ARG A N   1 
ATOM   155  C  CA  . ARG A 1 18  ? -10.131 -5.710  5.605   1.00 5.90  ? 100 ARG A CA  1 
ATOM   156  C  C   . ARG A 1 18  ? -8.914  -5.246  6.412   1.00 5.42  ? 100 ARG A C   1 
ATOM   157  O  O   . ARG A 1 18  ? -7.809  -5.745  6.149   1.00 7.00  ? 100 ARG A O   1 
ATOM   158  C  CB  . ARG A 1 18  ? -10.450 -7.173  5.946   1.00 6.70  ? 100 ARG A CB  1 
ATOM   159  C  CG  . ARG A 1 18  ? -10.653 -7.444  7.445   1.00 6.69  ? 100 ARG A CG  1 
ATOM   160  C  CD  . ARG A 1 18  ? -10.977 -8.874  7.706   1.00 7.87  ? 100 ARG A CD  1 
ATOM   161  N  NE  . ARG A 1 18  ? -10.998 -9.139  9.127   1.00 9.67  ? 100 ARG A NE  1 
ATOM   162  C  CZ  . ARG A 1 18  ? -11.026 -10.360 9.671   1.00 9.54  ? 100 ARG A CZ  1 
ATOM   163  N  NH1 . ARG A 1 18  ? -11.049 -11.440 8.931   1.00 9.75  ? 100 ARG A NH1 1 
ATOM   164  N  NH2 . ARG A 1 18  ? -10.896 -10.466 11.001  1.00 9.59  ? 100 ARG A NH2 1 
ATOM   165  N  N   . ILE A 1 19  ? -9.099  -4.329  7.287   1.00 5.05  ? 101 ILE A N   1 
ATOM   166  C  CA  . ILE A 1 19  ? -8.111  -3.818  8.251   1.00 5.17  ? 101 ILE A CA  1 
ATOM   167  C  C   . ILE A 1 19  ? -8.307  -4.717  9.517   1.00 6.62  ? 101 ILE A C   1 
ATOM   168  O  O   . ILE A 1 19  ? -9.398  -4.718  10.124  1.00 6.55  ? 101 ILE A O   1 
ATOM   169  C  CB  . ILE A 1 19  ? -8.384  -2.323  8.611   1.00 3.13  ? 101 ILE A CB  1 
ATOM   170  C  CG1 . ILE A 1 19  ? -8.400  -1.475  7.319   1.00 2.00  ? 101 ILE A CG1 1 
ATOM   171  C  CG2 . ILE A 1 19  ? -7.317  -1.792  9.627   1.00 2.49  ? 101 ILE A CG2 1 
ATOM   172  C  CD1 . ILE A 1 19  ? -8.826  -0.009  7.461   1.00 2.00  ? 101 ILE A CD1 1 
ATOM   173  N  N   . VAL A 1 20  ? -7.324  -5.560  9.710   1.00 6.30  ? 102 VAL A N   1 
ATOM   174  C  CA  . VAL A 1 20  ? -7.317  -6.553  10.760  1.00 8.69  ? 102 VAL A CA  1 
ATOM   175  C  C   . VAL A 1 20  ? -7.172  -6.060  12.198  1.00 9.91  ? 102 VAL A C   1 
ATOM   176  O  O   . VAL A 1 20  ? -7.907  -6.506  13.097  1.00 11.32 ? 102 VAL A O   1 
ATOM   177  C  CB  . VAL A 1 20  ? -6.262  -7.636  10.370  1.00 8.12  ? 102 VAL A CB  1 
ATOM   178  C  CG1 . VAL A 1 20  ? -6.134  -8.669  11.459  1.00 8.01  ? 102 VAL A CG1 1 
ATOM   179  C  CG2 . VAL A 1 20  ? -6.773  -8.283  9.073   1.00 9.05  ? 102 VAL A CG2 1 
ATOM   180  N  N   . ASN A 1 21  ? -6.158  -5.262  12.413  1.00 9.18  ? 103 ASN A N   1 
ATOM   181  C  CA  . ASN A 1 21  ? -5.907  -4.754  13.793  1.00 9.88  ? 103 ASN A CA  1 
ATOM   182  C  C   . ASN A 1 21  ? -5.410  -3.334  13.597  1.00 8.86  ? 103 ASN A C   1 
ATOM   183  O  O   . ASN A 1 21  ? -5.129  -2.952  12.450  1.00 8.68  ? 103 ASN A O   1 
ATOM   184  C  CB  . ASN A 1 21  ? -5.012  -5.795  14.494  1.00 8.61  ? 103 ASN A CB  1 
ATOM   185  C  CG  . ASN A 1 21  ? -3.752  -6.020  13.659  1.00 8.56  ? 103 ASN A CG  1 
ATOM   186  O  OD1 . ASN A 1 21  ? -3.478  -5.166  12.795  1.00 8.59  ? 103 ASN A OD1 1 
ATOM   187  N  ND2 . ASN A 1 21  ? -3.061  -7.124  13.849  1.00 9.29  ? 103 ASN A ND2 1 
ATOM   188  N  N   . TYR A 1 22  ? -5.306  -2.588  14.670  1.00 9.30  ? 104 TYR A N   1 
ATOM   189  C  CA  . TYR A 1 22  ? -4.934  -1.172  14.645  1.00 8.54  ? 104 TYR A CA  1 
ATOM   190  C  C   . TYR A 1 22  ? -3.643  -0.919  15.360  1.00 9.70  ? 104 TYR A C   1 
ATOM   191  O  O   . TYR A 1 22  ? -3.162  -1.692  16.192  1.00 11.03 ? 104 TYR A O   1 
ATOM   192  C  CB  . TYR A 1 22  ? -6.102  -0.280  15.157  1.00 6.64  ? 104 TYR A CB  1 
ATOM   193  C  CG  . TYR A 1 22  ? -7.260  -0.239  14.200  1.00 7.43  ? 104 TYR A CG  1 
ATOM   194  C  CD1 . TYR A 1 22  ? -8.144  -1.312  14.051  1.00 7.48  ? 104 TYR A CD1 1 
ATOM   195  C  CD2 . TYR A 1 22  ? -7.452  0.869   13.351  1.00 8.13  ? 104 TYR A CD2 1 
ATOM   196  C  CE1 . TYR A 1 22  ? -9.188  -1.287  13.142  1.00 7.13  ? 104 TYR A CE1 1 
ATOM   197  C  CE2 . TYR A 1 22  ? -8.560  0.929   12.503  1.00 8.60  ? 104 TYR A CE2 1 
ATOM   198  C  CZ  . TYR A 1 22  ? -9.415  -0.146  12.387  1.00 7.45  ? 104 TYR A CZ  1 
ATOM   199  O  OH  . TYR A 1 22  ? -10.462 -0.060  11.495  1.00 8.22  ? 104 TYR A OH  1 
ATOM   200  N  N   . THR A 1 23  ? -3.016  0.165   14.998  1.00 10.09 ? 105 THR A N   1 
ATOM   201  C  CA  . THR A 1 23  ? -1.755  0.658   15.570  1.00 9.65  ? 105 THR A CA  1 
ATOM   202  C  C   . THR A 1 23  ? -2.098  1.551   16.777  1.00 9.26  ? 105 THR A C   1 
ATOM   203  O  O   . THR A 1 23  ? -3.036  2.349   16.714  1.00 8.92  ? 105 THR A O   1 
ATOM   204  C  CB  . THR A 1 23  ? -0.996  1.500   14.475  1.00 8.49  ? 105 THR A CB  1 
ATOM   205  O  OG1 . THR A 1 23  ? 0.156   2.073   15.139  1.00 9.73  ? 105 THR A OG1 1 
ATOM   206  C  CG2 . THR A 1 23  ? -1.828  2.618   13.814  1.00 8.12  ? 105 THR A CG2 1 
ATOM   207  N  N   . PRO A 1 24  ? -1.287  1.410   17.819  1.00 9.89  ? 106 PRO A N   1 
ATOM   208  C  CA  . PRO A 1 24  ? -1.482  2.227   19.028  1.00 10.91 ? 106 PRO A CA  1 
ATOM   209  C  C   . PRO A 1 24  ? -1.270  3.706   18.693  1.00 12.26 ? 106 PRO A C   1 
ATOM   210  O  O   . PRO A 1 24  ? -1.792  4.595   19.365  1.00 13.35 ? 106 PRO A O   1 
ATOM   211  C  CB  . PRO A 1 24  ? -0.429  1.704   20.001  1.00 10.77 ? 106 PRO A CB  1 
ATOM   212  C  CG  . PRO A 1 24  ? -0.115  0.287   19.513  1.00 11.51 ? 106 PRO A CG  1 
ATOM   213  C  CD  . PRO A 1 24  ? -0.183  0.449   17.969  1.00 10.28 ? 106 PRO A CD  1 
ATOM   214  N  N   . ASP A 1 25  ? -0.413  3.985   17.736  1.00 12.12 ? 107 ASP A N   1 
ATOM   215  C  CA  . ASP A 1 25  ? 0.053   5.247   17.283  1.00 13.02 ? 107 ASP A CA  1 
ATOM   216  C  C   . ASP A 1 25  ? -0.977  6.327   16.949  1.00 12.12 ? 107 ASP A C   1 
ATOM   217  O  O   . ASP A 1 25  ? -0.632  7.518   16.966  1.00 12.30 ? 107 ASP A O   1 
ATOM   218  C  CB  . ASP A 1 25  ? 0.967   5.005   16.062  1.00 15.89 ? 107 ASP A CB  1 
ATOM   219  C  CG  . ASP A 1 25  ? 2.205   4.234   16.498  1.00 19.35 ? 107 ASP A CG  1 
ATOM   220  O  OD1 . ASP A 1 25  ? 2.346   3.924   17.699  1.00 20.99 ? 107 ASP A OD1 1 
ATOM   221  O  OD2 . ASP A 1 25  ? 3.013   3.985   15.583  1.00 18.53 ? 107 ASP A OD2 1 
ATOM   222  N  N   . LEU A 1 26  ? -2.117  5.917   16.468  1.00 11.30 ? 108 LEU A N   1 
ATOM   223  C  CA  . LEU A 1 26  ? -3.163  6.815   15.990  1.00 10.99 ? 108 LEU A CA  1 
ATOM   224  C  C   . LEU A 1 26  ? -4.554  6.361   16.421  1.00 11.33 ? 108 LEU A C   1 
ATOM   225  O  O   . LEU A 1 26  ? -4.769  5.174   16.635  1.00 11.59 ? 108 LEU A O   1 
ATOM   226  C  CB  . LEU A 1 26  ? -3.115  6.702   14.437  1.00 7.73  ? 108 LEU A CB  1 
ATOM   227  C  CG  . LEU A 1 26  ? -1.901  7.244   13.711  1.00 8.36  ? 108 LEU A CG  1 
ATOM   228  C  CD1 . LEU A 1 26  ? -2.048  6.990   12.209  1.00 9.22  ? 108 LEU A CD1 1 
ATOM   229  C  CD2 . LEU A 1 26  ? -1.826  8.744   13.975  1.00 8.01  ? 108 LEU A CD2 1 
ATOM   230  N  N   . PRO A 1 27  ? -5.469  7.314   16.294  1.00 11.93 ? 109 PRO A N   1 
ATOM   231  C  CA  . PRO A 1 27  ? -6.903  6.982   16.539  1.00 12.83 ? 109 PRO A CA  1 
ATOM   232  C  C   . PRO A 1 27  ? -7.302  6.070   15.346  1.00 13.24 ? 109 PRO A C   1 
ATOM   233  O  O   . PRO A 1 27  ? -6.622  6.150   14.317  1.00 13.40 ? 109 PRO A O   1 
ATOM   234  C  CB  . PRO A 1 27  ? -7.602  8.323   16.389  1.00 12.54 ? 109 PRO A CB  1 
ATOM   235  C  CG  . PRO A 1 27  ? -6.536  9.344   16.683  1.00 12.63 ? 109 PRO A CG  1 
ATOM   236  C  CD  . PRO A 1 27  ? -5.261  8.745   16.091  1.00 12.08 ? 109 PRO A CD  1 
ATOM   237  N  N   . LYS A 1 28  ? -8.297  5.252   15.551  1.00 13.78 ? 110 LYS A N   1 
ATOM   238  C  CA  . LYS A 1 28  ? -8.836  4.379   14.513  1.00 14.68 ? 110 LYS A CA  1 
ATOM   239  C  C   . LYS A 1 28  ? -9.388  5.152   13.346  1.00 14.93 ? 110 LYS A C   1 
ATOM   240  O  O   . LYS A 1 28  ? -9.221  4.735   12.191  1.00 14.71 ? 110 LYS A O   1 
ATOM   241  C  CB  . LYS A 1 28  ? -9.818  3.332   15.059  1.00 15.71 ? 110 LYS A CB  1 
ATOM   242  C  CG  . LYS A 1 28  ? -9.035  2.479   16.097  1.00 17.85 ? 110 LYS A CG  1 
ATOM   243  C  CD  . LYS A 1 28  ? -9.701  1.230   16.558  1.00 18.22 ? 110 LYS A CD  1 
ATOM   244  C  CE  . LYS A 1 28  ? -10.923 1.356   17.419  1.00 17.44 ? 110 LYS A CE  1 
ATOM   245  N  NZ  . LYS A 1 28  ? -11.437 -0.021  17.667  1.00 16.73 ? 110 LYS A NZ  1 
ATOM   246  N  N   . ASP A 1 29  ? -10.034 6.269   13.626  1.00 15.70 ? 111 ASP A N   1 
ATOM   247  C  CA  . ASP A 1 29  ? -10.595 7.131   12.542  1.00 14.96 ? 111 ASP A CA  1 
ATOM   248  C  C   . ASP A 1 29  ? -9.463  7.490   11.581  1.00 14.17 ? 111 ASP A C   1 
ATOM   249  O  O   . ASP A 1 29  ? -9.604  7.362   10.358  1.00 14.60 ? 111 ASP A O   1 
ATOM   250  C  CB  . ASP A 1 29  ? -11.377 8.302   13.093  0.40 16.10 ? 111 ASP A CB  1 
ATOM   251  C  CG  . ASP A 1 29  ? -12.736 7.876   13.629  0.40 18.02 ? 111 ASP A CG  1 
ATOM   252  O  OD1 . ASP A 1 29  ? -12.852 7.272   14.701  0.40 18.40 ? 111 ASP A OD1 1 
ATOM   253  O  OD2 . ASP A 1 29  ? -13.708 8.144   12.882  0.40 19.27 ? 111 ASP A OD2 1 
ATOM   254  N  N   . ALA A 1 30  ? -8.359  7.951   12.151  1.00 12.72 ? 112 ALA A N   1 
ATOM   255  C  CA  . ALA A 1 30  ? -7.198  8.334   11.394  1.00 11.13 ? 112 ALA A CA  1 
ATOM   256  C  C   . ALA A 1 30  ? -6.659  7.201   10.535  1.00 10.81 ? 112 ALA A C   1 
ATOM   257  O  O   . ALA A 1 30  ? -6.162  7.504   9.438   1.00 10.77 ? 112 ALA A O   1 
ATOM   258  C  CB  . ALA A 1 30  ? -6.133  8.983   12.278  1.00 9.46  ? 112 ALA A CB  1 
ATOM   259  N  N   . VAL A 1 31  ? -6.667  5.947   11.017  1.00 10.55 ? 113 VAL A N   1 
ATOM   260  C  CA  . VAL A 1 31  ? -6.122  4.879   10.201  1.00 9.49  ? 113 VAL A CA  1 
ATOM   261  C  C   . VAL A 1 31  ? -7.171  4.546   9.116   1.00 10.10 ? 113 VAL A C   1 
ATOM   262  O  O   . VAL A 1 31  ? -6.814  4.309   7.941   1.00 10.60 ? 113 VAL A O   1 
ATOM   263  C  CB  . VAL A 1 31  ? -5.414  3.722   10.841  1.00 7.80  ? 113 VAL A CB  1 
ATOM   264  C  CG1 . VAL A 1 31  ? -4.869  3.970   12.272  1.00 6.34  ? 113 VAL A CG1 1 
ATOM   265  C  CG2 . VAL A 1 31  ? -5.957  2.350   10.737  1.00 7.57  ? 113 VAL A CG2 1 
ATOM   266  N  N   . ASP A 1 32  ? -8.426  4.544   9.476   1.00 9.65  ? 114 ASP A N   1 
ATOM   267  C  CA  . ASP A 1 32  ? -9.470  4.246   8.455   1.00 11.54 ? 114 ASP A CA  1 
ATOM   268  C  C   . ASP A 1 32  ? -9.338  5.167   7.255   1.00 11.77 ? 114 ASP A C   1 
ATOM   269  O  O   . ASP A 1 32  ? -9.250  4.712   6.104   1.00 13.53 ? 114 ASP A O   1 
ATOM   270  C  CB  . ASP A 1 32  ? -10.853 4.166   9.089   1.00 10.65 ? 114 ASP A CB  1 
ATOM   271  C  CG  . ASP A 1 32  ? -10.974 2.869   9.862   1.00 12.13 ? 114 ASP A CG  1 
ATOM   272  O  OD1 . ASP A 1 32  ? -10.041 2.037   9.897   1.00 13.34 ? 114 ASP A OD1 1 
ATOM   273  O  OD2 . ASP A 1 32  ? -12.098 2.664   10.322  1.00 13.59 ? 114 ASP A OD2 1 
ATOM   274  N  N   . SER A 1 33  ? -9.176  6.430   7.525   1.00 12.28 ? 115 SER A N   1 
ATOM   275  C  CA  . SER A 1 33  ? -9.084  7.453   6.486   1.00 13.05 ? 115 SER A CA  1 
ATOM   276  C  C   . SER A 1 33  ? -7.803  7.452   5.715   1.00 12.70 ? 115 SER A C   1 
ATOM   277  O  O   . SER A 1 33  ? -7.876  7.765   4.489   1.00 14.12 ? 115 SER A O   1 
ATOM   278  C  CB  . SER A 1 33  ? -9.693  8.751   6.895   1.00 13.25 ? 115 SER A CB  1 
ATOM   279  O  OG  . SER A 1 33  ? -8.937  9.341   7.902   1.00 15.33 ? 115 SER A OG  1 
ATOM   280  N  N   . ALA A 1 34  ? -6.689  7.109   6.291   1.00 11.56 ? 116 ALA A N   1 
ATOM   281  C  CA  . ALA A 1 34  ? -5.398  6.987   5.611   1.00 10.75 ? 116 ALA A CA  1 
ATOM   282  C  C   . ALA A 1 34  ? -5.487  5.907   4.513   1.00 10.50 ? 116 ALA A C   1 
ATOM   283  O  O   . ALA A 1 34  ? -4.972  6.020   3.383   1.00 11.25 ? 116 ALA A O   1 
ATOM   284  C  CB  . ALA A 1 34  ? -4.332  6.536   6.597   1.00 11.21 ? 116 ALA A CB  1 
ATOM   285  N  N   . VAL A 1 35  ? -5.973  4.752   4.954   1.00 10.06 ? 117 VAL A N   1 
ATOM   286  C  CA  . VAL A 1 35  ? -6.172  3.584   4.123   1.00 9.34  ? 117 VAL A CA  1 
ATOM   287  C  C   . VAL A 1 35  ? -7.169  3.874   2.998   1.00 10.29 ? 117 VAL A C   1 
ATOM   288  O  O   . VAL A 1 35  ? -6.897  3.568   1.842   1.00 10.13 ? 117 VAL A O   1 
ATOM   289  C  CB  . VAL A 1 35  ? -6.528  2.374   4.986   1.00 9.11  ? 117 VAL A CB  1 
ATOM   290  C  CG1 . VAL A 1 35  ? -6.970  1.173   4.122   1.00 9.39  ? 117 VAL A CG1 1 
ATOM   291  C  CG2 . VAL A 1 35  ? -5.356  2.007   5.879   1.00 8.97  ? 117 VAL A CG2 1 
ATOM   292  N  N   . GLU A 1 36  ? -8.326  4.397   3.397   1.00 11.90 ? 118 GLU A N   1 
ATOM   293  C  CA  . GLU A 1 36  ? -9.400  4.689   2.450   1.00 14.20 ? 118 GLU A CA  1 
ATOM   294  C  C   . GLU A 1 36  ? -8.975  5.726   1.423   1.00 13.80 ? 118 GLU A C   1 
ATOM   295  O  O   . GLU A 1 36  ? -9.206  5.508   0.224   1.00 13.55 ? 118 GLU A O   1 
ATOM   296  C  CB  . GLU A 1 36  ? -10.720 5.001   3.125   1.00 17.23 ? 118 GLU A CB  1 
ATOM   297  C  CG  . GLU A 1 36  ? -11.201 3.796   3.965   1.00 22.32 ? 118 GLU A CG  1 
ATOM   298  C  CD  . GLU A 1 36  ? -12.541 3.925   4.637   1.00 24.97 ? 118 GLU A CD  1 
ATOM   299  O  OE1 . GLU A 1 36  ? -12.926 4.967   5.174   1.00 25.45 ? 118 GLU A OE1 1 
ATOM   300  O  OE2 . GLU A 1 36  ? -13.131 2.801   4.637   1.00 23.23 ? 118 GLU A OE2 1 
ATOM   301  N  N   . LYS A 1 37  ? -8.211  6.704   1.839   1.00 14.27 ? 119 LYS A N   1 
ATOM   302  C  CA  . LYS A 1 37  ? -7.708  7.722   0.926   1.00 15.01 ? 119 LYS A CA  1 
ATOM   303  C  C   . LYS A 1 37  ? -6.714  7.100   -0.037  1.00 14.51 ? 119 LYS A C   1 
ATOM   304  O  O   . LYS A 1 37  ? -6.707  7.404   -1.259  1.00 14.34 ? 119 LYS A O   1 
ATOM   305  C  CB  . LYS A 1 37  ? -7.265  9.001   1.611   1.00 19.78 ? 119 LYS A CB  1 
ATOM   306  C  CG  . LYS A 1 37  ? -8.453  9.727   2.309   1.00 25.04 ? 119 LYS A CG  1 
ATOM   307  C  CD  . LYS A 1 37  ? -8.125  11.195  2.604   1.00 28.93 ? 119 LYS A CD  1 
ATOM   308  C  CE  . LYS A 1 37  ? -9.278  11.983  3.209   1.00 31.69 ? 119 LYS A CE  1 
ATOM   309  N  NZ  . LYS A 1 37  ? -8.910  13.430  3.432   1.00 32.84 ? 119 LYS A NZ  1 
ATOM   310  N  N   . ALA A 1 38  ? -5.962  6.113   0.456   1.00 12.96 ? 120 ALA A N   1 
ATOM   311  C  CA  . ALA A 1 38  ? -4.940  5.434   -0.328  1.00 11.98 ? 120 ALA A CA  1 
ATOM   312  C  C   . ALA A 1 38  ? -5.526  4.536   -1.409  1.00 11.52 ? 120 ALA A C   1 
ATOM   313  O  O   . ALA A 1 38  ? -4.863  4.375   -2.469  1.00 12.01 ? 120 ALA A O   1 
ATOM   314  C  CB  . ALA A 1 38  ? -3.992  4.614   0.564   1.00 11.27 ? 120 ALA A CB  1 
ATOM   315  N  N   . LEU A 1 39  ? -6.652  3.932   -1.136  1.00 10.23 ? 121 LEU A N   1 
ATOM   316  C  CA  . LEU A 1 39  ? -7.273  3.004   -2.108  1.00 10.64 ? 121 LEU A CA  1 
ATOM   317  C  C   . LEU A 1 39  ? -7.955  3.790   -3.242  1.00 11.59 ? 121 LEU A C   1 
ATOM   318  O  O   . LEU A 1 39  ? -8.047  3.256   -4.369  1.00 11.26 ? 121 LEU A O   1 
ATOM   319  C  CB  . LEU A 1 39  ? -8.306  2.156   -1.346  1.00 8.88  ? 121 LEU A CB  1 
ATOM   320  C  CG  . LEU A 1 39  ? -7.716  1.148   -0.355  1.00 9.15  ? 121 LEU A CG  1 
ATOM   321  C  CD1 . LEU A 1 39  ? -8.880  0.501   0.437   1.00 9.27  ? 121 LEU A CD1 1 
ATOM   322  C  CD2 . LEU A 1 39  ? -6.987  0.076   -1.161  1.00 7.51  ? 121 LEU A CD2 1 
ATOM   323  N  N   . LYS A 1 40  ? -8.444  4.925   -2.857  1.00 11.53 ? 122 LYS A N   1 
ATOM   324  C  CA  . LYS A 1 40  ? -9.215  5.849   -3.717  1.00 12.90 ? 122 LYS A CA  1 
ATOM   325  C  C   . LYS A 1 40  ? -8.249  6.483   -4.741  1.00 12.02 ? 122 LYS A C   1 
ATOM   326  O  O   . LYS A 1 40  ? -8.683  6.735   -5.850  1.00 12.49 ? 122 LYS A O   1 
ATOM   327  C  CB  . LYS A 1 40  ? -9.681  7.007   -2.855  1.00 16.00 ? 122 LYS A CB  1 
ATOM   328  C  CG  . LYS A 1 40  ? -10.818 7.897   -3.370  1.00 20.10 ? 122 LYS A CG  1 
ATOM   329  C  CD  . LYS A 1 40  ? -10.766 9.156   -2.484  1.00 24.55 ? 122 LYS A CD  1 
ATOM   330  C  CE  . LYS A 1 40  ? -11.874 10.148  -2.595  1.00 27.26 ? 122 LYS A CE  1 
ATOM   331  N  NZ  . LYS A 1 40  ? -11.575 11.317  -1.704  1.00 29.25 ? 122 LYS A NZ  1 
ATOM   332  N  N   . VAL A 1 41  ? -7.063  6.800   -4.303  1.00 11.00 ? 123 VAL A N   1 
ATOM   333  C  CA  . VAL A 1 41  ? -6.025  7.332   -5.183  1.00 10.33 ? 123 VAL A CA  1 
ATOM   334  C  C   . VAL A 1 41  ? -5.947  6.395   -6.393  1.00 9.69  ? 123 VAL A C   1 
ATOM   335  O  O   . VAL A 1 41  ? -6.079  6.885   -7.529  1.00 10.48 ? 123 VAL A O   1 
ATOM   336  C  CB  . VAL A 1 41  ? -4.661  7.374   -4.466  1.00 11.94 ? 123 VAL A CB  1 
ATOM   337  C  CG1 . VAL A 1 41  ? -3.527  7.455   -5.451  1.00 11.61 ? 123 VAL A CG1 1 
ATOM   338  C  CG2 . VAL A 1 41  ? -4.612  8.493   -3.458  1.00 12.20 ? 123 VAL A CG2 1 
ATOM   339  N  N   . TRP A 1 42  ? -5.830  5.111   -6.066  1.00 8.02  ? 124 TRP A N   1 
ATOM   340  C  CA  . TRP A 1 42  ? -5.718  4.048   -7.064  1.00 6.64  ? 124 TRP A CA  1 
ATOM   341  C  C   . TRP A 1 42  ? -6.961  3.684   -7.848  1.00 6.90  ? 124 TRP A C   1 
ATOM   342  O  O   . TRP A 1 42  ? -6.900  3.183   -8.990  1.00 7.53  ? 124 TRP A O   1 
ATOM   343  C  CB  . TRP A 1 42  ? -5.061  2.801   -6.484  1.00 6.12  ? 124 TRP A CB  1 
ATOM   344  C  CG  . TRP A 1 42  ? -3.638  2.928   -6.135  1.00 6.03  ? 124 TRP A CG  1 
ATOM   345  C  CD1 . TRP A 1 42  ? -3.104  3.010   -4.860  1.00 5.69  ? 124 TRP A CD1 1 
ATOM   346  C  CD2 . TRP A 1 42  ? -2.522  3.074   -7.052  1.00 5.66  ? 124 TRP A CD2 1 
ATOM   347  N  NE1 . TRP A 1 42  ? -1.735  3.148   -4.962  1.00 4.14  ? 124 TRP A NE1 1 
ATOM   348  C  CE2 . TRP A 1 42  ? -1.350  3.177   -6.261  1.00 4.18  ? 124 TRP A CE2 1 
ATOM   349  C  CE3 . TRP A 1 42  ? -2.424  3.141   -8.424  1.00 4.55  ? 124 TRP A CE3 1 
ATOM   350  C  CZ2 . TRP A 1 42  ? -0.109  3.443   -6.800  1.00 4.90  ? 124 TRP A CZ2 1 
ATOM   351  C  CZ3 . TRP A 1 42  ? -1.174  3.280   -8.976  1.00 3.84  ? 124 TRP A CZ3 1 
ATOM   352  C  CH2 . TRP A 1 42  ? -0.027  3.420   -8.206  1.00 5.68  ? 124 TRP A CH2 1 
ATOM   353  N  N   . GLU A 1 43  ? -8.119  3.818   -7.265  1.00 6.74  ? 125 GLU A N   1 
ATOM   354  C  CA  . GLU A 1 43  ? -9.417  3.556   -7.755  1.00 8.36  ? 125 GLU A CA  1 
ATOM   355  C  C   . GLU A 1 43  ? -9.837  4.586   -8.817  1.00 10.28 ? 125 GLU A C   1 
ATOM   356  O  O   . GLU A 1 43  ? -10.572 4.310   -9.795  1.00 10.55 ? 125 GLU A O   1 
ATOM   357  C  CB  . GLU A 1 43  ? -10.399 3.667   -6.548  1.00 9.58  ? 125 GLU A CB  1 
ATOM   358  C  CG  . GLU A 1 43  ? -11.696 2.901   -6.755  1.00 10.28 ? 125 GLU A CG  1 
ATOM   359  C  CD  . GLU A 1 43  ? -12.724 3.059   -5.689  1.00 12.27 ? 125 GLU A CD  1 
ATOM   360  O  OE1 . GLU A 1 43  ? -13.319 4.166   -5.808  1.00 15.82 ? 125 GLU A OE1 1 
ATOM   361  O  OE2 . GLU A 1 43  ? -12.997 2.249   -4.835  1.00 11.25 ? 125 GLU A OE2 1 
ATOM   362  N  N   . GLU A 1 44  ? -9.307  5.793   -8.660  1.00 11.02 ? 126 GLU A N   1 
ATOM   363  C  CA  . GLU A 1 44  ? -9.555  6.861   -9.618  1.00 11.77 ? 126 GLU A CA  1 
ATOM   364  C  C   . GLU A 1 44  ? -8.875  6.654   -10.953 1.00 11.06 ? 126 GLU A C   1 
ATOM   365  O  O   . GLU A 1 44  ? -9.414  7.191   -11.955 1.00 12.24 ? 126 GLU A O   1 
ATOM   366  C  CB  . GLU A 1 44  ? -9.153  8.216   -9.067  1.00 12.41 ? 126 GLU A CB  1 
ATOM   367  C  CG  . GLU A 1 44  ? -10.020 8.558   -7.824  1.00 17.68 ? 126 GLU A CG  1 
ATOM   368  C  CD  . GLU A 1 44  ? -9.630  9.916   -7.282  1.00 19.80 ? 126 GLU A CD  1 
ATOM   369  O  OE1 . GLU A 1 44  ? -8.538  10.383  -7.634  1.00 21.07 ? 126 GLU A OE1 1 
ATOM   370  O  OE2 . GLU A 1 44  ? -10.547 10.383  -6.592  1.00 19.64 ? 126 GLU A OE2 1 
ATOM   371  N  N   . VAL A 1 45  ? -7.800  5.913   -11.036 1.00 9.62  ? 127 VAL A N   1 
ATOM   372  C  CA  . VAL A 1 45  ? -7.097  5.734   -12.336 1.00 8.51  ? 127 VAL A CA  1 
ATOM   373  C  C   . VAL A 1 45  ? -7.124  4.325   -12.849 1.00 8.73  ? 127 VAL A C   1 
ATOM   374  O  O   . VAL A 1 45  ? -6.215  3.933   -13.630 1.00 8.50  ? 127 VAL A O   1 
ATOM   375  C  CB  . VAL A 1 45  ? -5.654  6.300   -12.212 1.00 7.48  ? 127 VAL A CB  1 
ATOM   376  C  CG1 . VAL A 1 45  ? -5.638  7.808   -11.920 1.00 5.78  ? 127 VAL A CG1 1 
ATOM   377  C  CG2 . VAL A 1 45  ? -4.954  5.555   -11.063 1.00 9.47  ? 127 VAL A CG2 1 
ATOM   378  N  N   . THR A 1 46  ? -8.042  3.509   -12.362 1.00 9.21  ? 128 THR A N   1 
ATOM   379  C  CA  . THR A 1 46  ? -8.165  2.099   -12.818 1.00 8.34  ? 128 THR A CA  1 
ATOM   380  C  C   . THR A 1 46  ? -9.662  1.805   -12.789 1.00 7.95  ? 128 THR A C   1 
ATOM   381  O  O   . THR A 1 46  ? -10.404 2.477   -12.061 1.00 8.08  ? 128 THR A O   1 
ATOM   382  C  CB  . THR A 1 46  ? -7.374  1.083   -11.884 1.00 6.89  ? 128 THR A CB  1 
ATOM   383  O  OG1 . THR A 1 46  ? -7.964  1.160   -10.547 1.00 7.06  ? 128 THR A OG1 1 
ATOM   384  C  CG2 . THR A 1 46  ? -5.875  1.361   -11.701 1.00 6.90  ? 128 THR A CG2 1 
ATOM   385  N  N   . PRO A 1 47  ? -10.048 0.803   -13.549 1.00 7.89  ? 129 PRO A N   1 
ATOM   386  C  CA  . PRO A 1 47  ? -11.433 0.341   -13.518 1.00 9.03  ? 129 PRO A CA  1 
ATOM   387  C  C   . PRO A 1 47  ? -11.706 -0.525  -12.267 1.00 8.38  ? 129 PRO A C   1 
ATOM   388  O  O   . PRO A 1 47  ? -12.782 -1.102  -12.251 1.00 6.88  ? 129 PRO A O   1 
ATOM   389  C  CB  . PRO A 1 47  ? -11.525 -0.564  -14.786 1.00 8.29  ? 129 PRO A CB  1 
ATOM   390  C  CG  . PRO A 1 47  ? -10.169 -1.157  -14.835 1.00 8.47  ? 129 PRO A CG  1 
ATOM   391  C  CD  . PRO A 1 47  ? -9.241  0.033   -14.477 1.00 8.77  ? 129 PRO A CD  1 
ATOM   392  N  N   . LEU A 1 48  ? -10.825 -0.553  -11.276 1.00 9.67  ? 130 LEU A N   1 
ATOM   393  C  CA  . LEU A 1 48  ? -11.083 -1.377  -10.058 1.00 9.67  ? 130 LEU A CA  1 
ATOM   394  C  C   . LEU A 1 48  ? -11.936 -0.611  -9.046  1.00 9.14  ? 130 LEU A C   1 
ATOM   395  O  O   . LEU A 1 48  ? -11.964 0.615   -9.021  1.00 9.61  ? 130 LEU A O   1 
ATOM   396  C  CB  . LEU A 1 48  ? -9.758  -1.761  -9.409  1.00 10.45 ? 130 LEU A CB  1 
ATOM   397  C  CG  . LEU A 1 48  ? -8.707  -2.502  -10.200 1.00 11.25 ? 130 LEU A CG  1 
ATOM   398  C  CD1 . LEU A 1 48  ? -7.414  -2.596  -9.403  1.00 10.68 ? 130 LEU A CD1 1 
ATOM   399  C  CD2 . LEU A 1 48  ? -9.225  -3.916  -10.497 1.00 11.23 ? 130 LEU A CD2 1 
ATOM   400  N  N   . THR A 1 49  ? -12.589 -1.404  -8.185  1.00 8.24  ? 131 THR A N   1 
ATOM   401  C  CA  . THR A 1 49  ? -13.425 -0.957  -7.109  1.00 8.91  ? 131 THR A CA  1 
ATOM   402  C  C   . THR A 1 49  ? -13.111 -1.792  -5.842  1.00 9.49  ? 131 THR A C   1 
ATOM   403  O  O   . THR A 1 49  ? -12.730 -2.954  -5.929  1.00 9.40  ? 131 THR A O   1 
ATOM   404  C  CB  . THR A 1 49  ? -14.963 -0.877  -7.371  1.00 10.43 ? 131 THR A CB  1 
ATOM   405  O  OG1 . THR A 1 49  ? -15.356 -2.206  -7.814  1.00 13.57 ? 131 THR A OG1 1 
ATOM   406  C  CG2 . THR A 1 49  ? -15.335 0.197   -8.420  1.00 10.65 ? 131 THR A CG2 1 
ATOM   407  N  N   . PHE A 1 50  ? -13.064 -1.060  -4.738  1.00 9.64  ? 132 PHE A N   1 
ATOM   408  C  CA  . PHE A 1 50  ? -12.674 -1.624  -3.443  1.00 9.84  ? 132 PHE A CA  1 
ATOM   409  C  C   . PHE A 1 50  ? -13.870 -1.514  -2.497  1.00 11.00 ? 132 PHE A C   1 
ATOM   410  O  O   . PHE A 1 50  ? -14.577 -0.489  -2.535  1.00 11.34 ? 132 PHE A O   1 
ATOM   411  C  CB  . PHE A 1 50  ? -11.429 -0.884  -2.966  1.00 9.41  ? 132 PHE A CB  1 
ATOM   412  C  CG  . PHE A 1 50  ? -10.224 -0.896  -3.836  1.00 9.46  ? 132 PHE A CG  1 
ATOM   413  C  CD1 . PHE A 1 50  ? -9.464  -2.036  -4.025  1.00 7.65  ? 132 PHE A CD1 1 
ATOM   414  C  CD2 . PHE A 1 50  ? -9.802  0.323   -4.426  1.00 10.68 ? 132 PHE A CD2 1 
ATOM   415  C  CE1 . PHE A 1 50  ? -8.321  -2.039  -4.816  1.00 8.79  ? 132 PHE A CE1 1 
ATOM   416  C  CE2 . PHE A 1 50  ? -8.613  0.354   -5.202  1.00 9.17  ? 132 PHE A CE2 1 
ATOM   417  C  CZ  . PHE A 1 50  ? -7.906  -0.830  -5.407  1.00 8.88  ? 132 PHE A CZ  1 
ATOM   418  N  N   . SER A 1 51  ? -14.156 -2.577  -1.773  1.00 11.09 ? 133 SER A N   1 
ATOM   419  C  CA  . SER A 1 51  ? -15.234 -2.598  -0.792  1.00 11.10 ? 133 SER A CA  1 
ATOM   420  C  C   . SER A 1 51  ? -14.679 -3.264  0.461   1.00 11.58 ? 133 SER A C   1 
ATOM   421  O  O   . SER A 1 51  ? -13.832 -4.166  0.347   1.00 11.94 ? 133 SER A O   1 
ATOM   422  C  CB  . SER A 1 51  ? -16.537 -3.093  -1.291  1.00 13.91 ? 133 SER A CB  1 
ATOM   423  O  OG  . SER A 1 51  ? -16.461 -4.410  -1.801  1.00 17.30 ? 133 SER A OG  1 
ATOM   424  N  N   . ARG A 1 52  ? -15.000 -2.709  1.598   1.00 11.93 ? 134 ARG A N   1 
ATOM   425  C  CA  . ARG A 1 52  ? -14.525 -3.136  2.904   1.00 11.85 ? 134 ARG A CA  1 
ATOM   426  C  C   . ARG A 1 52  ? -15.325 -4.287  3.493   1.00 11.72 ? 134 ARG A C   1 
ATOM   427  O  O   . ARG A 1 52  ? -16.525 -4.348  3.265   1.00 12.53 ? 134 ARG A O   1 
ATOM   428  C  CB  . ARG A 1 52  ? -14.488 -1.990  3.887   1.00 11.91 ? 134 ARG A CB  1 
ATOM   429  C  CG  . ARG A 1 52  ? -13.917 -2.275  5.275   1.00 10.50 ? 134 ARG A CG  1 
ATOM   430  C  CD  . ARG A 1 52  ? -13.846 -0.936  5.998   1.00 10.97 ? 134 ARG A CD  1 
ATOM   431  N  NE  . ARG A 1 52  ? -13.226 -1.091  7.308   1.00 10.16 ? 134 ARG A NE  1 
ATOM   432  C  CZ  . ARG A 1 52  ? -12.851 -0.025  8.004   1.00 13.54 ? 134 ARG A CZ  1 
ATOM   433  N  NH1 . ARG A 1 52  ? -13.007 1.227   7.587   1.00 14.97 ? 134 ARG A NH1 1 
ATOM   434  N  NH2 . ARG A 1 52  ? -12.378 -0.143  9.251   1.00 14.84 ? 134 ARG A NH2 1 
ATOM   435  N  N   . LEU A 1 53  ? -14.613 -5.188  4.133   1.00 11.95 ? 135 LEU A N   1 
ATOM   436  C  CA  . LEU A 1 53  ? -15.218 -6.352  4.810   1.00 12.77 ? 135 LEU A CA  1 
ATOM   437  C  C   . LEU A 1 53  ? -14.819 -6.215  6.287   1.00 13.03 ? 135 LEU A C   1 
ATOM   438  O  O   . LEU A 1 53  ? -13.802 -5.536  6.553   1.00 12.21 ? 135 LEU A O   1 
ATOM   439  C  CB  . LEU A 1 53  ? -14.810 -7.624  4.167   1.00 14.11 ? 135 LEU A CB  1 
ATOM   440  C  CG  . LEU A 1 53  ? -15.164 -8.183  2.823   1.00 13.40 ? 135 LEU A CG  1 
ATOM   441  C  CD1 . LEU A 1 53  ? -14.695 -9.655  2.809   1.00 13.15 ? 135 LEU A CD1 1 
ATOM   442  C  CD2 . LEU A 1 53  ? -16.701 -8.190  2.674   1.00 13.72 ? 135 LEU A CD2 1 
ATOM   443  N  N   . TYR A 1 54  ? -15.604 -6.836  7.167   1.00 13.42 ? 136 TYR A N   1 
ATOM   444  C  CA  . TYR A 1 54  ? -15.291 -6.699  8.618   1.00 13.30 ? 136 TYR A CA  1 
ATOM   445  C  C   . TYR A 1 54  ? -14.966 -8.035  9.231   1.00 13.92 ? 136 TYR A C   1 
ATOM   446  O  O   . TYR A 1 54  ? -14.481 -8.154  10.377  1.00 14.13 ? 136 TYR A O   1 
ATOM   447  C  CB  . TYR A 1 54  ? -16.356 -5.940  9.397   1.00 14.41 ? 136 TYR A CB  1 
ATOM   448  C  CG  . TYR A 1 54  ? -16.452 -4.467  9.061   1.00 13.38 ? 136 TYR A CG  1 
ATOM   449  C  CD1 . TYR A 1 54  ? -15.622 -3.556  9.727   1.00 13.07 ? 136 TYR A CD1 1 
ATOM   450  C  CD2 . TYR A 1 54  ? -17.304 -3.986  8.074   1.00 15.09 ? 136 TYR A CD2 1 
ATOM   451  C  CE1 . TYR A 1 54  ? -15.671 -2.198  9.450   1.00 12.13 ? 136 TYR A CE1 1 
ATOM   452  C  CE2 . TYR A 1 54  ? -17.342 -2.615  7.749   1.00 14.10 ? 136 TYR A CE2 1 
ATOM   453  C  CZ  . TYR A 1 54  ? -16.487 -1.756  8.411   1.00 13.10 ? 136 TYR A CZ  1 
ATOM   454  O  OH  . TYR A 1 54  ? -16.524 -0.420  8.092   1.00 15.82 ? 136 TYR A OH  1 
ATOM   455  N  N   . GLU A 1 55  ? -15.215 -9.044  8.441   1.00 14.40 ? 137 GLU A N   1 
ATOM   456  C  CA  . GLU A 1 55  ? -14.927 -10.443 8.794   1.00 15.43 ? 137 GLU A CA  1 
ATOM   457  C  C   . GLU A 1 55  ? -14.647 -11.150 7.463   1.00 14.94 ? 137 GLU A C   1 
ATOM   458  O  O   . GLU A 1 55  ? -14.961 -10.577 6.403   1.00 14.04 ? 137 GLU A O   1 
ATOM   459  C  CB  . GLU A 1 55  ? -16.062 -11.129 9.505   1.00 20.28 ? 137 GLU A CB  1 
ATOM   460  C  CG  . GLU A 1 55  ? -17.457 -11.060 8.857   1.00 26.21 ? 137 GLU A CG  1 
ATOM   461  C  CD  . GLU A 1 55  ? -18.475 -11.907 9.603   1.00 30.83 ? 137 GLU A CD  1 
ATOM   462  O  OE1 . GLU A 1 55  ? -18.729 -11.716 10.794  1.00 31.64 ? 137 GLU A OE1 1 
ATOM   463  O  OE2 . GLU A 1 55  ? -18.837 -12.906 8.911   1.00 31.96 ? 137 GLU A OE2 1 
ATOM   464  N  N   . GLY A 1 56  ? -14.121 -12.338 7.616   1.00 14.27 ? 138 GLY A N   1 
ATOM   465  C  CA  . GLY A 1 56  ? -13.739 -13.185 6.496   1.00 14.27 ? 138 GLY A CA  1 
ATOM   466  C  C   . GLY A 1 56  ? -12.348 -12.739 5.974   1.00 13.78 ? 138 GLY A C   1 
ATOM   467  O  O   . GLY A 1 56  ? -11.712 -11.872 6.553   1.00 12.80 ? 138 GLY A O   1 
ATOM   468  N  N   . GLU A 1 57  ? -11.884 -13.537 5.019   1.00 13.84 ? 139 GLU A N   1 
ATOM   469  C  CA  . GLU A 1 57  ? -10.628 -13.278 4.334   1.00 14.23 ? 139 GLU A CA  1 
ATOM   470  C  C   . GLU A 1 57  ? -10.977 -12.329 3.165   1.00 13.15 ? 139 GLU A C   1 
ATOM   471  O  O   . GLU A 1 57  ? -11.786 -12.741 2.318   1.00 13.73 ? 139 GLU A O   1 
ATOM   472  C  CB  . GLU A 1 57  ? -10.003 -14.518 3.678   1.00 16.49 ? 139 GLU A CB  1 
ATOM   473  C  CG  . GLU A 1 57  ? -8.641  -14.193 3.000   1.00 19.89 ? 139 GLU A CG  1 
ATOM   474  C  CD  . GLU A 1 57  ? -7.976  -15.298 2.258   1.00 23.28 ? 139 GLU A CD  1 
ATOM   475  O  OE1 . GLU A 1 57  ? -8.519  -16.371 2.007   1.00 25.30 ? 139 GLU A OE1 1 
ATOM   476  O  OE2 . GLU A 1 57  ? -6.788  -15.080 1.904   1.00 24.34 ? 139 GLU A OE2 1 
ATOM   477  N  N   . ALA A 1 58  ? -10.465 -11.153 3.216   1.00 12.24 ? 140 ALA A N   1 
ATOM   478  C  CA  . ALA A 1 58  ? -10.692 -10.160 2.150   1.00 11.55 ? 140 ALA A CA  1 
ATOM   479  C  C   . ALA A 1 58  ? -9.508  -10.379 1.226   1.00 11.19 ? 140 ALA A C   1 
ATOM   480  O  O   . ALA A 1 58  ? -8.536  -11.060 1.632   1.00 11.64 ? 140 ALA A O   1 
ATOM   481  C  CB  . ALA A 1 58  ? -10.820 -8.751  2.665   1.00 13.32 ? 140 ALA A CB  1 
ATOM   482  N  N   . ASP A 1 59  ? -9.650  -9.909  0.000   1.00 9.96  ? 141 ASP A N   1 
ATOM   483  C  CA  . ASP A 1 59  ? -8.560  -10.049 -0.978  1.00 6.76  ? 141 ASP A CA  1 
ATOM   484  C  C   . ASP A 1 59  ? -7.308  -9.406  -0.371  1.00 7.02  ? 141 ASP A C   1 
ATOM   485  O  O   . ASP A 1 59  ? -6.205  -9.967  -0.523  1.00 7.18  ? 141 ASP A O   1 
ATOM   486  C  CB  . ASP A 1 59  ? -8.910  -9.410  -2.291  1.00 4.60  ? 141 ASP A CB  1 
ATOM   487  C  CG  . ASP A 1 59  ? -10.141 -10.017 -2.980  1.00 5.58  ? 141 ASP A CG  1 
ATOM   488  O  OD1 . ASP A 1 59  ? -10.113 -11.248 -3.152  1.00 5.67  ? 141 ASP A OD1 1 
ATOM   489  O  OD2 . ASP A 1 59  ? -11.106 -9.222  -3.166  1.00 3.75  ? 141 ASP A OD2 1 
ATOM   490  N  N   . ILE A 1 60  ? -7.492  -8.161  0.025   1.00 6.40  ? 142 ILE A N   1 
ATOM   491  C  CA  . ILE A 1 60  ? -6.380  -7.360  0.534   1.00 6.81  ? 142 ILE A CA  1 
ATOM   492  C  C   . ILE A 1 60  ? -6.507  -7.280  2.029   1.00 6.81  ? 142 ILE A C   1 
ATOM   493  O  O   . ILE A 1 60  ? -7.350  -6.482  2.495   1.00 9.09  ? 142 ILE A O   1 
ATOM   494  C  CB  . ILE A 1 60  ? -6.328  -5.933  -0.166  1.00 7.67  ? 142 ILE A CB  1 
ATOM   495  C  CG1 . ILE A 1 60  ? -6.009  -6.132  -1.676  1.00 7.09  ? 142 ILE A CG1 1 
ATOM   496  C  CG2 . ILE A 1 60  ? -5.217  -5.048  0.510   1.00 8.33  ? 142 ILE A CG2 1 
ATOM   497  C  CD1 . ILE A 1 60  ? -5.769  -4.887  -2.518  1.00 5.24  ? 142 ILE A CD1 1 
ATOM   498  N  N   . MET A 1 61  ? -5.783  -8.066  2.721   1.00 6.71  ? 143 MET A N   1 
ATOM   499  C  CA  . MET A 1 61  ? -5.788  -8.086  4.227   1.00 6.65  ? 143 MET A CA  1 
ATOM   500  C  C   . MET A 1 61  ? -4.671  -7.151  4.670   1.00 6.18  ? 143 MET A C   1 
ATOM   501  O  O   . MET A 1 61  ? -3.504  -7.364  4.318   1.00 6.54  ? 143 MET A O   1 
ATOM   502  C  CB  . MET A 1 61  ? -5.576  -9.563  4.654   1.00 5.34  ? 143 MET A CB  1 
ATOM   503  C  CG  . MET A 1 61  ? -6.762  -10.397 4.185   1.00 6.12  ? 143 MET A CG  1 
ATOM   504  S  SD  . MET A 1 61  ? -8.097  -10.301 5.489   1.00 6.55  ? 143 MET A SD  1 
ATOM   505  C  CE  . MET A 1 61  ? -7.375  -11.552 6.560   1.00 7.82  ? 143 MET A CE  1 
ATOM   506  N  N   . ILE A 1 62  ? -5.012  -6.176  5.487   1.00 7.24  ? 144 ILE A N   1 
ATOM   507  C  CA  . ILE A 1 62  ? -4.150  -5.157  6.052   1.00 8.15  ? 144 ILE A CA  1 
ATOM   508  C  C   . ILE A 1 62  ? -3.990  -5.349  7.557   1.00 7.79  ? 144 ILE A C   1 
ATOM   509  O  O   . ILE A 1 62  ? -4.963  -5.202  8.290   1.00 7.13  ? 144 ILE A O   1 
ATOM   510  C  CB  . ILE A 1 62  ? -4.737  -3.720  5.758   1.00 9.02  ? 144 ILE A CB  1 
ATOM   511  C  CG1 . ILE A 1 62  ? -4.829  -3.455  4.251   1.00 9.23  ? 144 ILE A CG1 1 
ATOM   512  C  CG2 . ILE A 1 62  ? -3.970  -2.586  6.456   1.00 8.36  ? 144 ILE A CG2 1 
ATOM   513  C  CD1 . ILE A 1 62  ? -5.556  -2.120  3.913   1.00 9.68  ? 144 ILE A CD1 1 
ATOM   514  N  N   . SER A 1 63  ? -2.736  -5.457  7.984   1.00 8.99  ? 145 SER A N   1 
ATOM   515  C  CA  . SER A 1 63  ? -2.491  -5.624  9.457   1.00 8.59  ? 145 SER A CA  1 
ATOM   516  C  C   . SER A 1 63  ? -1.183  -4.940  9.825   1.00 7.52  ? 145 SER A C   1 
ATOM   517  O  O   . SER A 1 63  ? -0.408  -4.582  8.946   1.00 7.28  ? 145 SER A O   1 
ATOM   518  C  CB  . SER A 1 63  ? -2.491  -7.135  9.740   1.00 9.45  ? 145 SER A CB  1 
ATOM   519  O  OG  . SER A 1 63  ? -1.499  -7.831  9.008   1.00 6.91  ? 145 SER A OG  1 
ATOM   520  N  N   . PHE A 1 64  ? -1.019  -4.671  11.091  1.00 6.65  ? 146 PHE A N   1 
ATOM   521  C  CA  . PHE A 1 64  ? 0.084   -4.105  11.840  1.00 5.71  ? 146 PHE A CA  1 
ATOM   522  C  C   . PHE A 1 64  ? 0.761   -5.226  12.648  1.00 6.31  ? 146 PHE A C   1 
ATOM   523  O  O   . PHE A 1 64  ? 0.044   -6.029  13.297  1.00 6.47  ? 146 PHE A O   1 
ATOM   524  C  CB  . PHE A 1 64  ? -0.430  -3.039  12.847  1.00 5.15  ? 146 PHE A CB  1 
ATOM   525  C  CG  . PHE A 1 64  ? -0.977  -1.859  12.096  1.00 3.44  ? 146 PHE A CG  1 
ATOM   526  C  CD1 . PHE A 1 64  ? -0.120  -0.827  11.754  1.00 2.00  ? 146 PHE A CD1 1 
ATOM   527  C  CD2 . PHE A 1 64  ? -2.333  -1.824  11.733  1.00 3.01  ? 146 PHE A CD2 1 
ATOM   528  C  CE1 . PHE A 1 64  ? -0.559  0.253   11.045  1.00 2.00  ? 146 PHE A CE1 1 
ATOM   529  C  CE2 . PHE A 1 64  ? -2.777  -0.741  10.968  1.00 2.00  ? 146 PHE A CE2 1 
ATOM   530  C  CZ  . PHE A 1 64  ? -1.907  0.299   10.637  1.00 2.00  ? 146 PHE A CZ  1 
ATOM   531  N  N   . ALA A 1 65  ? 2.072   -5.269  12.589  1.00 7.46  ? 147 ALA A N   1 
ATOM   532  C  CA  . ALA A 1 65  ? 2.857   -6.312  13.251  1.00 8.20  ? 147 ALA A CA  1 
ATOM   533  C  C   . ALA A 1 65  ? 4.248   -5.824  13.596  1.00 9.09  ? 147 ALA A C   1 
ATOM   534  O  O   . ALA A 1 65  ? 4.621   -4.688  13.272  1.00 10.01 ? 147 ALA A O   1 
ATOM   535  C  CB  . ALA A 1 65  ? 2.930   -7.472  12.202  1.00 8.43  ? 147 ALA A CB  1 
ATOM   536  N  N   . VAL A 1 66  ? 4.993   -6.634  14.326  1.00 9.31  ? 148 VAL A N   1 
ATOM   537  C  CA  . VAL A 1 66  ? 6.385   -6.333  14.690  1.00 10.01 ? 148 VAL A CA  1 
ATOM   538  C  C   . VAL A 1 66  ? 7.168   -7.621  14.476  1.00 10.44 ? 148 VAL A C   1 
ATOM   539  O  O   . VAL A 1 66  ? 6.610   -8.709  14.640  1.00 9.83  ? 148 VAL A O   1 
ATOM   540  C  CB  . VAL A 1 66  ? 6.523   -5.772  16.116  1.00 10.18 ? 148 VAL A CB  1 
ATOM   541  C  CG1 . VAL A 1 66  ? 5.669   -4.543  16.363  1.00 11.24 ? 148 VAL A CG1 1 
ATOM   542  C  CG2 . VAL A 1 66  ? 6.358   -6.811  17.199  1.00 9.12  ? 148 VAL A CG2 1 
ATOM   543  N  N   . ARG A 1 67  ? 8.445   -7.457  14.170  1.00 12.51 ? 149 ARG A N   1 
ATOM   544  C  CA  . ARG A 1 67  ? 9.327   -8.649  14.035  1.00 14.18 ? 149 ARG A CA  1 
ATOM   545  C  C   . ARG A 1 67  ? 8.609   -9.765  13.295  1.00 14.74 ? 149 ARG A C   1 
ATOM   546  O  O   . ARG A 1 67  ? 8.106   -9.486  12.194  1.00 14.41 ? 149 ARG A O   1 
ATOM   547  C  CB  . ARG A 1 67  ? 9.835   -9.057  15.422  1.00 17.25 ? 149 ARG A CB  1 
ATOM   548  C  CG  . ARG A 1 67  ? 10.458  -7.963  16.277  1.00 18.42 ? 149 ARG A CG  1 
ATOM   549  C  CD  . ARG A 1 67  ? 11.719  -7.384  15.786  1.00 22.21 ? 149 ARG A CD  1 
ATOM   550  N  NE  . ARG A 1 67  ? 12.228  -6.295  16.609  1.00 25.50 ? 149 ARG A NE  1 
ATOM   551  C  CZ  . ARG A 1 67  ? 13.436  -5.742  16.556  1.00 26.13 ? 149 ARG A CZ  1 
ATOM   552  N  NH1 . ARG A 1 67  ? 14.422  -6.135  15.738  1.00 25.53 ? 149 ARG A NH1 1 
ATOM   553  N  NH2 . ARG A 1 67  ? 13.641  -4.677  17.336  1.00 27.26 ? 149 ARG A NH2 1 
ATOM   554  N  N   . GLU A 1 68  ? 8.623   -11.000 13.787  1.00 14.86 ? 150 GLU A N   1 
ATOM   555  C  CA  . GLU A 1 68  ? 8.037   -12.157 13.108  1.00 15.78 ? 150 GLU A CA  1 
ATOM   556  C  C   . GLU A 1 68  ? 6.533   -12.178 13.231  1.00 15.06 ? 150 GLU A C   1 
ATOM   557  O  O   . GLU A 1 68  ? 5.954   -12.045 14.326  1.00 15.96 ? 150 GLU A O   1 
ATOM   558  C  CB  . GLU A 1 68  ? 8.621   -13.510 13.494  1.00 18.40 ? 150 GLU A CB  1 
ATOM   559  C  CG  . GLU A 1 68  ? 8.149   -14.760 12.811  1.00 22.12 ? 150 GLU A CG  1 
ATOM   560  C  CD  . GLU A 1 68  ? 8.144   -14.932 11.318  1.00 23.27 ? 150 GLU A CD  1 
ATOM   561  O  OE1 . GLU A 1 68  ? 9.276   -14.961 10.769  1.00 23.81 ? 150 GLU A OE1 1 
ATOM   562  O  OE2 . GLU A 1 68  ? 7.082   -15.148 10.712  1.00 21.82 ? 150 GLU A OE2 1 
ATOM   563  N  N   . HIS A 1 69  ? 5.881   -12.411 12.087  1.00 14.09 ? 151 HIS A N   1 
ATOM   564  C  CA  . HIS A 1 69  ? 4.444   -12.264 11.983  1.00 12.09 ? 151 HIS A CA  1 
ATOM   565  C  C   . HIS A 1 69  ? 3.686   -13.215 11.130  1.00 12.16 ? 151 HIS A C   1 
ATOM   566  O  O   . HIS A 1 69  ? 2.529   -12.952 10.751  1.00 10.41 ? 151 HIS A O   1 
ATOM   567  C  CB  . HIS A 1 69  ? 4.075   -10.762 11.698  1.00 10.21 ? 151 HIS A CB  1 
ATOM   568  C  CG  . HIS A 1 69  ? 4.696   -10.227 10.449  1.00 9.33  ? 151 HIS A CG  1 
ATOM   569  N  ND1 . HIS A 1 69  ? 5.964   -9.708  10.423  1.00 9.11  ? 151 HIS A ND1 1 
ATOM   570  C  CD2 . HIS A 1 69  ? 4.270   -10.179 9.170   1.00 9.10  ? 151 HIS A CD2 1 
ATOM   571  C  CE1 . HIS A 1 69  ? 6.261   -9.353  9.186   1.00 8.85  ? 151 HIS A CE1 1 
ATOM   572  N  NE2 . HIS A 1 69  ? 5.246   -9.551  8.424   1.00 9.32  ? 151 HIS A NE2 1 
ATOM   573  N  N   . GLY A 1 70  ? 4.305   -14.344 10.755  1.00 13.35 ? 152 GLY A N   1 
ATOM   574  C  CA  . GLY A 1 70  ? 3.573   -15.341 9.983   1.00 13.99 ? 152 GLY A CA  1 
ATOM   575  C  C   . GLY A 1 70  ? 3.913   -15.464 8.522   1.00 14.99 ? 152 GLY A C   1 
ATOM   576  O  O   . GLY A 1 70  ? 3.126   -16.164 7.809   1.00 15.53 ? 152 GLY A O   1 
ATOM   577  N  N   . ASP A 1 71  ? 5.005   -14.905 8.087   1.00 15.25 ? 153 ASP A N   1 
ATOM   578  C  CA  . ASP A 1 71  ? 5.480   -14.994 6.679   1.00 15.84 ? 153 ASP A CA  1 
ATOM   579  C  C   . ASP A 1 71  ? 6.981   -15.148 6.799   1.00 17.70 ? 153 ASP A C   1 
ATOM   580  O  O   . ASP A 1 71  ? 7.488   -15.082 7.955   1.00 18.61 ? 153 ASP A O   1 
ATOM   581  C  CB  . ASP A 1 71  ? 5.029   -13.808 5.821   1.00 14.42 ? 153 ASP A CB  1 
ATOM   582  C  CG  . ASP A 1 71  ? 5.454   -12.448 6.292   1.00 13.10 ? 153 ASP A CG  1 
ATOM   583  O  OD1 . ASP A 1 71  ? 6.500   -12.253 6.950   1.00 11.87 ? 153 ASP A OD1 1 
ATOM   584  O  OD2 . ASP A 1 71  ? 4.722   -11.469 5.986   1.00 13.13 ? 153 ASP A OD2 1 
ATOM   585  N  N   . PHE A 1 72  ? 7.685   -15.208 5.703   1.00 19.36 ? 154 PHE A N   1 
ATOM   586  C  CA  . PHE A 1 72  ? 9.164   -15.351 5.748   1.00 20.24 ? 154 PHE A CA  1 
ATOM   587  C  C   . PHE A 1 72  ? 9.926   -14.054 5.936   1.00 20.26 ? 154 PHE A C   1 
ATOM   588  O  O   . PHE A 1 72  ? 11.186  -14.080 5.792   1.00 20.05 ? 154 PHE A O   1 
ATOM   589  C  CB  . PHE A 1 72  ? 9.652   -15.892 4.376   1.00 24.99 ? 154 PHE A CB  1 
ATOM   590  C  CG  . PHE A 1 72  ? 9.110   -17.270 4.108   1.00 28.63 ? 154 PHE A CG  1 
ATOM   591  C  CD1 . PHE A 1 72  ? 9.386   -18.266 5.052   1.00 30.13 ? 154 PHE A CD1 1 
ATOM   592  C  CD2 . PHE A 1 72  ? 8.424   -17.560 2.951   1.00 30.15 ? 154 PHE A CD2 1 
ATOM   593  C  CE1 . PHE A 1 72  ? 8.912   -19.557 4.868   1.00 32.43 ? 154 PHE A CE1 1 
ATOM   594  C  CE2 . PHE A 1 72  ? 7.968   -18.865 2.712   1.00 32.85 ? 154 PHE A CE2 1 
ATOM   595  C  CZ  . PHE A 1 72  ? 8.234   -19.870 3.683   1.00 33.65 ? 154 PHE A CZ  1 
ATOM   596  N  N   . TYR A 1 73  ? 9.184   -12.978 6.124   1.00 19.67 ? 155 TYR A N   1 
ATOM   597  C  CA  . TYR A 1 73  ? 9.880   -11.661 6.171   1.00 18.43 ? 155 TYR A CA  1 
ATOM   598  C  C   . TYR A 1 73  ? 9.590   -10.871 7.418   1.00 16.93 ? 155 TYR A C   1 
ATOM   599  O  O   . TYR A 1 73  ? 8.813   -9.893  7.429   1.00 16.17 ? 155 TYR A O   1 
ATOM   600  C  CB  . TYR A 1 73  ? 9.427   -10.943 4.884   1.00 20.77 ? 155 TYR A CB  1 
ATOM   601  C  CG  . TYR A 1 73  ? 9.712   -11.794 3.660   1.00 24.08 ? 155 TYR A CG  1 
ATOM   602  C  CD1 . TYR A 1 73  ? 10.987  -11.833 3.107   1.00 25.20 ? 155 TYR A CD1 1 
ATOM   603  C  CD2 . TYR A 1 73  ? 8.696   -12.523 3.049   1.00 24.55 ? 155 TYR A CD2 1 
ATOM   604  C  CE1 . TYR A 1 73  ? 11.263  -12.582 1.960   1.00 26.34 ? 155 TYR A CE1 1 
ATOM   605  C  CE2 . TYR A 1 73  ? 8.943   -13.263 1.899   1.00 25.86 ? 155 TYR A CE2 1 
ATOM   606  C  CZ  . TYR A 1 73  ? 10.214  -13.240 1.327   1.00 27.11 ? 155 TYR A CZ  1 
ATOM   607  O  OH  . TYR A 1 73  ? 10.410  -13.975 0.193   1.00 28.94 ? 155 TYR A OH  1 
ATOM   608  N  N   . PRO A 1 74  ? 10.308  -11.244 8.471   1.00 16.36 ? 156 PRO A N   1 
ATOM   609  C  CA  . PRO A 1 74  ? 10.249  -10.567 9.774   1.00 14.86 ? 156 PRO A CA  1 
ATOM   610  C  C   . PRO A 1 74  ? 10.450  -9.068  9.689   1.00 13.29 ? 156 PRO A C   1 
ATOM   611  O  O   . PRO A 1 74  ? 11.335  -8.562  9.004   1.00 11.83 ? 156 PRO A O   1 
ATOM   612  C  CB  . PRO A 1 74  ? 11.550  -11.115 10.461  1.00 15.01 ? 156 PRO A CB  1 
ATOM   613  C  CG  . PRO A 1 74  ? 11.457  -12.552 10.036  1.00 16.09 ? 156 PRO A CG  1 
ATOM   614  C  CD  . PRO A 1 74  ? 11.245  -12.397 8.515   1.00 16.27 ? 156 PRO A CD  1 
ATOM   615  N  N   . PHE A 1 75  ? 9.646   -8.382  10.535  1.00 13.32 ? 157 PHE A N   1 
ATOM   616  C  CA  . PHE A 1 75  ? 9.852   -6.924  10.636  1.00 11.71 ? 157 PHE A CA  1 
ATOM   617  C  C   . PHE A 1 75  ? 11.226  -6.795  11.268  1.00 12.28 ? 157 PHE A C   1 
ATOM   618  O  O   . PHE A 1 75  ? 11.750  -7.834  11.754  1.00 10.59 ? 157 PHE A O   1 
ATOM   619  C  CB  . PHE A 1 75  ? 8.717   -6.041  10.932  1.00 10.46 ? 157 PHE A CB  1 
ATOM   620  C  CG  . PHE A 1 75  ? 7.712   -5.897  9.818   1.00 9.92  ? 157 PHE A CG  1 
ATOM   621  C  CD1 . PHE A 1 75  ? 8.138   -5.423  8.584   1.00 9.92  ? 157 PHE A CD1 1 
ATOM   622  C  CD2 . PHE A 1 75  ? 6.359   -6.124  10.048  1.00 8.83  ? 157 PHE A CD2 1 
ATOM   623  C  CE1 . PHE A 1 75  ? 7.210   -5.216  7.549   1.00 10.59 ? 157 PHE A CE1 1 
ATOM   624  C  CE2 . PHE A 1 75  ? 5.422   -5.927  9.040   1.00 8.87  ? 157 PHE A CE2 1 
ATOM   625  C  CZ  . PHE A 1 75  ? 5.856   -5.490  7.766   1.00 9.05  ? 157 PHE A CZ  1 
ATOM   626  N  N   . ASP A 1 76  ? 11.787  -5.594  11.195  1.00 12.44 ? 158 ASP A N   1 
ATOM   627  C  CA  . ASP A 1 76  ? 13.148  -5.363  11.679  1.00 13.31 ? 158 ASP A CA  1 
ATOM   628  C  C   . ASP A 1 76  ? 13.311  -4.286  12.735  1.00 14.26 ? 158 ASP A C   1 
ATOM   629  O  O   . ASP A 1 76  ? 14.409  -3.660  12.752  1.00 13.95 ? 158 ASP A O   1 
ATOM   630  C  CB  . ASP A 1 76  ? 13.980  -5.018  10.421  1.00 11.64 ? 158 ASP A CB  1 
ATOM   631  C  CG  . ASP A 1 76  ? 13.468  -3.750  9.769   1.00 11.76 ? 158 ASP A CG  1 
ATOM   632  O  OD1 . ASP A 1 76  ? 12.503  -3.109  10.207  1.00 11.49 ? 158 ASP A OD1 1 
ATOM   633  O  OD2 . ASP A 1 76  ? 14.098  -3.439  8.723   1.00 13.04 ? 158 ASP A OD2 1 
ATOM   634  N  N   . GLY A 1 77  ? 12.287  -3.989  13.527  1.00 15.40 ? 159 GLY A N   1 
ATOM   635  C  CA  . GLY A 1 77  ? 12.444  -2.934  14.549  1.00 16.38 ? 159 GLY A CA  1 
ATOM   636  C  C   . GLY A 1 77  ? 12.428  -1.544  13.946  1.00 17.42 ? 159 GLY A C   1 
ATOM   637  O  O   . GLY A 1 77  ? 12.117  -1.336  12.756  1.00 17.88 ? 159 GLY A O   1 
ATOM   638  N  N   . PRO A 1 78  ? 12.631  -0.552  14.800  1.00 17.94 ? 160 PRO A N   1 
ATOM   639  C  CA  . PRO A 1 78  ? 12.594  0.860   14.382  1.00 18.38 ? 160 PRO A CA  1 
ATOM   640  C  C   . PRO A 1 78  ? 13.513  1.102   13.197  1.00 18.41 ? 160 PRO A C   1 
ATOM   641  O  O   . PRO A 1 78  ? 14.623  0.563   13.123  1.00 18.36 ? 160 PRO A O   1 
ATOM   642  C  CB  . PRO A 1 78  ? 13.031  1.615   15.640  1.00 18.93 ? 160 PRO A CB  1 
ATOM   643  C  CG  . PRO A 1 78  ? 12.633  0.701   16.774  1.00 18.53 ? 160 PRO A CG  1 
ATOM   644  C  CD  . PRO A 1 78  ? 12.949  -0.691  16.238  1.00 17.91 ? 160 PRO A CD  1 
ATOM   645  N  N   . GLY A 1 79  ? 12.939  1.787   12.209  1.00 18.41 ? 161 GLY A N   1 
ATOM   646  C  CA  . GLY A 1 79  ? 13.581  2.199   10.971  1.00 17.20 ? 161 GLY A CA  1 
ATOM   647  C  C   . GLY A 1 79  ? 13.662  1.091   9.957   1.00 17.74 ? 161 GLY A C   1 
ATOM   648  O  O   . GLY A 1 79  ? 13.015  0.023   10.079  1.00 17.73 ? 161 GLY A O   1 
ATOM   649  N  N   . ASN A 1 80  ? 14.458  1.318   8.936   1.00 17.89 ? 162 ASN A N   1 
ATOM   650  C  CA  . ASN A 1 80  ? 14.736  0.416   7.824   1.00 17.82 ? 162 ASN A CA  1 
ATOM   651  C  C   . ASN A 1 80  ? 13.471  -0.002  7.104   1.00 16.51 ? 162 ASN A C   1 
ATOM   652  O  O   . ASN A 1 80  ? 12.816  0.852   6.461   1.00 15.41 ? 162 ASN A O   1 
ATOM   653  C  CB  . ASN A 1 80  ? 15.771  -0.622  8.167   1.00 22.07 ? 162 ASN A CB  1 
ATOM   654  C  CG  . ASN A 1 80  ? 16.263  -1.440  6.969   1.00 25.26 ? 162 ASN A CG  1 
ATOM   655  O  OD1 . ASN A 1 80  ? 16.211  -1.051  5.784   1.00 27.01 ? 162 ASN A OD1 1 
ATOM   656  N  ND2 . ASN A 1 80  ? 16.797  -2.631  7.295   1.00 26.88 ? 162 ASN A ND2 1 
ATOM   657  N  N   . VAL A 1 81  ? 13.138  -1.294  7.163   1.00 15.60 ? 163 VAL A N   1 
ATOM   658  C  CA  . VAL A 1 81  ? 11.865  -1.721  6.521   1.00 14.19 ? 163 VAL A CA  1 
ATOM   659  C  C   . VAL A 1 81  ? 10.720  -1.089  7.329   1.00 13.03 ? 163 VAL A C   1 
ATOM   660  O  O   . VAL A 1 81  ? 10.700  -1.205  8.574   1.00 12.99 ? 163 VAL A O   1 
ATOM   661  C  CB  . VAL A 1 81  ? 11.769  -3.228  6.393   1.00 14.80 ? 163 VAL A CB  1 
ATOM   662  C  CG1 . VAL A 1 81  ? 10.381  -3.651  5.890   1.00 14.43 ? 163 VAL A CG1 1 
ATOM   663  C  CG2 . VAL A 1 81  ? 12.823  -3.831  5.472   1.00 15.42 ? 163 VAL A CG2 1 
ATOM   664  N  N   . LEU A 1 82  ? 9.833   -0.410  6.599   1.00 11.27 ? 164 LEU A N   1 
ATOM   665  C  CA  . LEU A 1 82  ? 8.648   0.199   7.188   1.00 9.90  ? 164 LEU A CA  1 
ATOM   666  C  C   . LEU A 1 82  ? 7.423   -0.706  6.995   1.00 8.73  ? 164 LEU A C   1 
ATOM   667  O  O   . LEU A 1 82  ? 6.457   -0.637  7.768   1.00 9.04  ? 164 LEU A O   1 
ATOM   668  C  CB  . LEU A 1 82  ? 8.388   1.515   6.396   1.00 10.55 ? 164 LEU A CB  1 
ATOM   669  C  CG  . LEU A 1 82  ? 9.547   2.506   6.399   1.00 9.41  ? 164 LEU A CG  1 
ATOM   670  C  CD1 . LEU A 1 82  ? 9.068   3.760   5.722   1.00 7.57  ? 164 LEU A CD1 1 
ATOM   671  C  CD2 . LEU A 1 82  ? 10.029  2.773   7.826   1.00 9.52  ? 164 LEU A CD2 1 
ATOM   672  N  N   . ALA A 1 83  ? 7.348   -1.285  5.815   1.00 8.81  ? 165 ALA A N   1 
ATOM   673  C  CA  . ALA A 1 83  ? 6.194   -2.118  5.409   1.00 8.23  ? 165 ALA A CA  1 
ATOM   674  C  C   . ALA A 1 83  ? 6.504   -3.029  4.248   1.00 7.57  ? 165 ALA A C   1 
ATOM   675  O  O   . ALA A 1 83  ? 7.536   -2.883  3.559   1.00 7.55  ? 165 ALA A O   1 
ATOM   676  C  CB  . ALA A 1 83  ? 5.034   -1.191  5.143   1.00 8.80  ? 165 ALA A CB  1 
ATOM   677  N  N   . HIS A 1 84  ? 5.608   -4.009  4.032   1.00 7.04  ? 166 HIS A N   1 
ATOM   678  C  CA  . HIS A 1 84  ? 5.732   -4.894  2.875   1.00 7.20  ? 166 HIS A CA  1 
ATOM   679  C  C   . HIS A 1 84  ? 4.367   -5.397  2.423   1.00 7.60  ? 166 HIS A C   1 
ATOM   680  O  O   . HIS A 1 84  ? 3.362   -5.523  3.194   1.00 7.60  ? 166 HIS A O   1 
ATOM   681  C  CB  . HIS A 1 84  ? 6.787   -5.988  2.816   1.00 7.43  ? 166 HIS A CB  1 
ATOM   682  C  CG  . HIS A 1 84  ? 6.708   -7.004  3.915   1.00 7.71  ? 166 HIS A CG  1 
ATOM   683  N  ND1 . HIS A 1 84  ? 7.810   -7.389  4.662   1.00 7.57  ? 166 HIS A ND1 1 
ATOM   684  C  CD2 . HIS A 1 84  ? 5.628   -7.591  4.502   1.00 7.82  ? 166 HIS A CD2 1 
ATOM   685  C  CE1 . HIS A 1 84  ? 7.421   -8.269  5.564   1.00 7.32  ? 166 HIS A CE1 1 
ATOM   686  N  NE2 . HIS A 1 84  ? 6.133   -8.451  5.478   1.00 8.65  ? 166 HIS A NE2 1 
ATOM   687  N  N   . ALA A 1 85  ? 4.334   -5.612  1.122   1.00 7.71  ? 167 ALA A N   1 
ATOM   688  C  CA  . ALA A 1 85  ? 3.159   -6.059  0.387   1.00 7.35  ? 167 ALA A CA  1 
ATOM   689  C  C   . ALA A 1 85  ? 3.467   -7.024  -0.714  1.00 7.65  ? 167 ALA A C   1 
ATOM   690  O  O   . ALA A 1 85  ? 4.578   -7.013  -1.305  1.00 7.79  ? 167 ALA A O   1 
ATOM   691  C  CB  . ALA A 1 85  ? 2.426   -4.805  -0.080  1.00 7.10  ? 167 ALA A CB  1 
ATOM   692  N  N   . TYR A 1 86  ? 2.471   -7.883  -0.980  1.00 8.01  ? 168 TYR A N   1 
ATOM   693  C  CA  . TYR A 1 86  ? 2.545   -8.921  -1.999  1.00 8.82  ? 168 TYR A CA  1 
ATOM   694  C  C   . TYR A 1 86  ? 1.780   -8.628  -3.279  1.00 9.46  ? 168 TYR A C   1 
ATOM   695  O  O   . TYR A 1 86  ? 0.605   -8.222  -3.264  1.00 9.80  ? 168 TYR A O   1 
ATOM   696  C  CB  . TYR A 1 86  ? 1.946   -10.239 -1.374  1.00 9.80  ? 168 TYR A CB  1 
ATOM   697  C  CG  . TYR A 1 86  ? 2.804   -10.644 -0.190  1.00 10.62 ? 168 TYR A CG  1 
ATOM   698  C  CD1 . TYR A 1 86  ? 2.620   -10.052 1.057   1.00 11.03 ? 168 TYR A CD1 1 
ATOM   699  C  CD2 . TYR A 1 86  ? 3.823   -11.584 -0.375  1.00 10.97 ? 168 TYR A CD2 1 
ATOM   700  C  CE1 . TYR A 1 86  ? 3.473   -10.377 2.112   1.00 12.19 ? 168 TYR A CE1 1 
ATOM   701  C  CE2 . TYR A 1 86  ? 4.686   -11.890 0.684   1.00 11.06 ? 168 TYR A CE2 1 
ATOM   702  C  CZ  . TYR A 1 86  ? 4.457   -11.343 1.931   1.00 10.44 ? 168 TYR A CZ  1 
ATOM   703  O  OH  . TYR A 1 86  ? 5.326   -11.680 2.947   1.00 12.59 ? 168 TYR A OH  1 
ATOM   704  N  N   . ALA A 1 87  ? 2.352   -9.085  -4.385  1.00 10.01 ? 169 ALA A N   1 
ATOM   705  C  CA  . ALA A 1 87  ? 1.696   -8.907  -5.721  1.00 9.15  ? 169 ALA A CA  1 
ATOM   706  C  C   . ALA A 1 87  ? 0.329   -9.566  -5.690  1.00 9.07  ? 169 ALA A C   1 
ATOM   707  O  O   . ALA A 1 87  ? -0.021  -10.295 -4.742  1.00 9.76  ? 169 ALA A O   1 
ATOM   708  C  CB  . ALA A 1 87  ? 2.650   -9.408  -6.780  1.00 9.65  ? 169 ALA A CB  1 
ATOM   709  N  N   . PRO A 1 88  ? -0.504  -9.254  -6.682  1.00 8.58  ? 170 PRO A N   1 
ATOM   710  C  CA  . PRO A 1 88  ? -1.875  -9.775  -6.762  1.00 8.01  ? 170 PRO A CA  1 
ATOM   711  C  C   . PRO A 1 88  ? -1.848  -11.294 -6.751  1.00 8.16  ? 170 PRO A C   1 
ATOM   712  O  O   . PRO A 1 88  ? -0.923  -11.894 -7.314  1.00 9.65  ? 170 PRO A O   1 
ATOM   713  C  CB  . PRO A 1 88  ? -2.420  -9.186  -8.066  1.00 6.91  ? 170 PRO A CB  1 
ATOM   714  C  CG  . PRO A 1 88  ? -1.583  -7.968  -8.306  1.00 7.49  ? 170 PRO A CG  1 
ATOM   715  C  CD  . PRO A 1 88  ? -0.194  -8.327  -7.793  1.00 7.76  ? 170 PRO A CD  1 
ATOM   716  N  N   . GLY A 1 89  ? -2.846  -11.941 -6.261  1.00 8.04  ? 171 GLY A N   1 
ATOM   717  C  CA  . GLY A 1 89  ? -2.956  -13.402 -6.148  1.00 8.59  ? 171 GLY A CA  1 
ATOM   718  C  C   . GLY A 1 89  ? -3.849  -13.722 -4.940  1.00 9.48  ? 171 GLY A C   1 
ATOM   719  O  O   . GLY A 1 89  ? -4.296  -12.807 -4.233  1.00 9.55  ? 171 GLY A O   1 
ATOM   720  N  N   . PRO A 1 90  ? -3.985  -15.019 -4.687  1.00 10.22 ? 172 PRO A N   1 
ATOM   721  C  CA  . PRO A 1 90  ? -4.786  -15.525 -3.564  1.00 9.94  ? 172 PRO A CA  1 
ATOM   722  C  C   . PRO A 1 90  ? -3.948  -15.738 -2.327  1.00 8.93  ? 172 PRO A C   1 
ATOM   723  O  O   . PRO A 1 90  ? -2.711  -15.729 -2.350  1.00 8.25  ? 172 PRO A O   1 
ATOM   724  C  CB  . PRO A 1 90  ? -5.332  -16.858 -4.119  1.00 11.25 ? 172 PRO A CB  1 
ATOM   725  C  CG  . PRO A 1 90  ? -4.225  -17.370 -4.999  1.00 11.57 ? 172 PRO A CG  1 
ATOM   726  C  CD  . PRO A 1 90  ? -3.513  -16.123 -5.552  1.00 10.89 ? 172 PRO A CD  1 
ATOM   727  N  N   . GLY A 1 91  ? -4.687  -15.955 -1.233  1.00 8.96  ? 173 GLY A N   1 
ATOM   728  C  CA  . GLY A 1 91  ? -4.020  -16.170 0.069   1.00 7.97  ? 173 GLY A CA  1 
ATOM   729  C  C   . GLY A 1 91  ? -3.326  -14.843 0.437   1.00 8.56  ? 173 GLY A C   1 
ATOM   730  O  O   . GLY A 1 91  ? -3.987  -13.794 0.470   1.00 7.97  ? 173 GLY A O   1 
ATOM   731  N  N   . ILE A 1 92  ? -2.057  -14.944 0.776   1.00 9.25  ? 174 ILE A N   1 
ATOM   732  C  CA  . ILE A 1 92  ? -1.240  -13.804 1.228   1.00 9.47  ? 174 ILE A CA  1 
ATOM   733  C  C   . ILE A 1 92  ? -0.937  -12.782 0.143   1.00 9.41  ? 174 ILE A C   1 
ATOM   734  O  O   . ILE A 1 92  ? -0.543  -11.617 0.440   1.00 8.54  ? 174 ILE A O   1 
ATOM   735  C  CB  . ILE A 1 92  ? 0.051   -14.361 1.922   1.00 8.65  ? 174 ILE A CB  1 
ATOM   736  C  CG1 . ILE A 1 92  ? 0.673   -13.307 2.851   1.00 9.06  ? 174 ILE A CG1 1 
ATOM   737  C  CG2 . ILE A 1 92  ? 1.089   -14.913 0.934   1.00 8.19  ? 174 ILE A CG2 1 
ATOM   738  C  CD1 . ILE A 1 92  ? 1.992   -13.828 3.494   1.00 11.60 ? 174 ILE A CD1 1 
ATOM   739  N  N   . ASN A 1 93  ? -1.081  -13.220 -1.124  1.00 9.03  ? 175 ASN A N   1 
ATOM   740  C  CA  . ASN A 1 93  ? -0.839  -12.267 -2.242  1.00 8.22  ? 175 ASN A CA  1 
ATOM   741  C  C   . ASN A 1 93  ? -1.853  -11.124 -2.053  1.00 6.95  ? 175 ASN A C   1 
ATOM   742  O  O   . ASN A 1 93  ? -2.917  -11.384 -1.511  1.00 7.01  ? 175 ASN A O   1 
ATOM   743  C  CB  . ASN A 1 93  ? -0.929  -12.949 -3.605  1.00 9.84  ? 175 ASN A CB  1 
ATOM   744  C  CG  . ASN A 1 93  ? 0.220   -13.942 -3.814  1.00 10.30 ? 175 ASN A CG  1 
ATOM   745  O  OD1 . ASN A 1 93  ? -0.060  -15.138 -3.751  1.00 11.26 ? 175 ASN A OD1 1 
ATOM   746  N  ND2 . ASN A 1 93  ? 1.468   -13.502 -3.899  1.00 10.08 ? 175 ASN A ND2 1 
ATOM   747  N  N   . GLY A 1 94  ? -1.451  -9.930  -2.385  1.00 6.21  ? 176 GLY A N   1 
ATOM   748  C  CA  . GLY A 1 94  ? -2.221  -8.723  -2.264  1.00 6.06  ? 176 GLY A CA  1 
ATOM   749  C  C   . GLY A 1 94  ? -2.227  -8.153  -0.852  1.00 6.34  ? 176 GLY A C   1 
ATOM   750  O  O   . GLY A 1 94  ? -2.657  -6.998  -0.698  1.00 6.13  ? 176 GLY A O   1 
ATOM   751  N  N   . ASP A 1 95  ? -1.721  -8.847  0.138   1.00 6.96  ? 177 ASP A N   1 
ATOM   752  C  CA  . ASP A 1 95  ? -1.792  -8.364  1.550   1.00 6.62  ? 177 ASP A CA  1 
ATOM   753  C  C   . ASP A 1 95  ? -0.701  -7.375  1.859   1.00 6.57  ? 177 ASP A C   1 
ATOM   754  O  O   . ASP A 1 95  ? 0.374   -7.479  1.287   1.00 6.66  ? 177 ASP A O   1 
ATOM   755  C  CB  . ASP A 1 95  ? -1.841  -9.569  2.478   1.00 8.02  ? 177 ASP A CB  1 
ATOM   756  C  CG  . ASP A 1 95  ? -2.986  -10.521 2.315   1.00 8.61  ? 177 ASP A CG  1 
ATOM   757  O  OD1 . ASP A 1 95  ? -3.877  -10.403 1.456   1.00 7.79  ? 177 ASP A OD1 1 
ATOM   758  O  OD2 . ASP A 1 95  ? -3.003  -11.497 3.128   1.00 10.38 ? 177 ASP A OD2 1 
ATOM   759  N  N   . ALA A 1 96  ? -0.982  -6.435  2.764   1.00 6.86  ? 178 ALA A N   1 
ATOM   760  C  CA  . ALA A 1 96  ? -0.081  -5.386  3.206   1.00 6.84  ? 178 ALA A CA  1 
ATOM   761  C  C   . ALA A 1 96  ? 0.157   -5.429  4.714   1.00 7.94  ? 178 ALA A C   1 
ATOM   762  O  O   . ALA A 1 96  ? -0.801  -5.505  5.526   1.00 9.25  ? 178 ALA A O   1 
ATOM   763  C  CB  . ALA A 1 96  ? -0.609  -4.020  2.730   1.00 7.18  ? 178 ALA A CB  1 
ATOM   764  N  N   . HIS A 1 97  ? 1.394   -5.561  5.137   1.00 8.28  ? 179 HIS A N   1 
ATOM   765  C  CA  . HIS A 1 97  ? 1.778   -5.576  6.570   1.00 7.45  ? 179 HIS A CA  1 
ATOM   766  C  C   . HIS A 1 97  ? 2.571   -4.300  6.871   1.00 8.13  ? 179 HIS A C   1 
ATOM   767  O  O   . HIS A 1 97  ? 3.513   -4.033  6.120   1.00 8.22  ? 179 HIS A O   1 
ATOM   768  C  CB  . HIS A 1 97  ? 2.651   -6.782  6.888   1.00 7.36  ? 179 HIS A CB  1 
ATOM   769  C  CG  . HIS A 1 97  ? 2.008   -8.101  6.489   1.00 8.67  ? 179 HIS A CG  1 
ATOM   770  N  ND1 . HIS A 1 97  ? 2.716   -9.208  6.064   1.00 7.58  ? 179 HIS A ND1 1 
ATOM   771  C  CD2 . HIS A 1 97  ? 0.707   -8.451  6.506   1.00 7.28  ? 179 HIS A CD2 1 
ATOM   772  C  CE1 . HIS A 1 97  ? 1.838   -10.119 5.753   1.00 8.32  ? 179 HIS A CE1 1 
ATOM   773  N  NE2 . HIS A 1 97  ? 0.619   -9.718  6.001   1.00 6.61  ? 179 HIS A NE2 1 
ATOM   774  N  N   . PHE A 1 98  ? 2.266   -3.620  7.951   1.00 8.56  ? 180 PHE A N   1 
ATOM   775  C  CA  . PHE A 1 98  ? 2.893   -2.393  8.416   1.00 8.64  ? 180 PHE A CA  1 
ATOM   776  C  C   . PHE A 1 98  ? 3.715   -2.633  9.687   1.00 9.93  ? 180 PHE A C   1 
ATOM   777  O  O   . PHE A 1 98  ? 3.142   -3.239  10.615  1.00 10.52 ? 180 PHE A O   1 
ATOM   778  C  CB  . PHE A 1 98  ? 1.858   -1.273  8.700   1.00 7.01  ? 180 PHE A CB  1 
ATOM   779  C  CG  . PHE A 1 98  ? 1.197   -0.867  7.407   1.00 7.97  ? 180 PHE A CG  1 
ATOM   780  C  CD1 . PHE A 1 98  ? 0.141   -1.593  6.900   1.00 7.36  ? 180 PHE A CD1 1 
ATOM   781  C  CD2 . PHE A 1 98  ? 1.750   0.207   6.684   1.00 7.62  ? 180 PHE A CD2 1 
ATOM   782  C  CE1 . PHE A 1 98  ? -0.456  -1.230  5.692   1.00 8.50  ? 180 PHE A CE1 1 
ATOM   783  C  CE2 . PHE A 1 98  ? 1.155   0.548   5.456   1.00 8.66  ? 180 PHE A CE2 1 
ATOM   784  C  CZ  . PHE A 1 98  ? 0.025   -0.122  5.013   1.00 7.02  ? 180 PHE A CZ  1 
ATOM   785  N  N   . ASP A 1 99  ? 4.934   -2.148  9.701   1.00 10.28 ? 181 ASP A N   1 
ATOM   786  C  CA  . ASP A 1 99  ? 5.849   -2.350  10.829  1.00 11.86 ? 181 ASP A CA  1 
ATOM   787  C  C   . ASP A 1 99  ? 5.376   -1.503  12.010  1.00 12.46 ? 181 ASP A C   1 
ATOM   788  O  O   . ASP A 1 99  ? 5.651   -0.281  12.001  1.00 12.89 ? 181 ASP A O   1 
ATOM   789  C  CB  . ASP A 1 99  ? 7.323   -2.103  10.430  1.00 10.24 ? 181 ASP A CB  1 
ATOM   790  C  CG  . ASP A 1 99  ? 8.308   -2.523  11.488  1.00 11.87 ? 181 ASP A CG  1 
ATOM   791  O  OD1 . ASP A 1 99  ? 7.907   -2.977  12.581  1.00 13.71 ? 181 ASP A OD1 1 
ATOM   792  O  OD2 . ASP A 1 99  ? 9.529   -2.397  11.326  1.00 12.87 ? 181 ASP A OD2 1 
ATOM   793  N  N   . ASP A 1 100 ? 4.825   -2.132  13.026  1.00 12.60 ? 182 ASP A N   1 
ATOM   794  C  CA  . ASP A 1 100 ? 4.331   -1.343  14.163  1.00 13.49 ? 182 ASP A CA  1 
ATOM   795  C  C   . ASP A 1 100 ? 5.458   -0.845  15.044  1.00 14.49 ? 182 ASP A C   1 
ATOM   796  O  O   . ASP A 1 100 ? 5.171   -0.008  15.932  1.00 15.78 ? 182 ASP A O   1 
ATOM   797  C  CB  . ASP A 1 100 ? 3.089   -1.889  14.808  1.00 14.70 ? 182 ASP A CB  1 
ATOM   798  C  CG  . ASP A 1 100 ? 2.171   -0.785  15.323  1.00 15.88 ? 182 ASP A CG  1 
ATOM   799  O  OD1 . ASP A 1 100 ? 2.440   0.432   15.277  1.00 16.48 ? 182 ASP A OD1 1 
ATOM   800  O  OD2 . ASP A 1 100 ? 1.026   -1.202  15.551  1.00 15.76 ? 182 ASP A OD2 1 
ATOM   801  N  N   . ASP A 1 101 ? 6.699   -1.186  14.779  1.00 14.06 ? 183 ASP A N   1 
ATOM   802  C  CA  . ASP A 1 101 ? 7.841   -0.597  15.488  1.00 13.78 ? 183 ASP A CA  1 
ATOM   803  C  C   . ASP A 1 101 ? 8.164   0.800   14.946  1.00 14.28 ? 183 ASP A C   1 
ATOM   804  O  O   . ASP A 1 101 ? 9.142   1.431   15.414  1.00 14.64 ? 183 ASP A O   1 
ATOM   805  C  CB  . ASP A 1 101 ? 9.102   -1.426  15.513  1.00 12.01 ? 183 ASP A CB  1 
ATOM   806  C  CG  . ASP A 1 101 ? 9.057   -2.500  16.583  1.00 10.95 ? 183 ASP A CG  1 
ATOM   807  O  OD1 . ASP A 1 101 ? 8.456   -2.209  17.617  1.00 11.50 ? 183 ASP A OD1 1 
ATOM   808  O  OD2 . ASP A 1 101 ? 9.633   -3.552  16.305  1.00 11.27 ? 183 ASP A OD2 1 
ATOM   809  N  N   . GLU A 1 102 ? 7.402   1.186   13.971  1.00 14.60 ? 184 GLU A N   1 
ATOM   810  C  CA  . GLU A 1 102 ? 7.531   2.494   13.316  1.00 14.93 ? 184 GLU A CA  1 
ATOM   811  C  C   . GLU A 1 102 ? 6.544   3.397   14.031  1.00 16.31 ? 184 GLU A C   1 
ATOM   812  O  O   . GLU A 1 102 ? 5.597   2.877   14.658  1.00 17.28 ? 184 GLU A O   1 
ATOM   813  C  CB  . GLU A 1 102 ? 7.131   2.434   11.851  1.00 15.74 ? 184 GLU A CB  1 
ATOM   814  C  CG  . GLU A 1 102 ? 7.952   1.472   10.958  1.00 15.27 ? 184 GLU A CG  1 
ATOM   815  C  CD  . GLU A 1 102 ? 9.434   1.738   11.116  1.00 16.16 ? 184 GLU A CD  1 
ATOM   816  O  OE1 . GLU A 1 102 ? 9.926   2.816   11.320  1.00 17.15 ? 184 GLU A OE1 1 
ATOM   817  O  OE2 . GLU A 1 102 ? 10.132  0.717   11.036  1.00 17.27 ? 184 GLU A OE2 1 
ATOM   818  N  N   . GLN A 1 103 ? 6.786   4.672   13.898  1.00 17.74 ? 185 GLN A N   1 
ATOM   819  C  CA  . GLN A 1 103 ? 5.904   5.687   14.540  1.00 18.68 ? 185 GLN A CA  1 
ATOM   820  C  C   . GLN A 1 103 ? 5.070   6.282   13.412  1.00 18.08 ? 185 GLN A C   1 
ATOM   821  O  O   . GLN A 1 103 ? 5.611   7.013   12.570  1.00 18.40 ? 185 GLN A O   1 
ATOM   822  C  CB  . GLN A 1 103 ? 6.823   6.704   15.228  1.00 22.63 ? 185 GLN A CB  1 
ATOM   823  C  CG  . GLN A 1 103 ? 6.067   7.724   16.051  1.00 27.01 ? 185 GLN A CG  1 
ATOM   824  C  CD  . GLN A 1 103 ? 5.187   7.039   17.088  1.00 29.91 ? 185 GLN A CD  1 
ATOM   825  O  OE1 . GLN A 1 103 ? 3.986   7.301   17.198  1.00 31.41 ? 185 GLN A OE1 1 
ATOM   826  N  NE2 . GLN A 1 103 ? 5.811   6.084   17.796  1.00 30.47 ? 185 GLN A NE2 1 
ATOM   827  N  N   . TRP A 1 104 ? 3.856   5.839   13.311  1.00 17.80 ? 186 TRP A N   1 
ATOM   828  C  CA  . TRP A 1 104 ? 2.842   6.183   12.347  1.00 17.65 ? 186 TRP A CA  1 
ATOM   829  C  C   . TRP A 1 104 ? 2.155   7.489   12.745  1.00 19.50 ? 186 TRP A C   1 
ATOM   830  O  O   . TRP A 1 104 ? 1.411   7.536   13.741  1.00 20.40 ? 186 TRP A O   1 
ATOM   831  C  CB  . TRP A 1 104 ? 1.811   5.045   12.178  1.00 13.33 ? 186 TRP A CB  1 
ATOM   832  C  CG  . TRP A 1 104 ? 2.484   3.802   11.665  1.00 11.54 ? 186 TRP A CG  1 
ATOM   833  C  CD1 . TRP A 1 104 ? 2.779   2.682   12.378  1.00 9.56  ? 186 TRP A CD1 1 
ATOM   834  C  CD2 . TRP A 1 104 ? 3.078   3.610   10.369  1.00 9.23  ? 186 TRP A CD2 1 
ATOM   835  N  NE1 . TRP A 1 104 ? 3.414   1.766   11.571  1.00 8.69  ? 186 TRP A NE1 1 
ATOM   836  C  CE2 . TRP A 1 104 ? 3.655   2.322   10.367  1.00 8.47  ? 186 TRP A CE2 1 
ATOM   837  C  CE3 . TRP A 1 104 ? 3.146   4.378   9.222   1.00 8.77  ? 186 TRP A CE3 1 
ATOM   838  C  CZ2 . TRP A 1 104 ? 4.354   1.812   9.273   1.00 9.02  ? 186 TRP A CZ2 1 
ATOM   839  C  CZ3 . TRP A 1 104 ? 3.814   3.883   8.120   1.00 7.62  ? 186 TRP A CZ3 1 
ATOM   840  C  CH2 . TRP A 1 104 ? 4.401   2.626   8.137   1.00 9.53  ? 186 TRP A CH2 1 
ATOM   841  N  N   . THR A 1 105 ? 2.307   8.475   11.882  1.00 20.23 ? 187 THR A N   1 
ATOM   842  C  CA  . THR A 1 105 ? 1.689   9.801   12.077  1.00 21.62 ? 187 THR A CA  1 
ATOM   843  C  C   . THR A 1 105 ? 0.767   10.126  10.895  1.00 22.37 ? 187 THR A C   1 
ATOM   844  O  O   . THR A 1 105 ? 0.670   9.406   9.921   1.00 21.24 ? 187 THR A O   1 
ATOM   845  C  CB  . THR A 1 105 ? 2.878   10.863  12.033  1.00 22.05 ? 187 THR A CB  1 
ATOM   846  O  OG1 . THR A 1 105 ? 3.268   10.746  10.597  1.00 23.92 ? 187 THR A OG1 1 
ATOM   847  C  CG2 . THR A 1 105 ? 4.069   10.460  12.929  1.00 21.37 ? 187 THR A CG2 1 
ATOM   848  N  N   . LYS A 1 106 ? 0.167   11.301  10.970  1.00 24.25 ? 188 LYS A N   1 
ATOM   849  C  CA  . LYS A 1 106 ? -0.683  11.831  9.881   1.00 26.40 ? 188 LYS A CA  1 
ATOM   850  C  C   . LYS A 1 106 ? 0.094   13.073  9.378   1.00 27.31 ? 188 LYS A C   1 
ATOM   851  O  O   . LYS A 1 106 ? -0.547  13.993  8.873   1.00 27.40 ? 188 LYS A O   1 
ATOM   852  C  CB  . LYS A 1 106 ? -1.976  12.404  10.472  1.00 28.87 ? 188 LYS A CB  1 
ATOM   853  C  CG  . LYS A 1 106 ? -2.769  11.441  11.347  1.00 31.12 ? 188 LYS A CG  1 
ATOM   854  C  CD  . LYS A 1 106 ? -3.992  12.151  11.930  1.00 33.02 ? 188 LYS A CD  1 
ATOM   855  C  CE  . LYS A 1 106 ? -3.551  13.419  12.671  1.00 35.57 ? 188 LYS A CE  1 
ATOM   856  N  NZ  . LYS A 1 106 ? -2.651  13.048  13.797  1.00 36.37 ? 188 LYS A NZ  1 
ATOM   857  N  N   . ASP A 1 107 ? 1.396   13.055  9.604   1.00 28.42 ? 189 ASP A N   1 
ATOM   858  C  CA  . ASP A 1 107 ? 2.233   14.181  9.327   1.00 31.17 ? 189 ASP A CA  1 
ATOM   859  C  C   . ASP A 1 107 ? 3.133   14.137  8.087   1.00 32.58 ? 189 ASP A C   1 
ATOM   860  O  O   . ASP A 1 107 ? 3.729   13.145  7.738   1.00 32.25 ? 189 ASP A O   1 
ATOM   861  C  CB  . ASP A 1 107 ? 3.219   14.503  10.465  1.00 33.12 ? 189 ASP A CB  1 
ATOM   862  C  CG  . ASP A 1 107 ? 2.573   14.883  11.760  1.00 34.58 ? 189 ASP A CG  1 
ATOM   863  O  OD1 . ASP A 1 107 ? 1.561   15.613  11.661  1.00 35.25 ? 189 ASP A OD1 1 
ATOM   864  O  OD2 . ASP A 1 107 ? 3.156   14.488  12.785  1.00 35.12 ? 189 ASP A OD2 1 
ATOM   865  N  N   . THR A 1 108 ? 3.473   15.384  7.815   1.00 34.56 ? 190 THR A N   1 
ATOM   866  C  CA  . THR A 1 108 ? 4.398   15.837  6.778   1.00 36.34 ? 190 THR A CA  1 
ATOM   867  C  C   . THR A 1 108 ? 5.818   15.407  7.208   1.00 36.63 ? 190 THR A C   1 
ATOM   868  O  O   . THR A 1 108 ? 6.710   15.211  6.367   1.00 37.54 ? 190 THR A O   1 
ATOM   869  C  CB  . THR A 1 108 ? 4.367   17.443  6.781   1.00 38.45 ? 190 THR A CB  1 
ATOM   870  O  OG1 . THR A 1 108 ? 5.515   17.823  5.927   1.00 40.63 ? 190 THR A OG1 1 
ATOM   871  C  CG2 . THR A 1 108 ? 4.460   18.032  8.198   1.00 39.01 ? 190 THR A CG2 1 
ATOM   872  N  N   . THR A 1 109 ? 5.938   15.359  8.521   1.00 35.61 ? 191 THR A N   1 
ATOM   873  C  CA  . THR A 1 109 ? 7.215   14.975  9.168   1.00 34.79 ? 191 THR A CA  1 
ATOM   874  C  C   . THR A 1 109 ? 6.948   13.697  9.955   1.00 33.92 ? 191 THR A C   1 
ATOM   875  O  O   . THR A 1 109 ? 5.929   13.559  10.659  1.00 34.37 ? 191 THR A O   1 
ATOM   876  C  CB  . THR A 1 109 ? 7.834   16.207  9.888   1.00 35.48 ? 191 THR A CB  1 
ATOM   877  O  OG1 . THR A 1 109 ? 8.269   17.125  8.800   1.00 36.64 ? 191 THR A OG1 1 
ATOM   878  C  CG2 . THR A 1 109 ? 8.952   16.029  10.892  1.00 35.51 ? 191 THR A CG2 1 
ATOM   879  N  N   . GLY A 1 110 ? 7.775   12.702  9.663   1.00 32.11 ? 192 GLY A N   1 
ATOM   880  C  CA  . GLY A 1 110 ? 7.692   11.353  10.235  1.00 29.65 ? 192 GLY A CA  1 
ATOM   881  C  C   . GLY A 1 110 ? 7.215   10.369  9.159   1.00 27.30 ? 192 GLY A C   1 
ATOM   882  O  O   . GLY A 1 110 ? 7.042   10.770  7.989   1.00 27.19 ? 192 GLY A O   1 
ATOM   883  N  N   . THR A 1 111 ? 6.975   9.138   9.602   1.00 24.74 ? 193 THR A N   1 
ATOM   884  C  CA  . THR A 1 111 ? 6.477   8.061   8.745   1.00 21.27 ? 193 THR A CA  1 
ATOM   885  C  C   . THR A 1 111 ? 4.956   8.242   8.604   1.00 19.83 ? 193 THR A C   1 
ATOM   886  O  O   . THR A 1 111 ? 4.181   7.837   9.498   1.00 19.68 ? 193 THR A O   1 
ATOM   887  C  CB  . THR A 1 111 ? 6.749   6.596   9.285   1.00 20.59 ? 193 THR A CB  1 
ATOM   888  O  OG1 . THR A 1 111 ? 8.158   6.524   9.637   1.00 19.70 ? 193 THR A OG1 1 
ATOM   889  C  CG2 . THR A 1 111 ? 6.444   5.528   8.205   1.00 19.33 ? 193 THR A CG2 1 
ATOM   890  N  N   . ASN A 1 112 ? 4.602   8.745   7.432   1.00 17.09 ? 194 ASN A N   1 
ATOM   891  C  CA  . ASN A 1 112 ? 3.182   9.040   7.161   1.00 14.38 ? 194 ASN A CA  1 
ATOM   892  C  C   . ASN A 1 112 ? 2.434   7.805   6.681   1.00 12.48 ? 194 ASN A C   1 
ATOM   893  O  O   . ASN A 1 112 ? 2.824   7.149   5.700   1.00 11.73 ? 194 ASN A O   1 
ATOM   894  C  CB  . ASN A 1 112 ? 3.196   10.240  6.205   1.00 13.52 ? 194 ASN A CB  1 
ATOM   895  C  CG  . ASN A 1 112 ? 1.794   10.746  5.981   1.00 11.75 ? 194 ASN A CG  1 
ATOM   896  O  OD1 . ASN A 1 112 ? 1.079   10.227  5.145   1.00 11.68 ? 194 ASN A OD1 1 
ATOM   897  N  ND2 . ASN A 1 112 ? 1.413   11.737  6.737   1.00 13.27 ? 194 ASN A ND2 1 
ATOM   898  N  N   . LEU A 1 113 ? 1.376   7.444   7.381   1.00 10.43 ? 195 LEU A N   1 
ATOM   899  C  CA  . LEU A 1 113 ? 0.588   6.259   7.075   1.00 8.35  ? 195 LEU A CA  1 
ATOM   900  C  C   . LEU A 1 113 ? -0.083  6.377   5.714   1.00 8.52  ? 195 LEU A C   1 
ATOM   901  O  O   . LEU A 1 113 ? -0.089  5.375   4.955   1.00 9.23  ? 195 LEU A O   1 
ATOM   902  C  CB  . LEU A 1 113 ? -0.325  5.948   8.265   1.00 6.37  ? 195 LEU A CB  1 
ATOM   903  C  CG  . LEU A 1 113 ? -1.284  4.766   8.100   1.00 5.68  ? 195 LEU A CG  1 
ATOM   904  C  CD1 . LEU A 1 113 ? -0.519  3.474   7.917   1.00 7.29  ? 195 LEU A CD1 1 
ATOM   905  C  CD2 . LEU A 1 113 ? -2.208  4.698   9.318   1.00 6.32  ? 195 LEU A CD2 1 
ATOM   906  N  N   . PHE A 1 114 ? -0.711  7.491   5.411   1.00 7.85  ? 196 PHE A N   1 
ATOM   907  C  CA  . PHE A 1 114 ? -1.355  7.630   4.072   1.00 7.17  ? 196 PHE A CA  1 
ATOM   908  C  C   . PHE A 1 114 ? -0.347  7.317   2.966   1.00 5.60  ? 196 PHE A C   1 
ATOM   909  O  O   . PHE A 1 114 ? -0.626  6.501   2.075   1.00 3.62  ? 196 PHE A O   1 
ATOM   910  C  CB  . PHE A 1 114 ? -1.995  9.011   3.880   1.00 7.73  ? 196 PHE A CB  1 
ATOM   911  C  CG  . PHE A 1 114 ? -2.268  9.298   2.420   1.00 8.79  ? 196 PHE A CG  1 
ATOM   912  C  CD1 . PHE A 1 114 ? -3.278  8.603   1.753   1.00 8.96  ? 196 PHE A CD1 1 
ATOM   913  C  CD2 . PHE A 1 114 ? -1.480  10.208  1.740   1.00 9.43  ? 196 PHE A CD2 1 
ATOM   914  C  CE1 . PHE A 1 114 ? -3.492  8.831   0.399   1.00 9.25  ? 196 PHE A CE1 1 
ATOM   915  C  CE2 . PHE A 1 114 ? -1.718  10.451  0.382   1.00 10.57 ? 196 PHE A CE2 1 
ATOM   916  C  CZ  . PHE A 1 114 ? -2.707  9.734   -0.287  1.00 7.86  ? 196 PHE A CZ  1 
ATOM   917  N  N   . LEU A 1 115 ? 0.792   7.997   2.997   1.00 4.95  ? 197 LEU A N   1 
ATOM   918  C  CA  . LEU A 1 115 ? 1.811   7.833   1.927   1.00 4.83  ? 197 LEU A CA  1 
ATOM   919  C  C   . LEU A 1 115 ? 2.347   6.424   1.791   1.00 6.28  ? 197 LEU A C   1 
ATOM   920  O  O   . LEU A 1 115 ? 2.656   5.900   0.644   1.00 7.84  ? 197 LEU A O   1 
ATOM   921  C  CB  . LEU A 1 115 ? 2.840   8.946   2.165   1.00 5.55  ? 197 LEU A CB  1 
ATOM   922  C  CG  . LEU A 1 115 ? 3.934   9.250   1.165   1.00 6.79  ? 197 LEU A CG  1 
ATOM   923  C  CD1 . LEU A 1 115 ? 3.320   9.840   -0.100  1.00 7.65  ? 197 LEU A CD1 1 
ATOM   924  C  CD2 . LEU A 1 115 ? 4.945   10.266  1.702   1.00 8.39  ? 197 LEU A CD2 1 
ATOM   925  N  N   . VAL A 1 116 ? 2.668   5.784   2.903   1.00 5.47  ? 198 VAL A N   1 
ATOM   926  C  CA  . VAL A 1 116 ? 3.234   4.416   2.900   1.00 5.93  ? 198 VAL A CA  1 
ATOM   927  C  C   . VAL A 1 116 ? 2.158   3.469   2.347   1.00 5.88  ? 198 VAL A C   1 
ATOM   928  O  O   . VAL A 1 116 ? 2.481   2.632   1.498   1.00 5.63  ? 198 VAL A O   1 
ATOM   929  C  CB  . VAL A 1 116 ? 3.857   4.036   4.247   1.00 5.69  ? 198 VAL A CB  1 
ATOM   930  C  CG1 . VAL A 1 116 ? 4.472   2.625   4.227   1.00 6.16  ? 198 VAL A CG1 1 
ATOM   931  C  CG2 . VAL A 1 116 ? 4.987   5.034   4.634   1.00 4.97  ? 198 VAL A CG2 1 
ATOM   932  N  N   . ALA A 1 117 ? 0.939   3.627   2.867   1.00 5.47  ? 199 ALA A N   1 
ATOM   933  C  CA  . ALA A 1 117 ? -0.191  2.828   2.381   1.00 5.74  ? 199 ALA A CA  1 
ATOM   934  C  C   . ALA A 1 117 ? -0.372  3.010   0.875   1.00 5.66  ? 199 ALA A C   1 
ATOM   935  O  O   . ALA A 1 117 ? -0.580  1.977   0.227   1.00 7.21  ? 199 ALA A O   1 
ATOM   936  C  CB  . ALA A 1 117 ? -1.500  3.208   3.073   1.00 4.01  ? 199 ALA A CB  1 
ATOM   937  N  N   . ALA A 1 118 ? -0.382  4.213   0.362   1.00 4.77  ? 200 ALA A N   1 
ATOM   938  C  CA  . ALA A 1 118 ? -0.558  4.491   -1.074  1.00 5.50  ? 200 ALA A CA  1 
ATOM   939  C  C   . ALA A 1 118 ? 0.494   3.792   -1.927  1.00 5.83  ? 200 ALA A C   1 
ATOM   940  O  O   . ALA A 1 118 ? 0.168   3.239   -3.009  1.00 4.93  ? 200 ALA A O   1 
ATOM   941  C  CB  . ALA A 1 118 ? -0.596  5.986   -1.366  1.00 4.69  ? 200 ALA A CB  1 
ATOM   942  N  N   . HIS A 1 119 ? 1.737   3.786   -1.429  1.00 4.93  ? 201 HIS A N   1 
ATOM   943  C  CA  . HIS A 1 119 ? 2.838   3.058   -2.074  1.00 5.21  ? 201 HIS A CA  1 
ATOM   944  C  C   . HIS A 1 119 ? 2.718   1.552   -1.995  1.00 6.52  ? 201 HIS A C   1 
ATOM   945  O  O   . HIS A 1 119 ? 2.852   0.793   -3.010  1.00 6.65  ? 201 HIS A O   1 
ATOM   946  C  CB  . HIS A 1 119 ? 4.218   3.521   -1.529  1.00 5.01  ? 201 HIS A CB  1 
ATOM   947  C  CG  . HIS A 1 119 ? 5.396   2.772   -2.033  1.00 4.74  ? 201 HIS A CG  1 
ATOM   948  N  ND1 . HIS A 1 119 ? 6.228   3.192   -3.035  1.00 4.42  ? 201 HIS A ND1 1 
ATOM   949  C  CD2 . HIS A 1 119 ? 5.915   1.588   -1.612  1.00 6.73  ? 201 HIS A CD2 1 
ATOM   950  C  CE1 . HIS A 1 119 ? 7.145   2.288   -3.281  1.00 5.55  ? 201 HIS A CE1 1 
ATOM   951  N  NE2 . HIS A 1 119 ? 6.988   1.274   -2.434  1.00 7.44  ? 201 HIS A NE2 1 
ATOM   952  N  N   . GLU A 1 120 ? 2.407   1.009   -0.830  1.00 6.45  ? 202 GLU A N   1 
ATOM   953  C  CA  . GLU A 1 120 ? 2.223   -0.411  -0.607  1.00 6.12  ? 202 GLU A CA  1 
ATOM   954  C  C   . GLU A 1 120 ? 1.091   -0.963  -1.458  1.00 6.23  ? 202 GLU A C   1 
ATOM   955  O  O   . GLU A 1 120 ? 1.297   -2.079  -2.008  1.00 6.62  ? 202 GLU A O   1 
ATOM   956  C  CB  . GLU A 1 120 ? 2.084   -0.796  0.869   1.00 7.44  ? 202 GLU A CB  1 
ATOM   957  C  CG  . GLU A 1 120 ? 3.352   -0.566  1.704   1.00 8.02  ? 202 GLU A CG  1 
ATOM   958  C  CD  . GLU A 1 120 ? 4.575   -1.268  1.193   1.00 9.36  ? 202 GLU A CD  1 
ATOM   959  O  OE1 . GLU A 1 120 ? 4.586   -2.307  0.571   1.00 10.02 ? 202 GLU A OE1 1 
ATOM   960  O  OE2 . GLU A 1 120 ? 5.663   -0.715  1.467   1.00 11.59 ? 202 GLU A OE2 1 
ATOM   961  N  N   . ILE A 1 121 ? 0.010   -0.256  -1.646  1.00 4.90  ? 203 ILE A N   1 
ATOM   962  C  CA  . ILE A 1 121 ? -1.143  -0.678  -2.478  1.00 4.88  ? 203 ILE A CA  1 
ATOM   963  C  C   . ILE A 1 121 ? -0.776  -0.723  -3.948  1.00 4.72  ? 203 ILE A C   1 
ATOM   964  O  O   . ILE A 1 121 ? -1.328  -1.548  -4.708  1.00 5.12  ? 203 ILE A O   1 
ATOM   965  C  CB  . ILE A 1 121 ? -2.431  0.116   -2.112  1.00 4.12  ? 203 ILE A CB  1 
ATOM   966  C  CG1 . ILE A 1 121 ? -2.896  -0.408  -0.689  1.00 4.18  ? 203 ILE A CG1 1 
ATOM   967  C  CG2 . ILE A 1 121 ? -3.610  0.055   -3.088  1.00 2.00  ? 203 ILE A CG2 1 
ATOM   968  C  CD1 . ILE A 1 121 ? -3.890  0.620   -0.094  1.00 6.69  ? 203 ILE A CD1 1 
ATOM   969  N  N   . GLY A 1 122 ? 0.144   0.131   -4.357  1.00 4.00  ? 204 GLY A N   1 
ATOM   970  C  CA  . GLY A 1 122 ? 0.623   0.018   -5.764  1.00 2.94  ? 204 GLY A CA  1 
ATOM   971  C  C   . GLY A 1 122 ? 1.212   -1.383  -5.878  1.00 3.12  ? 204 GLY A C   1 
ATOM   972  O  O   . GLY A 1 122 ? 1.057   -2.043  -6.938  1.00 4.20  ? 204 GLY A O   1 
ATOM   973  N  N   . HIS A 1 123 ? 1.949   -1.858  -4.873  1.00 2.63  ? 205 HIS A N   1 
ATOM   974  C  CA  . HIS A 1 123 ? 2.537   -3.210  -4.993  1.00 2.00  ? 205 HIS A CA  1 
ATOM   975  C  C   . HIS A 1 123 ? 1.440   -4.271  -4.991  1.00 2.00  ? 205 HIS A C   1 
ATOM   976  O  O   . HIS A 1 123 ? 1.621   -5.276  -5.719  1.00 2.00  ? 205 HIS A O   1 
ATOM   977  C  CB  . HIS A 1 123 ? 3.599   -3.651  -3.991  1.00 4.74  ? 205 HIS A CB  1 
ATOM   978  C  CG  . HIS A 1 123 ? 4.830   -2.774  -4.013  1.00 5.67  ? 205 HIS A CG  1 
ATOM   979  N  ND1 . HIS A 1 123 ? 5.733   -2.762  -5.036  1.00 5.36  ? 205 HIS A ND1 1 
ATOM   980  C  CD2 . HIS A 1 123 ? 5.324   -1.997  -3.018  1.00 4.97  ? 205 HIS A CD2 1 
ATOM   981  C  CE1 . HIS A 1 123 ? 6.707   -1.933  -4.688  1.00 7.55  ? 205 HIS A CE1 1 
ATOM   982  N  NE2 . HIS A 1 123 ? 6.527   -1.519  -3.437  1.00 5.87  ? 205 HIS A NE2 1 
ATOM   983  N  N   . SER A 1 124 ? 0.395   -4.037  -4.197  1.00 2.00  ? 206 SER A N   1 
ATOM   984  C  CA  . SER A 1 124 ? -0.701  -5.021  -4.135  1.00 2.08  ? 206 SER A CA  1 
ATOM   985  C  C   . SER A 1 124 ? -1.482  -5.074  -5.444  1.00 2.25  ? 206 SER A C   1 
ATOM   986  O  O   . SER A 1 124 ? -2.185  -6.083  -5.706  1.00 2.57  ? 206 SER A O   1 
ATOM   987  C  CB  . SER A 1 124 ? -1.686  -4.781  -2.978  1.00 3.89  ? 206 SER A CB  1 
ATOM   988  O  OG  . SER A 1 124 ? -0.948  -4.815  -1.750  1.00 6.37  ? 206 SER A OG  1 
ATOM   989  N  N   . LEU A 1 125 ? -1.366  -3.996  -6.209  1.00 2.37  ? 207 LEU A N   1 
ATOM   990  C  CA  . LEU A 1 125 ? -1.953  -3.880  -7.529  1.00 2.65  ? 207 LEU A CA  1 
ATOM   991  C  C   . LEU A 1 125 ? -1.126  -4.499  -8.651  1.00 3.78  ? 207 LEU A C   1 
ATOM   992  O  O   . LEU A 1 125 ? -1.717  -4.701  -9.748  1.00 4.66  ? 207 LEU A O   1 
ATOM   993  C  CB  . LEU A 1 125 ? -2.502  -2.513  -7.775  1.00 2.00  ? 207 LEU A CB  1 
ATOM   994  C  CG  . LEU A 1 125 ? -3.698  -2.071  -6.910  1.00 3.70  ? 207 LEU A CG  1 
ATOM   995  C  CD1 . LEU A 1 125 ? -4.259  -0.762  -7.412  1.00 5.65  ? 207 LEU A CD1 1 
ATOM   996  C  CD2 . LEU A 1 125 ? -4.726  -3.185  -6.811  1.00 2.00  ? 207 LEU A CD2 1 
ATOM   997  N  N   . GLY A 1 126 ? 0.172   -4.665  -8.454  1.00 3.70  ? 208 GLY A N   1 
ATOM   998  C  CA  . GLY A 1 126 ? 1.065   -5.268  -9.423  1.00 4.58  ? 208 GLY A CA  1 
ATOM   999  C  C   . GLY A 1 126 ? 2.185   -4.438  -9.982  1.00 5.59  ? 208 GLY A C   1 
ATOM   1000 O  O   . GLY A 1 126 ? 2.911   -4.911  -10.908 1.00 5.47  ? 208 GLY A O   1 
ATOM   1001 N  N   . LEU A 1 127 ? 2.382   -3.247  -9.418  1.00 6.53  ? 209 LEU A N   1 
ATOM   1002 C  CA  . LEU A 1 127 ? 3.486   -2.375  -9.787  1.00 7.92  ? 209 LEU A CA  1 
ATOM   1003 C  C   . LEU A 1 127 ? 4.719   -2.660  -8.883  1.00 8.24  ? 209 LEU A C   1 
ATOM   1004 O  O   . LEU A 1 127 ? 4.515   -2.772  -7.666  1.00 8.29  ? 209 LEU A O   1 
ATOM   1005 C  CB  . LEU A 1 127 ? 3.161   -0.885  -9.685  1.00 7.57  ? 209 LEU A CB  1 
ATOM   1006 C  CG  . LEU A 1 127 ? 2.194   -0.218  -10.639 1.00 7.27  ? 209 LEU A CG  1 
ATOM   1007 C  CD1 . LEU A 1 127 ? 2.215   1.296   -10.426 1.00 8.64  ? 209 LEU A CD1 1 
ATOM   1008 C  CD2 . LEU A 1 127 ? 2.663   -0.560  -12.053 1.00 8.31  ? 209 LEU A CD2 1 
ATOM   1009 N  N   . PHE A 1 128 ? 5.865   -2.595  -9.513  1.00 7.70  ? 210 PHE A N   1 
ATOM   1010 C  CA  . PHE A 1 128 ? 7.138   -2.712  -8.753  1.00 8.98  ? 210 PHE A CA  1 
ATOM   1011 C  C   . PHE A 1 128 ? 7.743   -1.329  -8.666  1.00 8.85  ? 210 PHE A C   1 
ATOM   1012 O  O   . PHE A 1 128 ? 6.997   -0.334  -8.760  1.00 8.75  ? 210 PHE A O   1 
ATOM   1013 C  CB  . PHE A 1 128 ? 8.018   -3.848  -9.215  1.00 11.26 ? 210 PHE A CB  1 
ATOM   1014 C  CG  . PHE A 1 128 ? 9.176   -4.116  -8.329  1.00 13.56 ? 210 PHE A CG  1 
ATOM   1015 C  CD1 . PHE A 1 128 ? 8.931   -4.586  -7.033  1.00 15.35 ? 210 PHE A CD1 1 
ATOM   1016 C  CD2 . PHE A 1 128 ? 10.489  -3.876  -8.748  1.00 14.73 ? 210 PHE A CD2 1 
ATOM   1017 C  CE1 . PHE A 1 128 ? 9.988   -4.816  -6.151  1.00 16.18 ? 210 PHE A CE1 1 
ATOM   1018 C  CE2 . PHE A 1 128 ? 11.561  -4.152  -7.880  1.00 15.02 ? 210 PHE A CE2 1 
ATOM   1019 C  CZ  . PHE A 1 128 ? 11.297  -4.572  -6.563  1.00 14.25 ? 210 PHE A CZ  1 
ATOM   1020 N  N   . HIS A 1 129 ? 9.015   -1.195  -8.369  1.00 9.36  ? 211 HIS A N   1 
ATOM   1021 C  CA  . HIS A 1 129 ? 9.674   0.097   -8.213  1.00 9.35  ? 211 HIS A CA  1 
ATOM   1022 C  C   . HIS A 1 129 ? 10.036  0.748   -9.547  1.00 10.40 ? 211 HIS A C   1 
ATOM   1023 O  O   . HIS A 1 129 ? 10.449  0.121   -10.524 1.00 8.97  ? 211 HIS A O   1 
ATOM   1024 C  CB  . HIS A 1 129 ? 10.838  0.195   -7.229  1.00 6.65  ? 211 HIS A CB  1 
ATOM   1025 C  CG  . HIS A 1 129 ? 10.502  -0.112  -5.809  1.00 7.33  ? 211 HIS A CG  1 
ATOM   1026 N  ND1 . HIS A 1 129 ? 11.231  -0.984  -4.993  1.00 5.91  ? 211 HIS A ND1 1 
ATOM   1027 C  CD2 . HIS A 1 129 ? 9.491   0.341   -5.021  1.00 6.45  ? 211 HIS A CD2 1 
ATOM   1028 C  CE1 . HIS A 1 129 ? 10.712  -0.952  -3.801  1.00 5.33  ? 211 HIS A CE1 1 
ATOM   1029 N  NE2 . HIS A 1 129 ? 9.661   -0.196  -3.767  1.00 5.53  ? 211 HIS A NE2 1 
ATOM   1030 N  N   . SER A 1 130 ? 9.872   2.058   -9.525  1.00 11.94 ? 212 SER A N   1 
ATOM   1031 C  CA  . SER A 1 130 ? 10.148  2.955   -10.645 1.00 13.40 ? 212 SER A CA  1 
ATOM   1032 C  C   . SER A 1 130 ? 11.492  3.672   -10.436 1.00 15.00 ? 212 SER A C   1 
ATOM   1033 O  O   . SER A 1 130 ? 11.884  4.074   -9.325  1.00 14.26 ? 212 SER A O   1 
ATOM   1034 C  CB  . SER A 1 130 ? 9.078   4.078   -10.612 1.00 14.50 ? 212 SER A CB  1 
ATOM   1035 O  OG  . SER A 1 130 ? 9.429   5.123   -11.511 1.00 13.57 ? 212 SER A OG  1 
ATOM   1036 N  N   . ALA A 1 131 ? 12.039  4.021   -11.579 1.00 16.66 ? 213 ALA A N   1 
ATOM   1037 C  CA  . ALA A 1 131 ? 13.271  4.831   -11.704 1.00 17.52 ? 213 ALA A CA  1 
ATOM   1038 C  C   . ALA A 1 131 ? 12.927  6.316   -11.718 1.00 18.08 ? 213 ALA A C   1 
ATOM   1039 O  O   . ALA A 1 131 ? 13.801  7.120   -11.332 1.00 19.34 ? 213 ALA A O   1 
ATOM   1040 C  CB  . ALA A 1 131 ? 14.039  4.480   -12.967 1.00 18.50 ? 213 ALA A CB  1 
ATOM   1041 N  N   . ASN A 1 132 ? 11.740  6.685   -12.152 1.00 18.43 ? 214 ASN A N   1 
ATOM   1042 C  CA  . ASN A 1 132 ? 11.308  8.080   -12.207 1.00 18.66 ? 214 ASN A CA  1 
ATOM   1043 C  C   . ASN A 1 132 ? 11.330  8.568   -10.743 1.00 18.92 ? 214 ASN A C   1 
ATOM   1044 O  O   . ASN A 1 132 ? 10.709  7.921   -9.871  1.00 18.99 ? 214 ASN A O   1 
ATOM   1045 C  CB  . ASN A 1 132 ? 10.009  8.321   -12.942 1.00 20.63 ? 214 ASN A CB  1 
ATOM   1046 C  CG  . ASN A 1 132 ? 9.542   9.760   -12.850 1.00 23.25 ? 214 ASN A CG  1 
ATOM   1047 O  OD1 . ASN A 1 132 ? 10.351  10.692  -12.895 1.00 25.00 ? 214 ASN A OD1 1 
ATOM   1048 N  ND2 . ASN A 1 132 ? 8.274   10.101  -12.581 1.00 26.02 ? 214 ASN A ND2 1 
ATOM   1049 N  N   . THR A 1 133 ? 12.053  9.638   -10.522 1.00 18.56 ? 215 THR A N   1 
ATOM   1050 C  CA  . THR A 1 133 ? 12.239  10.210  -9.181  1.00 19.19 ? 215 THR A CA  1 
ATOM   1051 C  C   . THR A 1 133 ? 11.006  10.849  -8.579  1.00 18.94 ? 215 THR A C   1 
ATOM   1052 O  O   . THR A 1 133 ? 10.888  11.007  -7.332  1.00 19.42 ? 215 THR A O   1 
ATOM   1053 C  CB  . THR A 1 133 ? 13.441  11.261  -9.276  1.00 20.07 ? 215 THR A CB  1 
ATOM   1054 O  OG1 . THR A 1 133 ? 13.659  11.666  -7.890  1.00 22.71 ? 215 THR A OG1 1 
ATOM   1055 C  CG2 . THR A 1 133 ? 13.091  12.482  -10.138 1.00 18.92 ? 215 THR A CG2 1 
ATOM   1056 N  N   . GLU A 1 134 ? 10.057  11.224  -9.426  1.00 17.37 ? 216 GLU A N   1 
ATOM   1057 C  CA  . GLU A 1 134 ? 8.797   11.887  -8.998  1.00 16.89 ? 216 GLU A CA  1 
ATOM   1058 C  C   . GLU A 1 134 ? 7.675   10.894  -8.731  1.00 15.41 ? 216 GLU A C   1 
ATOM   1059 O  O   . GLU A 1 134 ? 6.587   11.268  -8.231  1.00 16.45 ? 216 GLU A O   1 
ATOM   1060 C  CB  . GLU A 1 134 ? 8.359   12.806  -10.174 1.00 18.75 ? 216 GLU A CB  1 
ATOM   1061 C  CG  . GLU A 1 134 ? 7.215   13.749  -10.087 0.50 19.37 ? 216 GLU A CG  1 
ATOM   1062 C  CD  . GLU A 1 134 ? 6.895   14.704  -11.193 0.50 19.29 ? 216 GLU A CD  1 
ATOM   1063 O  OE1 . GLU A 1 134 ? 7.531   15.732  -11.424 0.50 20.38 ? 216 GLU A OE1 1 
ATOM   1064 O  OE2 . GLU A 1 134 ? 5.814   14.462  -11.774 0.50 17.51 ? 216 GLU A OE2 1 
ATOM   1065 N  N   . ALA A 1 135 ? 7.871   9.636   -9.079  1.00 13.18 ? 217 ALA A N   1 
ATOM   1066 C  CA  . ALA A 1 135 ? 6.860   8.593   -8.941  1.00 10.92 ? 217 ALA A CA  1 
ATOM   1067 C  C   . ALA A 1 135 ? 6.549   8.244   -7.485  1.00 9.93  ? 217 ALA A C   1 
ATOM   1068 O  O   . ALA A 1 135 ? 7.484   8.255   -6.681  1.00 9.10  ? 217 ALA A O   1 
ATOM   1069 C  CB  . ALA A 1 135 ? 7.323   7.351   -9.680  1.00 8.06  ? 217 ALA A CB  1 
ATOM   1070 N  N   . LEU A 1 136 ? 5.292   7.849   -7.265  1.00 8.88  ? 218 LEU A N   1 
ATOM   1071 C  CA  . LEU A 1 136 ? 4.902   7.381   -5.928  1.00 9.26  ? 218 LEU A CA  1 
ATOM   1072 C  C   . LEU A 1 136 ? 5.673   6.045   -5.690  1.00 8.86  ? 218 LEU A C   1 
ATOM   1073 O  O   . LEU A 1 136 ? 5.992   5.717   -4.550  1.00 8.38  ? 218 LEU A O   1 
ATOM   1074 C  CB  . LEU A 1 136 ? 3.412   7.261   -5.759  1.00 8.16  ? 218 LEU A CB  1 
ATOM   1075 C  CG  . LEU A 1 136 ? 2.829   6.531   -4.537  1.00 9.86  ? 218 LEU A CG  1 
ATOM   1076 C  CD1 . LEU A 1 136 ? 3.042   7.243   -3.204  1.00 7.51  ? 218 LEU A CD1 1 
ATOM   1077 C  CD2 . LEU A 1 136 ? 1.324   6.365   -4.730  1.00 9.57  ? 218 LEU A CD2 1 
ATOM   1078 N  N   . MET A 1 137 ? 5.928   5.323   -6.754  1.00 8.52  ? 219 MET A N   1 
ATOM   1079 C  CA  . MET A 1 137 ? 6.568   4.016   -6.724  1.00 8.58  ? 219 MET A CA  1 
ATOM   1080 C  C   . MET A 1 137 ? 8.083   4.034   -6.688  1.00 9.29  ? 219 MET A C   1 
ATOM   1081 O  O   . MET A 1 137 ? 8.715   2.943   -6.692  1.00 10.28 ? 219 MET A O   1 
ATOM   1082 C  CB  . MET A 1 137 ? 5.999   3.086   -7.772  1.00 7.81  ? 219 MET A CB  1 
ATOM   1083 C  CG  . MET A 1 137 ? 4.523   2.919   -7.749  1.00 6.01  ? 219 MET A CG  1 
ATOM   1084 S  SD  . MET A 1 137 ? 3.974   2.204   -6.142  1.00 6.61  ? 219 MET A SD  1 
ATOM   1085 C  CE  . MET A 1 137 ? 4.954   0.692   -6.117  1.00 2.00  ? 219 MET A CE  1 
ATOM   1086 N  N   . TYR A 1 138 ? 8.700   5.172   -6.826  1.00 9.47  ? 220 TYR A N   1 
ATOM   1087 C  CA  . TYR A 1 138 ? 10.207  5.247   -6.715  1.00 10.16 ? 220 TYR A CA  1 
ATOM   1088 C  C   . TYR A 1 138 ? 10.450  4.856   -5.232  1.00 9.85  ? 220 TYR A C   1 
ATOM   1089 O  O   . TYR A 1 138 ? 9.587   5.209   -4.406  1.00 9.17  ? 220 TYR A O   1 
ATOM   1090 C  CB  . TYR A 1 138 ? 10.492  6.765   -6.881  1.00 10.50 ? 220 TYR A CB  1 
ATOM   1091 C  CG  . TYR A 1 138 ? 11.967  7.096   -6.850  1.00 11.60 ? 220 TYR A CG  1 
ATOM   1092 C  CD1 . TYR A 1 138 ? 12.808  6.706   -7.886  1.00 13.16 ? 220 TYR A CD1 1 
ATOM   1093 C  CD2 . TYR A 1 138 ? 12.499  7.866   -5.830  1.00 13.44 ? 220 TYR A CD2 1 
ATOM   1094 C  CE1 . TYR A 1 138 ? 14.146  7.055   -7.912  1.00 14.85 ? 220 TYR A CE1 1 
ATOM   1095 C  CE2 . TYR A 1 138 ? 13.845  8.264   -5.833  1.00 15.44 ? 220 TYR A CE2 1 
ATOM   1096 C  CZ  . TYR A 1 138 ? 14.670  7.813   -6.857  1.00 15.99 ? 220 TYR A CZ  1 
ATOM   1097 O  OH  . TYR A 1 138 ? 15.979  8.180   -6.834  1.00 16.50 ? 220 TYR A OH  1 
ATOM   1098 N  N   . PRO A 1 139 ? 11.531  4.182   -4.949  1.00 10.22 ? 221 PRO A N   1 
ATOM   1099 C  CA  . PRO A 1 139 ? 11.835  3.728   -3.587  1.00 11.22 ? 221 PRO A CA  1 
ATOM   1100 C  C   . PRO A 1 139 ? 11.938  4.758   -2.496  1.00 11.83 ? 221 PRO A C   1 
ATOM   1101 O  O   . PRO A 1 139 ? 11.694  4.436   -1.306  1.00 13.53 ? 221 PRO A O   1 
ATOM   1102 C  CB  . PRO A 1 139 ? 13.170  2.962   -3.740  1.00 10.51 ? 221 PRO A CB  1 
ATOM   1103 C  CG  . PRO A 1 139 ? 13.284  2.656   -5.192  1.00 10.02 ? 221 PRO A CG  1 
ATOM   1104 C  CD  . PRO A 1 139 ? 12.543  3.748   -5.928  1.00 9.52  ? 221 PRO A CD  1 
ATOM   1105 N  N   . LEU A 1 140 ? 12.328  5.978   -2.782  1.00 12.34 ? 222 LEU A N   1 
ATOM   1106 C  CA  . LEU A 1 140 ? 12.522  7.045   -1.780  1.00 12.06 ? 222 LEU A CA  1 
ATOM   1107 C  C   . LEU A 1 140 ? 11.350  8.009   -1.759  1.00 12.74 ? 222 LEU A C   1 
ATOM   1108 O  O   . LEU A 1 140 ? 11.462  9.188   -1.340  1.00 14.02 ? 222 LEU A O   1 
ATOM   1109 C  CB  . LEU A 1 140 ? 13.868  7.710   -2.117  1.00 11.90 ? 222 LEU A CB  1 
ATOM   1110 C  CG  . LEU A 1 140 ? 15.086  6.796   -2.019  1.00 14.31 ? 222 LEU A CG  1 
ATOM   1111 C  CD1 . LEU A 1 140 ? 16.341  7.533   -2.486  1.00 14.35 ? 222 LEU A CD1 1 
ATOM   1112 C  CD2 . LEU A 1 140 ? 15.268  6.474   -0.518  1.00 12.99 ? 222 LEU A CD2 1 
ATOM   1113 N  N   . TYR A 1 141 ? 10.210  7.566   -2.221  1.00 12.46 ? 223 TYR A N   1 
ATOM   1114 C  CA  . TYR A 1 141 ? 8.979   8.390   -2.224  1.00 13.21 ? 223 TYR A CA  1 
ATOM   1115 C  C   . TYR A 1 141 ? 8.698   8.914   -0.819  1.00 14.99 ? 223 TYR A C   1 
ATOM   1116 O  O   . TYR A 1 141 ? 8.189   10.046  -0.634  1.00 15.58 ? 223 TYR A O   1 
ATOM   1117 C  CB  . TYR A 1 141 ? 7.789   7.533   -2.760  1.00 10.16 ? 223 TYR A CB  1 
ATOM   1118 C  CG  . TYR A 1 141 ? 7.423   6.479   -1.722  1.00 8.92  ? 223 TYR A CG  1 
ATOM   1119 C  CD1 . TYR A 1 141 ? 8.195   5.357   -1.483  1.00 7.92  ? 223 TYR A CD1 1 
ATOM   1120 C  CD2 . TYR A 1 141 ? 6.416   6.784   -0.813  1.00 8.83  ? 223 TYR A CD2 1 
ATOM   1121 C  CE1 . TYR A 1 141 ? 7.885   4.460   -0.454  1.00 8.15  ? 223 TYR A CE1 1 
ATOM   1122 C  CE2 . TYR A 1 141 ? 6.051   5.867   0.174   1.00 7.32  ? 223 TYR A CE2 1 
ATOM   1123 C  CZ  . TYR A 1 141 ? 6.840   4.750   0.389   1.00 8.42  ? 223 TYR A CZ  1 
ATOM   1124 O  OH  . TYR A 1 141 ? 6.598   3.955   1.487   1.00 9.21  ? 223 TYR A OH  1 
ATOM   1125 N  N   . HIS A 1 142 ? 8.938   8.105   0.200   1.00 16.55 ? 224 HIS A N   1 
ATOM   1126 C  CA  . HIS A 1 142 ? 8.678   8.443   1.590   1.00 18.83 ? 224 HIS A CA  1 
ATOM   1127 C  C   . HIS A 1 142 ? 9.367   9.675   2.129   1.00 19.97 ? 224 HIS A C   1 
ATOM   1128 O  O   . HIS A 1 142 ? 8.870   10.270  3.111   1.00 20.13 ? 224 HIS A O   1 
ATOM   1129 C  CB  . HIS A 1 142 ? 8.841   7.289   2.601   1.00 21.98 ? 224 HIS A CB  1 
ATOM   1130 C  CG  . HIS A 1 142 ? 10.096  6.491   2.428   1.00 24.02 ? 224 HIS A CG  1 
ATOM   1131 N  ND1 . HIS A 1 142 ? 11.350  6.874   2.791   1.00 24.69 ? 224 HIS A ND1 1 
ATOM   1132 C  CD2 . HIS A 1 142 ? 10.228  5.219   1.936   1.00 25.26 ? 224 HIS A CD2 1 
ATOM   1133 C  CE1 . HIS A 1 142 ? 12.230  5.938   2.474   1.00 25.35 ? 224 HIS A CE1 1 
ATOM   1134 N  NE2 . HIS A 1 142 ? 11.561  4.895   1.996   1.00 26.06 ? 224 HIS A NE2 1 
ATOM   1135 N  N   . SER A 1 143 ? 10.451  10.096  1.525   1.00 20.90 ? 225 SER A N   1 
ATOM   1136 C  CA  . SER A 1 143 ? 11.299  11.202  1.893   1.00 21.74 ? 225 SER A CA  1 
ATOM   1137 C  C   . SER A 1 143 ? 11.214  12.408  0.967   1.00 22.64 ? 225 SER A C   1 
ATOM   1138 O  O   . SER A 1 143 ? 11.448  13.553  1.421   1.00 22.97 ? 225 SER A O   1 
ATOM   1139 C  CB  . SER A 1 143 ? 12.782  10.765  1.977   1.00 21.86 ? 225 SER A CB  1 
ATOM   1140 O  OG  . SER A 1 143 ? 12.981  9.720   2.925   1.00 21.09 ? 225 SER A OG  1 
ATOM   1141 N  N   . LEU A 1 144 ? 10.897  12.175  -0.291  1.00 22.68 ? 226 LEU A N   1 
ATOM   1142 C  CA  . LEU A 1 144 ? 10.833  13.210  -1.302  1.00 23.64 ? 226 LEU A CA  1 
ATOM   1143 C  C   . LEU A 1 144 ? 9.430   13.762  -1.538  1.00 25.33 ? 226 LEU A C   1 
ATOM   1144 O  O   . LEU A 1 144 ? 9.307   14.765  -2.290  1.00 25.96 ? 226 LEU A O   1 
ATOM   1145 C  CB  . LEU A 1 144 ? 11.416  12.655  -2.620  1.00 20.55 ? 226 LEU A CB  1 
ATOM   1146 C  CG  . LEU A 1 144 ? 12.784  12.050  -2.627  1.00 19.75 ? 226 LEU A CG  1 
ATOM   1147 C  CD1 . LEU A 1 144 ? 13.187  11.593  -4.017  1.00 19.24 ? 226 LEU A CD1 1 
ATOM   1148 C  CD2 . LEU A 1 144 ? 13.802  13.001  -2.035  1.00 17.88 ? 226 LEU A CD2 1 
ATOM   1149 N  N   . THR A 1 145 ? 8.426   13.080  -1.058  1.00 26.45 ? 227 THR A N   1 
ATOM   1150 C  CA  . THR A 1 145 ? 7.035   13.419  -1.288  1.00 28.25 ? 227 THR A CA  1 
ATOM   1151 C  C   . THR A 1 145 ? 6.498   14.482  -0.356  1.00 30.35 ? 227 THR A C   1 
ATOM   1152 O  O   . THR A 1 145 ? 6.497   14.321  0.869   1.00 31.42 ? 227 THR A O   1 
ATOM   1153 C  CB  . THR A 1 145 ? 6.068   12.167  -1.356  1.00 26.72 ? 227 THR A CB  1 
ATOM   1154 O  OG1 . THR A 1 145 ? 6.537   11.367  -2.487  1.00 25.77 ? 227 THR A OG1 1 
ATOM   1155 C  CG2 . THR A 1 145 ? 4.601   12.555  -1.499  1.00 26.26 ? 227 THR A CG2 1 
ATOM   1156 N  N   . ASP A 1 146 ? 6.065   15.567  -0.994  1.00 31.44 ? 228 ASP A N   1 
ATOM   1157 C  CA  . ASP A 1 146 ? 5.450   16.723  -0.337  1.00 32.07 ? 228 ASP A CA  1 
ATOM   1158 C  C   . ASP A 1 146 ? 3.908   16.540  -0.351  1.00 32.38 ? 228 ASP A C   1 
ATOM   1159 O  O   . ASP A 1 146 ? 3.247   16.952  -1.327  1.00 31.75 ? 228 ASP A O   1 
ATOM   1160 C  CB  . ASP A 1 146 ? 5.792   18.013  -1.106  1.00 33.72 ? 228 ASP A CB  1 
ATOM   1161 C  CG  . ASP A 1 146 ? 4.982   19.173  -0.533  1.00 35.83 ? 228 ASP A CG  1 
ATOM   1162 O  OD1 . ASP A 1 146 ? 4.161   19.038  0.400   1.00 35.52 ? 228 ASP A OD1 1 
ATOM   1163 O  OD2 . ASP A 1 146 ? 5.148   20.275  -1.103  1.00 37.32 ? 228 ASP A OD2 1 
ATOM   1164 N  N   . LEU A 1 147 ? 3.423   16.063  0.770   1.00 32.56 ? 229 LEU A N   1 
ATOM   1165 C  CA  . LEU A 1 147 ? 2.006   15.786  0.947   1.00 33.25 ? 229 LEU A CA  1 
ATOM   1166 C  C   . LEU A 1 147 ? 1.077   16.904  0.576   1.00 33.99 ? 229 LEU A C   1 
ATOM   1167 O  O   . LEU A 1 147 ? -0.068  16.634  0.158   1.00 34.03 ? 229 LEU A O   1 
ATOM   1168 C  CB  . LEU A 1 147 ? 1.858   15.166  2.342   1.00 33.49 ? 229 LEU A CB  1 
ATOM   1169 C  CG  . LEU A 1 147 ? 2.547   13.783  2.427   1.00 32.95 ? 229 LEU A CG  1 
ATOM   1170 C  CD1 . LEU A 1 147 ? 2.757   13.415  3.892   1.00 32.57 ? 229 LEU A CD1 1 
ATOM   1171 C  CD2 . LEU A 1 147 ? 1.582   12.798  1.765   1.00 31.90 ? 229 LEU A CD2 1 
ATOM   1172 N  N   . THR A 1 148 ? 1.531   18.143  0.707   1.00 34.73 ? 230 THR A N   1 
ATOM   1173 C  CA  . THR A 1 148 ? 0.640   19.279  0.365   1.00 35.54 ? 230 THR A CA  1 
ATOM   1174 C  C   . THR A 1 148 ? 0.281   19.203  -1.119  1.00 35.51 ? 230 THR A C   1 
ATOM   1175 O  O   . THR A 1 148 ? -0.863  19.470  -1.513  1.00 35.78 ? 230 THR A O   1 
ATOM   1176 C  CB  . THR A 1 148 ? 1.261   20.666  0.744   1.00 35.95 ? 230 THR A CB  1 
ATOM   1177 O  OG1 . THR A 1 148 ? 2.646   20.658  0.248   1.00 36.17 ? 230 THR A OG1 1 
ATOM   1178 C  CG2 . THR A 1 148 ? 1.151   21.042  2.215   1.00 36.68 ? 230 THR A CG2 1 
ATOM   1179 N  N   . ARG A 1 149 ? 1.285   18.826  -1.890  1.00 34.89 ? 231 ARG A N   1 
ATOM   1180 C  CA  . ARG A 1 149 ? 1.182   18.765  -3.351  1.00 33.76 ? 231 ARG A CA  1 
ATOM   1181 C  C   . ARG A 1 149 ? 1.023   17.361  -3.908  1.00 33.02 ? 231 ARG A C   1 
ATOM   1182 O  O   . ARG A 1 149 ? 1.309   17.133  -5.112  1.00 33.13 ? 231 ARG A O   1 
ATOM   1183 C  CB  . ARG A 1 149 ? 2.464   19.425  -3.893  1.00 33.28 ? 231 ARG A CB  1 
ATOM   1184 N  N   . PHE A 1 150 ? 0.445   16.465  -3.123  1.00 31.45 ? 232 PHE A N   1 
ATOM   1185 C  CA  . PHE A 1 150 ? 0.282   15.077  -3.497  1.00 29.42 ? 232 PHE A CA  1 
ATOM   1186 C  C   . PHE A 1 150 ? -0.536  14.763  -4.743  1.00 27.91 ? 232 PHE A C   1 
ATOM   1187 O  O   . PHE A 1 150 ? -1.749  15.067  -4.807  1.00 28.35 ? 232 PHE A O   1 
ATOM   1188 C  CB  . PHE A 1 150 ? -0.193  14.171  -2.329  1.00 28.18 ? 232 PHE A CB  1 
ATOM   1189 C  CG  . PHE A 1 150 ? -0.136  12.730  -2.782  1.00 26.76 ? 232 PHE A CG  1 
ATOM   1190 C  CD1 . PHE A 1 150 ? 1.139   12.157  -2.978  1.00 25.79 ? 232 PHE A CD1 1 
ATOM   1191 C  CD2 . PHE A 1 150 ? -1.291  12.030  -3.094  1.00 25.78 ? 232 PHE A CD2 1 
ATOM   1192 C  CE1 . PHE A 1 150 ? 1.252   10.847  -3.406  1.00 25.83 ? 232 PHE A CE1 1 
ATOM   1193 C  CE2 . PHE A 1 150 ? -1.173  10.695  -3.531  1.00 25.93 ? 232 PHE A CE2 1 
ATOM   1194 C  CZ  . PHE A 1 150 ? 0.094   10.112  -3.684  1.00 25.67 ? 232 PHE A CZ  1 
ATOM   1195 N  N   . ARG A 1 151 ? 0.102   14.049  -5.652  1.00 25.81 ? 233 ARG A N   1 
ATOM   1196 C  CA  . ARG A 1 151 ? -0.539  13.554  -6.870  1.00 25.27 ? 233 ARG A CA  1 
ATOM   1197 C  C   . ARG A 1 151 ? 0.196   12.356  -7.456  1.00 22.78 ? 233 ARG A C   1 
ATOM   1198 O  O   . ARG A 1 151 ? 1.409   12.229  -7.227  1.00 22.15 ? 233 ARG A O   1 
ATOM   1199 C  CB  . ARG A 1 151 ? -0.911  14.574  -7.909  1.00 29.00 ? 233 ARG A CB  1 
ATOM   1200 C  CG  . ARG A 1 151 ? 0.112   15.511  -8.544  1.00 32.82 ? 233 ARG A CG  1 
ATOM   1201 C  CD  . ARG A 1 151 ? -0.640  16.409  -9.512  1.00 37.05 ? 233 ARG A CD  1 
ATOM   1202 N  NE  . ARG A 1 151 ? 0.059   17.629  -9.874  1.00 40.82 ? 233 ARG A NE  1 
ATOM   1203 C  CZ  . ARG A 1 151 ? -0.371  18.599  -10.687 1.00 42.83 ? 233 ARG A CZ  1 
ATOM   1204 N  NH1 . ARG A 1 151 ? -1.556  18.574  -11.321 1.00 44.24 ? 233 ARG A NH1 1 
ATOM   1205 N  NH2 . ARG A 1 151 ? 0.406   19.679  -10.916 1.00 43.30 ? 233 ARG A NH2 1 
ATOM   1206 N  N   . LEU A 1 152 ? -0.572  11.499  -8.160  1.00 20.73 ? 234 LEU A N   1 
ATOM   1207 C  CA  . LEU A 1 152 ? 0.078   10.361  -8.851  1.00 18.36 ? 234 LEU A CA  1 
ATOM   1208 C  C   . LEU A 1 152 ? 0.894   10.939  -10.019 1.00 18.07 ? 234 LEU A C   1 
ATOM   1209 O  O   . LEU A 1 152 ? 0.477   11.946  -10.657 1.00 17.81 ? 234 LEU A O   1 
ATOM   1210 C  CB  . LEU A 1 152 ? -0.858  9.260   -9.217  1.00 16.64 ? 234 LEU A CB  1 
ATOM   1211 C  CG  . LEU A 1 152 ? -1.420  8.281   -8.194  1.00 15.08 ? 234 LEU A CG  1 
ATOM   1212 C  CD1 . LEU A 1 152 ? -2.417  7.358   -8.871  1.00 15.27 ? 234 LEU A CD1 1 
ATOM   1213 C  CD2 . LEU A 1 152 ? -0.268  7.479   -7.594  1.00 13.93 ? 234 LEU A CD2 1 
ATOM   1214 N  N   . SER A 1 153 ? 2.083   10.378  -10.214 1.00 17.48 ? 235 SER A N   1 
ATOM   1215 C  CA  . SER A 1 153 ? 2.919   10.932  -11.331 1.00 16.66 ? 235 SER A CA  1 
ATOM   1216 C  C   . SER A 1 153 ? 2.384   10.280  -12.603 1.00 15.95 ? 235 SER A C   1 
ATOM   1217 O  O   . SER A 1 153 ? 1.641   9.289   -12.486 1.00 14.86 ? 235 SER A O   1 
ATOM   1218 C  CB  . SER A 1 153 ? 4.381   10.595  -11.100 1.00 15.69 ? 235 SER A CB  1 
ATOM   1219 O  OG  . SER A 1 153 ? 4.647   9.289   -11.532 1.00 15.20 ? 235 SER A OG  1 
ATOM   1220 N  N   . GLN A 1 154 ? 2.884   10.746  -13.741 1.00 15.85 ? 236 GLN A N   1 
ATOM   1221 C  CA  . GLN A 1 154 ? 2.414   10.204  -15.035 1.00 16.14 ? 236 GLN A CA  1 
ATOM   1222 C  C   . GLN A 1 154 ? 2.951   8.792   -15.246 1.00 14.87 ? 236 GLN A C   1 
ATOM   1223 O  O   . GLN A 1 154 ? 2.373   7.979   -15.972 1.00 15.49 ? 236 GLN A O   1 
ATOM   1224 C  CB  . GLN A 1 154 ? 2.818   11.163  -16.146 1.00 19.47 ? 236 GLN A CB  1 
ATOM   1225 C  CG  . GLN A 1 154 ? 2.398   10.725  -17.540 1.00 21.02 ? 236 GLN A CG  1 
ATOM   1226 C  CD  . GLN A 1 154 ? 0.894   10.678  -17.668 1.00 21.64 ? 236 GLN A CD  1 
ATOM   1227 O  OE1 . GLN A 1 154 ? 0.226   11.667  -17.370 1.00 22.45 ? 236 GLN A OE1 1 
ATOM   1228 N  NE2 . GLN A 1 154 ? 0.378   9.501   -18.006 1.00 23.14 ? 236 GLN A NE2 1 
ATOM   1229 N  N   . ASP A 1 155 ? 4.015   8.492   -14.539 1.00 12.93 ? 237 ASP A N   1 
ATOM   1230 C  CA  . ASP A 1 155 ? 4.735   7.220   -14.579 1.00 10.96 ? 237 ASP A CA  1 
ATOM   1231 C  C   . ASP A 1 155 ? 3.890   6.156   -13.871 1.00 9.53  ? 237 ASP A C   1 
ATOM   1232 O  O   . ASP A 1 155 ? 3.621   5.073   -14.385 1.00 6.34  ? 237 ASP A O   1 
ATOM   1233 C  CB  . ASP A 1 155 ? 6.174   7.387   -14.084 1.00 12.01 ? 237 ASP A CB  1 
ATOM   1234 C  CG  . ASP A 1 155 ? 6.954   6.090   -14.220 1.00 14.54 ? 237 ASP A CG  1 
ATOM   1235 O  OD1 . ASP A 1 155 ? 7.113   5.574   -15.332 1.00 15.85 ? 237 ASP A OD1 1 
ATOM   1236 O  OD2 . ASP A 1 155 ? 7.353   5.501   -13.180 1.00 16.06 ? 237 ASP A OD2 1 
ATOM   1237 N  N   . ASP A 1 156 ? 3.413   6.606   -12.698 1.00 9.93  ? 238 ASP A N   1 
ATOM   1238 C  CA  . ASP A 1 156 ? 2.504   5.803   -11.861 1.00 8.88  ? 238 ASP A CA  1 
ATOM   1239 C  C   . ASP A 1 156 ? 1.321   5.384   -12.706 1.00 8.76  ? 238 ASP A C   1 
ATOM   1240 O  O   . ASP A 1 156 ? 1.012   4.214   -12.788 1.00 8.70  ? 238 ASP A O   1 
ATOM   1241 C  CB  . ASP A 1 156 ? 2.062   6.537   -10.596 1.00 7.12  ? 238 ASP A CB  1 
ATOM   1242 C  CG  . ASP A 1 156 ? 3.290   6.676   -9.688  1.00 8.74  ? 238 ASP A CG  1 
ATOM   1243 O  OD1 . ASP A 1 156 ? 3.926   5.655   -9.442  1.00 8.21  ? 238 ASP A OD1 1 
ATOM   1244 O  OD2 . ASP A 1 156 ? 3.512   7.802   -9.252  1.00 10.79 ? 238 ASP A OD2 1 
ATOM   1245 N  N   . ILE A 1 157 ? 0.691   6.397   -13.251 1.00 9.67  ? 239 ILE A N   1 
ATOM   1246 C  CA  . ILE A 1 157 ? -0.455  6.277   -14.145 1.00 9.54  ? 239 ILE A CA  1 
ATOM   1247 C  C   . ILE A 1 157 ? -0.193  5.412   -15.356 1.00 9.43  ? 239 ILE A C   1 
ATOM   1248 O  O   . ILE A 1 157 ? -1.088  4.555   -15.626 1.00 8.76  ? 239 ILE A O   1 
ATOM   1249 C  CB  . ILE A 1 157 ? -1.064  7.673   -14.513 1.00 8.58  ? 239 ILE A CB  1 
ATOM   1250 C  CG1 . ILE A 1 157 ? -1.481  8.421   -13.252 1.00 7.42  ? 239 ILE A CG1 1 
ATOM   1251 C  CG2 . ILE A 1 157 ? -2.236  7.594   -15.540 1.00 9.43  ? 239 ILE A CG2 1 
ATOM   1252 C  CD1 . ILE A 1 157 ? -1.972  9.874   -13.486 1.00 10.71 ? 239 ILE A CD1 1 
ATOM   1253 N  N   . ASN A 1 158 ? 0.923   5.666   -16.057 1.00 9.91  ? 240 ASN A N   1 
ATOM   1254 C  CA  . ASN A 1 158 ? 1.162   4.838   -17.265 1.00 11.39 ? 240 ASN A CA  1 
ATOM   1255 C  C   . ASN A 1 158 ? 1.337   3.384   -16.878 1.00 10.99 ? 240 ASN A C   1 
ATOM   1256 O  O   . ASN A 1 158 ? 0.897   2.513   -17.658 1.00 12.04 ? 240 ASN A O   1 
ATOM   1257 C  CB  . ASN A 1 158 ? 2.257   5.332   -18.197 1.00 16.04 ? 240 ASN A CB  1 
ATOM   1258 C  CG  . ASN A 1 158 ? 2.035   6.771   -18.642 1.00 20.19 ? 240 ASN A CG  1 
ATOM   1259 O  OD1 . ASN A 1 158 ? 0.907   7.212   -18.960 1.00 21.71 ? 240 ASN A OD1 1 
ATOM   1260 N  ND2 . ASN A 1 158 ? 3.108   7.570   -18.546 1.00 21.40 ? 240 ASN A ND2 1 
ATOM   1261 N  N   . GLY A 1 159 ? 1.966   3.142   -15.734 1.00 10.04 ? 241 GLY A N   1 
ATOM   1262 C  CA  . GLY A 1 159 ? 2.174   1.777   -15.254 1.00 8.79  ? 241 GLY A CA  1 
ATOM   1263 C  C   . GLY A 1 159 ? 0.880   1.055   -14.923 1.00 9.38  ? 241 GLY A C   1 
ATOM   1264 O  O   . GLY A 1 159 ? 0.703   -0.063  -15.463 1.00 8.21  ? 241 GLY A O   1 
ATOM   1265 N  N   . ILE A 1 160 ? 0.016   1.669   -14.098 1.00 9.38  ? 242 ILE A N   1 
ATOM   1266 C  CA  . ILE A 1 160 ? -1.228  0.948   -13.680 1.00 11.17 ? 242 ILE A CA  1 
ATOM   1267 C  C   . ILE A 1 160 ? -2.203  0.754   -14.822 1.00 13.04 ? 242 ILE A C   1 
ATOM   1268 O  O   . ILE A 1 160 ? -2.953  -0.254  -14.910 1.00 14.05 ? 242 ILE A O   1 
ATOM   1269 C  CB  . ILE A 1 160 ? -1.729  1.642   -12.373 1.00 8.70  ? 242 ILE A CB  1 
ATOM   1270 C  CG1 . ILE A 1 160 ? -2.510  0.682   -11.458 1.00 8.03  ? 242 ILE A CG1 1 
ATOM   1271 C  CG2 . ILE A 1 160 ? -2.610  2.891   -12.670 1.00 6.14  ? 242 ILE A CG2 1 
ATOM   1272 C  CD1 . ILE A 1 160 ? -1.871  -0.681  -11.125 1.00 8.22  ? 242 ILE A CD1 1 
ATOM   1273 N  N   . GLN A 1 161 ? -2.152  1.625   -15.835 1.00 14.23 ? 243 GLN A N   1 
ATOM   1274 C  CA  . GLN A 1 161 ? -2.968  1.545   -17.040 1.00 15.85 ? 243 GLN A CA  1 
ATOM   1275 C  C   . GLN A 1 161 ? -2.468  0.465   -17.996 1.00 16.73 ? 243 GLN A C   1 
ATOM   1276 O  O   . GLN A 1 161 ? -3.294  -0.099  -18.720 1.00 17.93 ? 243 GLN A O   1 
ATOM   1277 C  CB  . GLN A 1 161 ? -3.090  2.837   -17.865 1.00 17.52 ? 243 GLN A CB  1 
ATOM   1278 C  CG  . GLN A 1 161 ? -3.828  3.894   -17.103 1.00 20.58 ? 243 GLN A CG  1 
ATOM   1279 C  CD  . GLN A 1 161 ? -4.257  5.080   -17.889 1.00 23.66 ? 243 GLN A CD  1 
ATOM   1280 O  OE1 . GLN A 1 161 ? -3.651  5.596   -18.829 1.00 24.31 ? 243 GLN A OE1 1 
ATOM   1281 N  NE2 . GLN A 1 161 ? -5.500  5.442   -17.499 1.00 26.66 ? 243 GLN A NE2 1 
ATOM   1282 N  N   . SER A 1 162 ? -1.206  0.159   -17.908 1.00 17.46 ? 244 SER A N   1 
ATOM   1283 C  CA  . SER A 1 162 ? -0.625  -0.880  -18.803 1.00 18.40 ? 244 SER A CA  1 
ATOM   1284 C  C   . SER A 1 162 ? -1.077  -2.237  -18.295 1.00 18.39 ? 244 SER A C   1 
ATOM   1285 O  O   . SER A 1 162 ? -1.107  -3.255  -19.019 1.00 19.43 ? 244 SER A O   1 
ATOM   1286 C  CB  . SER A 1 162 ? 0.842   -0.698  -19.011 1.00 18.63 ? 244 SER A CB  1 
ATOM   1287 O  OG  . SER A 1 162 ? 1.667   -1.056  -17.932 1.00 19.27 ? 244 SER A OG  1 
ATOM   1288 N  N   . LEU A 1 163 ? -1.600  -2.216  -17.071 1.00 16.95 ? 245 LEU A N   1 
ATOM   1289 C  CA  . LEU A 1 163 ? -2.119  -3.453  -16.464 1.00 15.89 ? 245 LEU A CA  1 
ATOM   1290 C  C   . LEU A 1 163 ? -3.640  -3.537  -16.504 1.00 14.58 ? 245 LEU A C   1 
ATOM   1291 O  O   . LEU A 1 163 ? -4.214  -4.602  -16.713 1.00 13.65 ? 245 LEU A O   1 
ATOM   1292 C  CB  . LEU A 1 163 ? -1.615  -3.559  -15.032 1.00 17.95 ? 245 LEU A CB  1 
ATOM   1293 C  CG  . LEU A 1 163 ? -0.175  -3.928  -14.774 1.00 18.86 ? 245 LEU A CG  1 
ATOM   1294 C  CD1 . LEU A 1 163 ? 0.215   -3.554  -13.340 1.00 19.79 ? 245 LEU A CD1 1 
ATOM   1295 C  CD2 . LEU A 1 163 ? -0.138  -5.473  -14.892 1.00 19.82 ? 245 LEU A CD2 1 
ATOM   1296 N  N   . TYR A 1 164 ? -4.272  -2.411  -16.262 1.00 14.96 ? 246 TYR A N   1 
ATOM   1297 C  CA  . TYR A 1 164 ? -5.726  -2.400  -16.130 1.00 15.03 ? 246 TYR A CA  1 
ATOM   1298 C  C   . TYR A 1 164 ? -6.495  -1.618  -17.141 1.00 16.50 ? 246 TYR A C   1 
ATOM   1299 O  O   . TYR A 1 164 ? -7.720  -1.498  -17.016 1.00 17.41 ? 246 TYR A O   1 
ATOM   1300 C  CB  . TYR A 1 164 ? -6.084  -2.163  -14.657 1.00 11.38 ? 246 TYR A CB  1 
ATOM   1301 C  CG  . TYR A 1 164 ? -5.506  -3.098  -13.635 1.00 9.98  ? 246 TYR A CG  1 
ATOM   1302 C  CD1 . TYR A 1 164 ? -5.979  -4.395  -13.430 1.00 10.14 ? 246 TYR A CD1 1 
ATOM   1303 C  CD2 . TYR A 1 164 ? -4.511  -2.630  -12.758 1.00 10.16 ? 246 TYR A CD2 1 
ATOM   1304 C  CE1 . TYR A 1 164 ? -5.459  -5.235  -12.467 1.00 10.56 ? 246 TYR A CE1 1 
ATOM   1305 C  CE2 . TYR A 1 164 ? -3.943  -3.475  -11.826 1.00 11.05 ? 246 TYR A CE2 1 
ATOM   1306 C  CZ  . TYR A 1 164 ? -4.429  -4.753  -11.649 1.00 11.43 ? 246 TYR A CZ  1 
ATOM   1307 O  OH  . TYR A 1 164 ? -3.859  -5.494  -10.663 1.00 11.83 ? 246 TYR A OH  1 
ATOM   1308 N  N   . GLY A 1 165 ? -5.860  -1.035  -18.140 1.00 19.01 ? 247 GLY A N   1 
ATOM   1309 C  CA  . GLY A 1 165 ? -6.582  -0.369  -19.258 1.00 19.96 ? 247 GLY A CA  1 
ATOM   1310 C  C   . GLY A 1 165 ? -7.130  0.992   -18.907 1.00 21.19 ? 247 GLY A C   1 
ATOM   1311 O  O   . GLY A 1 165 ? -7.033  1.343   -17.716 1.00 21.93 ? 247 GLY A O   1 
ATOM   1312 O  OXT . GLY A 1 165 ? -7.658  1.668   -19.825 1.00 21.58 ? 247 GLY A OXT 1 
HETATM 1313 ZN ZN  . ZN  B 2 .   ? 8.069   -0.362  -2.600  1.00 8.62  ? 257 ZN  A ZN  1 
HETATM 1314 ZN ZN  . ZN  C 2 .   ? 4.657   -9.561  6.447   1.00 11.90 ? 258 ZN  A ZN  1 
HETATM 1315 CA CA  . CA  D 3 .   ? 11.346  -1.262  10.713  1.00 14.63 ? 259 CA  A CA  1 
HETATM 1316 CA CA  . CA  E 3 .   ? -4.797  -11.735 -0.146  1.00 6.27  ? 260 CA  A CA  1 
HETATM 1317 CA CA  . CA  F 3 .   ? 4.193   2.106   16.423  1.00 19.15 ? 261 CA  A CA  1 
HETATM 1318 ZN ZN  . ZN  G 2 .   ? -17.027 -10.840 -10.201 0.33 7.67  ? 262 ZN  A ZN  1 
HETATM 1319 C  C1  . IN8 H 4 .   ? 7.201   -5.151  -1.443  1.00 15.58 ? 300 IN8 A C1  1 
HETATM 1320 C  C2  . IN8 H 4 .   ? 8.031   -2.954  -0.893  1.00 13.96 ? 300 IN8 A C2  1 
HETATM 1321 C  C3  . IN8 H 4 .   ? 7.829   -7.096  -2.920  1.00 19.76 ? 300 IN8 A C3  1 
HETATM 1322 C  C7  . IN8 H 4 .   ? 7.255   -9.308  0.288   1.00 24.85 ? 300 IN8 A C7  1 
HETATM 1323 C  C8  . IN8 H 4 .   ? 8.065   -9.349  1.385   1.00 25.42 ? 300 IN8 A C8  1 
HETATM 1324 C  C9  . IN8 H 4 .   ? 9.410   -9.216  1.232   1.00 26.26 ? 300 IN8 A C9  1 
HETATM 1325 C  C10 . IN8 H 4 .   ? 9.952   -9.175  -0.015  1.00 25.90 ? 300 IN8 A C10 1 
HETATM 1326 C  C11 . IN8 H 4 .   ? 9.145   -9.184  -1.108  1.00 25.34 ? 300 IN8 A C11 1 
HETATM 1327 C  C12 . IN8 H 4 .   ? 5.767   -11.031 -3.484  1.00 26.95 ? 300 IN8 A C12 1 
HETATM 1328 C  C13 . IN8 H 4 .   ? 4.756   -12.749 -4.641  1.00 33.13 ? 300 IN8 A C13 1 
HETATM 1329 C  C14 . IN8 H 4 .   ? 5.660   -12.595 -8.782  1.00 37.85 ? 300 IN8 A C14 1 
HETATM 1330 C  C15 . IN8 H 4 .   ? 6.664   -12.684 -7.860  1.00 37.93 ? 300 IN8 A C15 1 
HETATM 1331 C  C16 . IN8 H 4 .   ? 6.376   -12.738 -6.514  1.00 36.53 ? 300 IN8 A C16 1 
HETATM 1332 C  C19 . IN8 H 4 .   ? 4.359   -12.575 -8.342  1.00 37.94 ? 300 IN8 A C19 1 
HETATM 1333 S  S1  . IN8 H 4 .   ? 8.600   -4.204  -1.954  1.00 15.88 ? 300 IN8 A S1  1 
HETATM 1334 N  N1  . IN8 H 4 .   ? 6.451   -4.602  -0.568  1.00 13.61 ? 300 IN8 A N1  1 
HETATM 1335 N  N2  . IN8 H 4 .   ? 6.903   -3.324  -0.275  1.00 13.58 ? 300 IN8 A N2  1 
HETATM 1336 N  N3  . IN8 H 4 .   ? 7.016   -6.463  -2.003  1.00 15.58 ? 300 IN8 A N3  1 
HETATM 1337 S  S2  . IN8 H 4 .   ? 8.757   -1.340  -0.664  1.00 13.11 ? 300 IN8 A S2  1 
HETATM 1338 O  O1  . IN8 H 4 .   ? 8.974   -6.472  -3.399  1.00 20.35 ? 300 IN8 A O1  1 
HETATM 1339 C  C4  . IN8 H 4 .   ? 7.432   -8.509  -3.366  1.00 21.06 ? 300 IN8 A C4  1 
HETATM 1340 C  C5  . IN8 H 4 .   ? 6.872   -9.278  -2.151  1.00 23.00 ? 300 IN8 A C5  1 
HETATM 1341 C  C6  . IN8 H 4 .   ? 7.776   -9.213  -0.973  1.00 24.36 ? 300 IN8 A C6  1 
HETATM 1342 O  O2  . IN8 H 4 .   ? 5.868   -12.371 -3.896  1.00 30.68 ? 300 IN8 A O2  1 
HETATM 1343 O  O3  . IN8 H 4 .   ? 4.902   -10.238 -3.901  1.00 25.17 ? 300 IN8 A O3  1 
HETATM 1344 N  N4  . IN8 H 4 .   ? 6.718   -10.649 -2.604  1.00 24.26 ? 300 IN8 A N4  1 
HETATM 1345 C  C17 . IN8 H 4 .   ? 5.094   -12.671 -6.092  1.00 35.16 ? 300 IN8 A C17 1 
HETATM 1346 C  C18 . IN8 H 4 .   ? 4.086   -12.609 -6.994  1.00 37.02 ? 300 IN8 A C18 1 
HETATM 1347 O  O   . HOH I 5 .   ? -16.929 -9.985  -12.356 0.33 19.12 ? 263 HOH A O   1 
HETATM 1348 O  O   . HOH I 5 .   ? -15.116 -9.029  -12.506 1.00 19.83 ? 264 HOH A O   1 
HETATM 1349 O  O   . HOH I 5 .   ? 5.441   3.912   -11.046 1.00 12.34 ? 301 HOH A O   1 
HETATM 1350 O  O   . HOH I 5 .   ? 6.494   1.067   -11.487 1.00 14.80 ? 302 HOH A O   1 
HETATM 1351 O  O   . HOH I 5 .   ? -5.388  9.854   -7.911  1.00 14.99 ? 303 HOH A O   1 
HETATM 1352 O  O   . HOH I 5 .   ? -3.617  11.386  -7.229  0.80 17.38 ? 304 HOH A O   1 
HETATM 1353 O  O   . HOH I 5 .   ? 10.806  1.990   -0.387  0.80 24.07 ? 305 HOH A O   1 
HETATM 1354 O  O   . HOH I 5 .   ? 8.188   1.653   1.687   1.00 14.50 ? 306 HOH A O   1 
HETATM 1355 O  O   . HOH I 5 .   ? -6.092  -12.454 -2.012  1.00 8.96  ? 307 HOH A O   1 
HETATM 1356 O  O   . HOH I 5 .   ? 2.601   -7.093  -12.197 1.00 13.68 ? 308 HOH A O   1 
HETATM 1357 O  O   . HOH I 5 .   ? -8.541  -13.247 -2.750  1.00 12.34 ? 309 HOH A O   1 
HETATM 1358 O  O   . HOH I 5 .   ? -2.777  -8.739  6.999   1.00 11.66 ? 310 HOH A O   1 
HETATM 1359 O  O   . HOH I 5 .   ? -15.356 -4.812  -3.923  1.00 14.77 ? 311 HOH A O   1 
HETATM 1360 O  O   . HOH I 5 .   ? -12.223 -3.831  8.043   1.00 6.40  ? 312 HOH A O   1 
HETATM 1361 O  O   . HOH I 5 .   ? 3.831   -9.602  15.745  0.80 21.88 ? 313 HOH A O   1 
HETATM 1362 O  O   . HOH I 5 .   ? -5.328  2.915   15.646  1.00 16.43 ? 314 HOH A O   1 
HETATM 1363 O  O   . HOH I 5 .   ? -6.606  -12.727 1.286   1.00 10.10 ? 316 HOH A O   1 
HETATM 1364 O  O   . HOH I 5 .   ? 9.501   -4.857  13.977  1.00 11.90 ? 317 HOH A O   1 
HETATM 1365 O  O   . HOH I 5 .   ? 7.404   -12.533 9.584   1.00 16.39 ? 318 HOH A O   1 
HETATM 1366 O  O   . HOH I 5 .   ? 11.885  -6.809  7.230   0.80 16.05 ? 319 HOH A O   1 
HETATM 1367 O  O   . HOH I 5 .   ? 10.457  -7.013  4.502   0.80 13.60 ? 320 HOH A O   1 
HETATM 1368 O  O   . HOH I 5 .   ? 5.993   3.312   17.809  0.60 23.73 ? 321 HOH A O   1 
HETATM 1369 O  O   . HOH I 5 .   ? -9.758  -7.908  12.692  1.00 12.57 ? 322 HOH A O   1 
HETATM 1370 O  O   . HOH I 5 .   ? 8.931   5.866   12.946  1.00 24.75 ? 323 HOH A O   1 
HETATM 1371 O  O   . HOH I 5 .   ? 13.856  0.075   -11.521 0.80 31.23 ? 324 HOH A O   1 
HETATM 1372 O  O   . HOH I 5 .   ? 14.238  -1.507  -5.679  1.00 13.65 ? 325 HOH A O   1 
HETATM 1373 O  O   . HOH I 5 .   ? -18.440 -12.436 -4.679  0.60 31.56 ? 326 HOH A O   1 
HETATM 1374 O  O   . HOH I 5 .   ? 8.995   9.796   -5.200  1.00 8.42  ? 327 HOH A O   1 
HETATM 1375 O  O   . HOH I 5 .   ? -1.210  -8.576  13.215  1.00 13.94 ? 328 HOH A O   1 
HETATM 1376 O  O   . HOH I 5 .   ? -11.893 -3.792  10.748  1.00 15.96 ? 329 HOH A O   1 
HETATM 1377 O  O   . HOH I 5 .   ? -11.750 -6.325  10.887  1.00 11.26 ? 330 HOH A O   1 
HETATM 1378 O  O   . HOH I 5 .   ? 3.417   0.791   18.431  1.00 19.81 ? 331 HOH A O   1 
HETATM 1379 O  O   . HOH I 5 .   ? 10.223  4.462   15.417  0.80 20.85 ? 332 HOH A O   1 
HETATM 1380 O  O   . HOH I 5 .   ? 8.062   -3.935  -16.366 0.80 18.34 ? 334 HOH A O   1 
HETATM 1381 O  O   . HOH I 5 .   ? 11.268  3.072   -14.656 0.80 16.60 ? 335 HOH A O   1 
HETATM 1382 O  O   . HOH I 5 .   ? 1.536   9.321   15.809  0.80 19.87 ? 336 HOH A O   1 
HETATM 1383 O  O   . HOH I 5 .   ? -1.532  9.660   7.521   0.80 13.33 ? 337 HOH A O   1 
HETATM 1384 O  O   . HOH I 5 .   ? -8.321  3.827   -20.190 0.80 9.22  ? 338 HOH A O   1 
HETATM 1385 O  O   . HOH I 5 .   ? -16.052 -3.480  -10.267 0.80 17.43 ? 339 HOH A O   1 
HETATM 1386 O  O   . HOH I 5 .   ? -19.499 -4.253  4.961   0.80 29.65 ? 340 HOH A O   1 
HETATM 1387 O  O   . HOH I 5 .   ? -18.204 -7.594  6.912   0.40 6.97  ? 342 HOH A O   1 
HETATM 1388 O  O   . HOH I 5 .   ? -13.513 -13.162 10.514  1.00 14.78 ? 343 HOH A O   1 
HETATM 1389 O  O   . HOH I 5 .   ? -9.671  -13.790 8.953   0.80 13.37 ? 344 HOH A O   1 
HETATM 1390 O  O   . HOH I 5 .   ? -4.161  -13.397 3.838   1.00 18.61 ? 345 HOH A O   1 
HETATM 1391 O  O   . HOH I 5 .   ? -1.695  -11.327 5.791   1.00 14.51 ? 346 HOH A O   1 
HETATM 1392 O  O   . HOH I 5 .   ? 6.170   -15.132 3.037   0.60 20.58 ? 347 HOH A O   1 
HETATM 1393 O  O   . HOH I 5 .   ? 13.470  -8.796  14.430  0.60 19.16 ? 348 HOH A O   1 
HETATM 1394 O  O   . HOH I 5 .   ? 9.709   2.513   18.391  0.60 16.51 ? 349 HOH A O   1 
HETATM 1395 O  O   . HOH I 5 .   ? 12.762  1.836   3.062   0.60 21.69 ? 352 HOH A O   1 
HETATM 1396 O  O   . HOH I 5 .   ? 3.269   13.793  -5.601  0.80 29.95 ? 353 HOH A O   1 
HETATM 1397 O  O   . HOH I 5 .   ? -7.834  3.935   -17.576 0.60 12.19 ? 354 HOH A O   1 
HETATM 1398 O  O   . HOH I 5 .   ? -16.515 -7.322  -4.755  0.60 16.75 ? 356 HOH A O   1 
HETATM 1399 O  O   . HOH I 5 .   ? -16.827 -2.940  -5.593  1.00 16.11 ? 357 HOH A O   1 
HETATM 1400 O  O   . HOH I 5 .   ? 3.270   -15.052 -16.021 0.60 15.85 ? 358 HOH A O   1 
HETATM 1401 O  O   . HOH I 5 .   ? -0.961  -6.833  -18.746 0.60 23.70 ? 359 HOH A O   1 
HETATM 1402 O  O   . HOH I 5 .   ? -9.413  5.174   19.107  1.00 8.15  ? 360 HOH A O   1 
HETATM 1403 O  O   . HOH I 5 .   ? -7.357  -12.665 -9.569  1.00 12.48 ? 362 HOH A O   1 
HETATM 1404 O  O   . HOH I 5 .   ? -4.739  -12.942 -9.759  0.80 20.59 ? 363 HOH A O   1 
HETATM 1405 O  O   . HOH I 5 .   ? 0.260   -9.557  9.998   0.80 20.41 ? 364 HOH A O   1 
HETATM 1406 O  O   . HOH I 5 .   ? -6.874  11.580  -11.366 0.40 28.20 ? 366 HOH A O   1 
HETATM 1407 O  O   . HOH I 5 .   ? -17.155 0.501   2.013   0.80 30.12 ? 368 HOH A O   1 
HETATM 1408 O  O   . HOH I 5 .   ? -14.201 -16.063 3.526   0.40 19.95 ? 370 HOH A O   1 
HETATM 1409 O  O   . HOH I 5 .   ? -0.073  -13.694 6.828   1.00 18.48 ? 372 HOH A O   1 
HETATM 1410 O  O   . HOH I 5 .   ? -7.612  -16.797 -2.169  0.80 26.07 ? 375 HOH A O   1 
HETATM 1411 O  O   . HOH I 5 .   ? 6.815   13.196  3.241   0.80 33.63 ? 378 HOH A O   1 
HETATM 1412 O  O   . HOH I 5 .   ? 4.473   13.628  -13.931 0.80 12.75 ? 379 HOH A O   1 
HETATM 1413 O  O   . HOH I 5 .   ? 11.584  -6.096  -3.275  0.60 34.74 ? 380 HOH A O   1 
HETATM 1414 O  O   . HOH I 5 .   ? 10.132  -0.180  3.934   0.80 15.40 ? 381 HOH A O   1 
HETATM 1415 O  O   . HOH I 5 .   ? -8.945  -5.075  -15.988 0.80 21.27 ? 384 HOH A O   1 
HETATM 1416 O  O   . HOH I 5 .   ? -10.207 -13.366 -0.864  0.80 11.88 ? 387 HOH A O   1 
HETATM 1417 O  O   . HOH I 5 .   ? -5.820  -14.322 6.580   0.60 18.27 ? 390 HOH A O   1 
HETATM 1418 O  O   . HOH I 5 .   ? -14.594 -10.674 12.542  0.80 22.71 ? 391 HOH A O   1 
HETATM 1419 O  O   . HOH I 5 .   ? 15.951  -2.089  12.114  0.60 20.12 ? 392 HOH A O   1 
HETATM 1420 O  O   . HOH I 5 .   ? -11.425 6.821   16.427  0.60 19.98 ? 393 HOH A O   1 
HETATM 1421 O  O   . HOH I 5 .   ? -2.690  11.930  6.395   0.80 17.55 ? 396 HOH A O   1 
HETATM 1422 O  O   . HOH I 5 .   ? 7.326   8.905   5.198   1.00 23.64 ? 397 HOH A O   1 
HETATM 1423 O  O   . HOH I 5 .   ? -0.677  13.136  -12.549 0.80 13.44 ? 398 HOH A O   1 
HETATM 1424 O  O   . HOH I 5 .   ? 6.581   6.225   -18.040 0.80 23.37 ? 399 HOH A O   1 
HETATM 1425 O  O   . HOH I 5 .   ? 13.585  2.628   0.285   0.80 20.07 ? 402 HOH A O   1 
HETATM 1426 O  O   . HOH I 5 .   ? 10.710  -6.134  -12.809 0.80 28.95 ? 501 HOH A O   1 
HETATM 1427 O  O   . HOH I 5 .   ? -0.239  -12.259 -15.443 0.80 22.37 ? 502 HOH A O   1 
HETATM 1428 O  O   . HOH I 5 .   ? -3.206  -16.290 -10.171 0.80 19.94 ? 503 HOH A O   1 
HETATM 1429 O  O   . HOH I 5 .   ? -12.301 0.321   13.927  0.80 19.54 ? 504 HOH A O   1 
HETATM 1430 O  O   . HOH I 5 .   ? -12.439 2.975   -1.079  0.80 29.77 ? 505 HOH A O   1 
# 
